data_2DNK
#
_entry.id   2DNK
#
_entity_poly.entity_id   1
_entity_poly.type   'polypeptide(L)'
_entity_poly.pdbx_seq_one_letter_code
;GSSGSSGCLRQPPSHRKLFVGMLNKQQSEDDVRRLFEAFGNIEECTILRGPDGNSKGCAFVKYSSHAEAQAAINALHGSQ
TMPGASSSLVVKFADTDKESGPSSG
;
_entity_poly.pdbx_strand_id   A
#
# COMPACT_ATOMS: atom_id res chain seq x y z
N GLY A 1 6.25 22.44 -24.35
CA GLY A 1 6.81 23.39 -23.40
C GLY A 1 7.30 22.72 -22.13
N SER A 2 7.43 23.50 -21.07
CA SER A 2 7.90 22.97 -19.79
C SER A 2 9.11 22.06 -19.99
N SER A 3 10.08 22.53 -20.77
CA SER A 3 11.28 21.76 -21.05
C SER A 3 12.48 22.33 -20.31
N GLY A 4 13.18 21.48 -19.57
CA GLY A 4 14.35 21.92 -18.83
C GLY A 4 14.02 22.21 -17.38
N SER A 5 14.32 21.26 -16.50
CA SER A 5 14.06 21.41 -15.08
C SER A 5 15.22 22.12 -14.38
N SER A 6 16.44 21.69 -14.71
CA SER A 6 17.64 22.28 -14.11
C SER A 6 17.47 22.43 -12.60
N GLY A 7 16.80 21.46 -11.98
CA GLY A 7 16.59 21.52 -10.55
C GLY A 7 16.39 20.13 -9.94
N CYS A 8 17.49 19.54 -9.48
CA CYS A 8 17.45 18.21 -8.89
C CYS A 8 17.66 18.29 -7.37
N LEU A 9 16.59 18.06 -6.62
CA LEU A 9 16.67 18.10 -5.15
C LEU A 9 15.60 17.20 -4.53
N ARG A 10 15.91 16.66 -3.36
CA ARG A 10 14.98 15.79 -2.65
C ARG A 10 14.22 14.90 -3.64
N GLN A 11 14.90 14.48 -4.70
CA GLN A 11 14.29 13.63 -5.71
C GLN A 11 13.56 12.46 -5.07
N PRO A 12 12.42 12.06 -5.66
CA PRO A 12 11.61 10.95 -5.16
C PRO A 12 12.45 9.73 -4.83
N PRO A 13 11.91 8.86 -3.97
CA PRO A 13 12.59 7.63 -3.55
C PRO A 13 12.52 6.53 -4.60
N SER A 14 13.00 5.35 -4.25
CA SER A 14 13.00 4.22 -5.18
C SER A 14 12.30 3.01 -4.55
N HIS A 15 11.02 2.85 -4.88
CA HIS A 15 10.24 1.74 -4.35
C HIS A 15 8.88 1.67 -5.03
N ARG A 16 8.53 0.49 -5.52
CA ARG A 16 7.25 0.28 -6.20
C ARG A 16 6.34 -0.63 -5.39
N LYS A 17 6.33 -0.42 -4.07
CA LYS A 17 5.49 -1.21 -3.18
C LYS A 17 4.64 -0.32 -2.28
N LEU A 18 3.54 -0.87 -1.79
CA LEU A 18 2.64 -0.12 -0.91
C LEU A 18 2.07 -1.02 0.18
N PHE A 19 2.22 -0.60 1.44
CA PHE A 19 1.72 -1.37 2.57
C PHE A 19 0.30 -0.95 2.92
N VAL A 20 -0.64 -1.87 2.79
CA VAL A 20 -2.04 -1.60 3.10
C VAL A 20 -2.48 -2.34 4.35
N GLY A 21 -3.18 -1.64 5.23
CA GLY A 21 -3.66 -2.26 6.46
C GLY A 21 -5.10 -1.91 6.77
N MET A 22 -5.47 -1.99 8.04
CA MET A 22 -6.83 -1.68 8.46
C MET A 22 -7.85 -2.32 7.52
N LEU A 23 -7.53 -3.51 7.03
CA LEU A 23 -8.42 -4.24 6.13
C LEU A 23 -9.32 -5.20 6.90
N ASN A 24 -10.33 -5.73 6.23
CA ASN A 24 -11.25 -6.67 6.85
C ASN A 24 -10.93 -8.10 6.44
N LYS A 25 -11.31 -9.05 7.29
CA LYS A 25 -11.07 -10.46 7.03
C LYS A 25 -12.15 -11.04 6.13
N GLN A 26 -12.55 -10.28 5.12
CA GLN A 26 -13.58 -10.72 4.19
C GLN A 26 -13.10 -10.60 2.75
N GLN A 27 -12.57 -9.43 2.42
CA GLN A 27 -12.07 -9.17 1.07
C GLN A 27 -11.04 -10.23 0.66
N SER A 28 -10.78 -10.30 -0.64
CA SER A 28 -9.82 -11.27 -1.17
C SER A 28 -8.83 -10.59 -2.12
N GLU A 29 -7.75 -11.29 -2.43
CA GLU A 29 -6.72 -10.77 -3.32
C GLU A 29 -7.35 -10.12 -4.55
N ASP A 30 -8.34 -10.79 -5.12
CA ASP A 30 -9.03 -10.28 -6.30
C ASP A 30 -9.64 -8.91 -6.03
N ASP A 31 -10.56 -8.86 -5.08
CA ASP A 31 -11.23 -7.60 -4.72
C ASP A 31 -10.23 -6.47 -4.67
N VAL A 32 -9.14 -6.66 -3.92
CA VAL A 32 -8.11 -5.64 -3.79
C VAL A 32 -7.38 -5.42 -5.12
N ARG A 33 -7.33 -6.46 -5.94
CA ARG A 33 -6.67 -6.38 -7.23
C ARG A 33 -7.34 -5.35 -8.12
N ARG A 34 -8.59 -5.60 -8.47
CA ARG A 34 -9.35 -4.70 -9.32
C ARG A 34 -9.46 -3.32 -8.68
N LEU A 35 -9.95 -3.28 -7.45
CA LEU A 35 -10.12 -2.02 -6.73
C LEU A 35 -8.91 -1.12 -6.94
N PHE A 36 -7.77 -1.55 -6.41
CA PHE A 36 -6.53 -0.78 -6.53
C PHE A 36 -6.25 -0.43 -8.00
N GLU A 37 -5.86 -1.45 -8.76
CA GLU A 37 -5.54 -1.25 -10.18
C GLU A 37 -6.57 -0.32 -10.83
N ALA A 38 -7.79 -0.34 -10.32
CA ALA A 38 -8.86 0.51 -10.85
C ALA A 38 -8.32 1.90 -11.19
N PHE A 39 -7.31 2.35 -10.45
CA PHE A 39 -6.72 3.66 -10.68
C PHE A 39 -5.37 3.53 -11.37
N GLY A 40 -4.36 3.10 -10.62
CA GLY A 40 -3.03 2.94 -11.17
C GLY A 40 -2.65 1.50 -11.39
N ASN A 41 -2.03 1.22 -12.53
CA ASN A 41 -1.63 -0.15 -12.86
C ASN A 41 -0.89 -0.80 -11.69
N ILE A 42 -0.95 -2.12 -11.62
CA ILE A 42 -0.31 -2.87 -10.55
C ILE A 42 0.70 -3.87 -11.11
N GLU A 43 1.86 -3.96 -10.46
CA GLU A 43 2.91 -4.87 -10.89
C GLU A 43 2.73 -6.25 -10.26
N GLU A 44 2.52 -6.27 -8.96
CA GLU A 44 2.33 -7.53 -8.24
C GLU A 44 1.45 -7.31 -7.00
N CYS A 45 0.87 -8.41 -6.51
CA CYS A 45 0.01 -8.34 -5.33
C CYS A 45 0.14 -9.61 -4.48
N THR A 46 0.25 -9.42 -3.17
CA THR A 46 0.40 -10.54 -2.25
C THR A 46 -0.28 -10.25 -0.91
N ILE A 47 -1.38 -10.95 -0.64
CA ILE A 47 -2.12 -10.76 0.60
C ILE A 47 -1.35 -11.33 1.78
N LEU A 48 -1.36 -10.61 2.89
CA LEU A 48 -0.66 -11.05 4.10
C LEU A 48 -1.59 -11.88 4.99
N ARG A 49 -1.08 -13.03 5.45
CA ARG A 49 -1.86 -13.92 6.30
C ARG A 49 -1.01 -14.43 7.47
N GLY A 50 -1.28 -13.91 8.66
CA GLY A 50 -0.53 -14.33 9.83
C GLY A 50 -0.52 -15.83 10.01
N PRO A 51 0.45 -16.33 10.79
CA PRO A 51 0.60 -17.77 11.05
C PRO A 51 -0.74 -18.43 11.38
N ASP A 52 -1.58 -17.74 12.13
CA ASP A 52 -2.89 -18.27 12.51
C ASP A 52 -3.64 -18.77 11.29
N GLY A 53 -3.56 -18.01 10.19
CA GLY A 53 -4.24 -18.40 8.97
C GLY A 53 -5.23 -17.34 8.50
N ASN A 54 -5.94 -16.74 9.44
CA ASN A 54 -6.92 -15.71 9.11
C ASN A 54 -6.23 -14.40 8.75
N SER A 55 -6.55 -13.88 7.57
CA SER A 55 -5.95 -12.63 7.11
C SER A 55 -5.74 -11.66 8.27
N LYS A 56 -4.60 -10.99 8.28
CA LYS A 56 -4.27 -10.03 9.33
C LYS A 56 -4.69 -8.62 8.93
N GLY A 57 -5.54 -8.53 7.92
CA GLY A 57 -6.01 -7.23 7.45
C GLY A 57 -4.90 -6.41 6.86
N CYS A 58 -4.06 -7.03 6.04
CA CYS A 58 -2.95 -6.35 5.39
C CYS A 58 -2.55 -7.05 4.10
N ALA A 59 -1.94 -6.30 3.19
CA ALA A 59 -1.50 -6.85 1.91
C ALA A 59 -0.47 -5.95 1.24
N PHE A 60 0.36 -6.53 0.38
CA PHE A 60 1.39 -5.78 -0.33
C PHE A 60 1.03 -5.60 -1.80
N VAL A 61 0.88 -4.34 -2.22
CA VAL A 61 0.54 -4.04 -3.60
C VAL A 61 1.60 -3.15 -4.25
N LYS A 62 1.93 -3.44 -5.49
CA LYS A 62 2.92 -2.66 -6.22
C LYS A 62 2.29 -1.92 -7.40
N TYR A 63 2.96 -0.89 -7.88
CA TYR A 63 2.46 -0.09 -8.99
C TYR A 63 3.54 0.09 -10.06
N SER A 64 3.15 0.68 -11.18
CA SER A 64 4.08 0.92 -12.28
C SER A 64 5.04 2.06 -11.95
N SER A 65 4.49 3.14 -11.41
CA SER A 65 5.29 4.30 -11.05
C SER A 65 4.78 4.94 -9.76
N HIS A 66 5.44 6.01 -9.33
CA HIS A 66 5.04 6.71 -8.11
C HIS A 66 3.69 7.38 -8.28
N ALA A 67 3.61 8.31 -9.23
CA ALA A 67 2.37 9.04 -9.50
C ALA A 67 1.16 8.13 -9.28
N GLU A 68 1.07 7.07 -10.08
CA GLU A 68 -0.05 6.14 -9.97
C GLU A 68 -0.27 5.71 -8.52
N ALA A 69 0.82 5.35 -7.84
CA ALA A 69 0.75 4.93 -6.46
C ALA A 69 -0.01 5.95 -5.61
N GLN A 70 0.46 7.18 -5.61
CA GLN A 70 -0.18 8.25 -4.84
C GLN A 70 -1.66 8.34 -5.16
N ALA A 71 -1.99 8.29 -6.45
CA ALA A 71 -3.38 8.36 -6.89
C ALA A 71 -4.26 7.39 -6.11
N ALA A 72 -3.85 6.12 -6.10
CA ALA A 72 -4.60 5.09 -5.38
C ALA A 72 -4.60 5.36 -3.88
N ILE A 73 -3.47 5.80 -3.35
CA ILE A 73 -3.35 6.10 -1.93
C ILE A 73 -4.40 7.10 -1.49
N ASN A 74 -4.29 8.33 -2.00
CA ASN A 74 -5.23 9.39 -1.66
C ASN A 74 -6.66 9.00 -2.06
N ALA A 75 -6.78 8.33 -3.20
CA ALA A 75 -8.09 7.90 -3.68
C ALA A 75 -8.67 6.80 -2.80
N LEU A 76 -7.80 6.11 -2.06
CA LEU A 76 -8.23 5.04 -1.17
C LEU A 76 -7.97 5.41 0.29
N HIS A 77 -6.71 5.37 0.70
CA HIS A 77 -6.35 5.70 2.07
C HIS A 77 -6.93 7.05 2.48
N GLY A 78 -7.64 7.07 3.59
CA GLY A 78 -8.24 8.31 4.07
C GLY A 78 -9.58 8.60 3.41
N SER A 79 -9.94 7.78 2.42
CA SER A 79 -11.20 7.95 1.70
C SER A 79 -12.32 7.19 2.39
N GLN A 80 -12.31 5.87 2.24
CA GLN A 80 -13.33 5.02 2.86
C GLN A 80 -12.83 4.41 4.15
N THR A 81 -13.67 3.58 4.76
CA THR A 81 -13.30 2.92 6.01
C THR A 81 -13.68 1.44 5.99
N MET A 82 -12.68 0.59 5.77
CA MET A 82 -12.90 -0.85 5.72
C MET A 82 -13.91 -1.28 6.79
N PRO A 83 -14.84 -2.18 6.40
CA PRO A 83 -15.86 -2.69 7.31
C PRO A 83 -15.29 -3.15 8.64
N GLY A 84 -15.82 -2.60 9.73
CA GLY A 84 -15.35 -2.97 11.05
C GLY A 84 -14.45 -1.91 11.66
N ALA A 85 -13.49 -1.43 10.88
CA ALA A 85 -12.56 -0.41 11.35
C ALA A 85 -13.23 0.96 11.39
N SER A 86 -12.84 1.78 12.36
CA SER A 86 -13.41 3.11 12.52
C SER A 86 -12.55 4.15 11.79
N SER A 87 -11.33 3.77 11.46
CA SER A 87 -10.41 4.66 10.78
C SER A 87 -10.37 4.36 9.28
N SER A 88 -10.30 5.40 8.46
CA SER A 88 -10.26 5.25 7.02
C SER A 88 -9.12 4.32 6.60
N LEU A 89 -9.26 3.70 5.43
CA LEU A 89 -8.25 2.79 4.92
C LEU A 89 -6.85 3.37 5.11
N VAL A 90 -5.88 2.48 5.32
CA VAL A 90 -4.50 2.90 5.52
C VAL A 90 -3.58 2.34 4.43
N VAL A 91 -3.06 3.24 3.60
CA VAL A 91 -2.17 2.84 2.51
C VAL A 91 -0.96 3.77 2.42
N LYS A 92 0.21 3.23 2.77
CA LYS A 92 1.44 4.02 2.71
C LYS A 92 2.54 3.25 1.97
N PHE A 93 3.57 3.97 1.55
CA PHE A 93 4.68 3.37 0.83
C PHE A 93 5.40 2.34 1.70
N ALA A 94 5.36 1.09 1.28
CA ALA A 94 6.01 0.01 2.01
C ALA A 94 7.52 0.16 1.99
N ASP A 95 8.15 0.00 3.15
CA ASP A 95 9.60 0.13 3.27
C ASP A 95 10.28 -1.21 3.01
N THR A 96 11.58 -1.17 2.74
CA THR A 96 12.35 -2.38 2.47
C THR A 96 13.45 -2.57 3.51
N ASP A 97 14.16 -1.49 3.82
CA ASP A 97 15.24 -1.53 4.79
C ASP A 97 14.78 -1.00 6.15
N LYS A 98 14.22 -1.88 6.97
CA LYS A 98 13.74 -1.49 8.29
C LYS A 98 14.76 -1.85 9.37
N GLU A 99 15.08 -3.13 9.47
CA GLU A 99 16.05 -3.60 10.46
C GLU A 99 17.43 -3.01 10.18
N SER A 100 17.91 -3.17 8.96
CA SER A 100 19.22 -2.67 8.58
C SER A 100 19.30 -1.16 8.77
N GLY A 101 20.50 -0.61 8.66
CA GLY A 101 20.68 0.82 8.82
C GLY A 101 22.15 1.19 9.02
N PRO A 102 22.45 2.50 8.90
CA PRO A 102 23.80 3.01 9.05
C PRO A 102 24.22 3.10 10.52
N SER A 103 23.39 2.57 11.40
CA SER A 103 23.68 2.59 12.83
C SER A 103 25.17 2.43 13.09
N SER A 104 25.70 3.26 13.99
CA SER A 104 27.11 3.22 14.32
C SER A 104 27.47 1.91 15.01
N GLY A 105 27.85 0.91 14.21
CA GLY A 105 28.20 -0.38 14.77
C GLY A 105 29.67 -0.70 14.57
N GLY A 1 -3.55 22.12 -14.50
CA GLY A 1 -2.20 22.53 -14.15
C GLY A 1 -1.63 23.55 -15.12
N SER A 2 -0.36 23.39 -15.48
CA SER A 2 0.29 24.31 -16.39
C SER A 2 -0.21 25.73 -16.18
N SER A 3 -0.35 26.13 -14.92
CA SER A 3 -0.83 27.46 -14.58
C SER A 3 0.32 28.48 -14.62
N GLY A 4 1.32 28.26 -13.78
CA GLY A 4 2.46 29.16 -13.74
C GLY A 4 3.12 29.21 -12.38
N SER A 5 4.00 28.23 -12.12
CA SER A 5 4.69 28.17 -10.84
C SER A 5 5.89 27.22 -10.92
N SER A 6 6.92 27.51 -10.14
CA SER A 6 8.12 26.70 -10.13
C SER A 6 7.78 25.21 -10.14
N GLY A 7 6.97 24.79 -9.18
CA GLY A 7 6.57 23.39 -9.10
C GLY A 7 7.15 22.69 -7.89
N CYS A 8 7.57 21.44 -8.08
CA CYS A 8 8.15 20.65 -7.00
C CYS A 8 9.64 20.46 -7.21
N LEU A 9 10.44 20.90 -6.24
CA LEU A 9 11.90 20.78 -6.32
C LEU A 9 12.38 19.57 -5.54
N ARG A 10 11.85 19.40 -4.33
CA ARG A 10 12.23 18.28 -3.48
C ARG A 10 12.31 16.99 -4.29
N GLN A 11 13.11 16.04 -3.80
CA GLN A 11 13.27 14.75 -4.48
C GLN A 11 12.63 13.63 -3.67
N PRO A 12 11.39 13.26 -4.04
CA PRO A 12 10.65 12.20 -3.36
C PRO A 12 11.14 10.82 -3.73
N PRO A 13 10.96 9.85 -2.82
CA PRO A 13 11.38 8.47 -3.04
C PRO A 13 10.45 7.71 -3.97
N SER A 14 10.88 6.53 -4.40
CA SER A 14 10.08 5.70 -5.31
C SER A 14 9.86 4.31 -4.73
N HIS A 15 8.73 4.12 -4.06
CA HIS A 15 8.40 2.84 -3.45
C HIS A 15 7.47 2.04 -4.36
N ARG A 16 8.02 1.06 -5.06
CA ARG A 16 7.23 0.22 -5.96
C ARG A 16 6.16 -0.55 -5.20
N LYS A 17 6.50 -0.96 -3.98
CA LYS A 17 5.57 -1.70 -3.14
C LYS A 17 4.81 -0.77 -2.21
N LEU A 18 3.56 -1.14 -1.88
CA LEU A 18 2.74 -0.33 -1.00
C LEU A 18 2.16 -1.17 0.13
N PHE A 19 2.20 -0.63 1.34
CA PHE A 19 1.68 -1.34 2.51
C PHE A 19 0.24 -0.93 2.79
N VAL A 20 -0.62 -1.93 3.00
CA VAL A 20 -2.03 -1.68 3.27
C VAL A 20 -2.45 -2.33 4.59
N GLY A 21 -3.09 -1.55 5.45
CA GLY A 21 -3.54 -2.07 6.73
C GLY A 21 -5.02 -1.84 6.97
N MET A 22 -5.43 -1.87 8.22
CA MET A 22 -6.83 -1.67 8.58
C MET A 22 -7.75 -2.45 7.63
N LEU A 23 -7.26 -3.57 7.13
CA LEU A 23 -8.04 -4.41 6.22
C LEU A 23 -8.87 -5.43 6.99
N ASN A 24 -9.94 -5.90 6.36
CA ASN A 24 -10.82 -6.88 6.98
C ASN A 24 -10.53 -8.29 6.46
N LYS A 25 -10.97 -9.29 7.22
CA LYS A 25 -10.74 -10.68 6.84
C LYS A 25 -11.83 -11.15 5.87
N GLN A 26 -12.24 -10.26 4.98
CA GLN A 26 -13.27 -10.59 3.99
C GLN A 26 -12.76 -10.36 2.58
N GLN A 27 -12.12 -9.22 2.36
CA GLN A 27 -11.59 -8.87 1.04
C GLN A 27 -10.63 -9.96 0.55
N SER A 28 -10.55 -10.11 -0.78
CA SER A 28 -9.68 -11.11 -1.37
C SER A 28 -8.74 -10.48 -2.40
N GLU A 29 -7.72 -11.23 -2.80
CA GLU A 29 -6.75 -10.74 -3.78
C GLU A 29 -7.45 -10.03 -4.94
N ASP A 30 -8.49 -10.68 -5.47
CA ASP A 30 -9.25 -10.13 -6.58
C ASP A 30 -9.83 -8.75 -6.21
N ASP A 31 -10.61 -8.73 -5.14
CA ASP A 31 -11.23 -7.49 -4.68
C ASP A 31 -10.23 -6.33 -4.72
N VAL A 32 -9.11 -6.50 -4.03
CA VAL A 32 -8.07 -5.47 -3.99
C VAL A 32 -7.51 -5.21 -5.37
N ARG A 33 -7.16 -6.28 -6.08
CA ARG A 33 -6.61 -6.16 -7.43
C ARG A 33 -7.34 -5.09 -8.22
N ARG A 34 -8.59 -5.37 -8.55
CA ARG A 34 -9.42 -4.43 -9.32
C ARG A 34 -9.52 -3.09 -8.59
N LEU A 35 -9.95 -3.14 -7.33
CA LEU A 35 -10.10 -1.93 -6.53
C LEU A 35 -8.93 -0.97 -6.77
N PHE A 36 -7.74 -1.38 -6.35
CA PHE A 36 -6.55 -0.56 -6.51
C PHE A 36 -6.34 -0.20 -7.98
N GLU A 37 -5.92 -1.17 -8.77
CA GLU A 37 -5.68 -0.95 -10.19
C GLU A 37 -6.75 -0.03 -10.79
N ALA A 38 -7.93 -0.05 -10.19
CA ALA A 38 -9.04 0.78 -10.66
C ALA A 38 -8.55 2.16 -11.05
N PHE A 39 -7.44 2.59 -10.46
CA PHE A 39 -6.87 3.90 -10.74
C PHE A 39 -5.62 3.78 -11.60
N GLY A 40 -4.55 3.27 -10.99
CA GLY A 40 -3.29 3.10 -11.72
C GLY A 40 -3.05 1.67 -12.14
N ASN A 41 -1.81 1.36 -12.50
CA ASN A 41 -1.46 0.02 -12.93
C ASN A 41 -0.86 -0.79 -11.78
N ILE A 42 -0.86 -2.11 -11.93
CA ILE A 42 -0.33 -2.99 -10.91
C ILE A 42 0.69 -3.97 -11.49
N GLU A 43 1.64 -4.39 -10.67
CA GLU A 43 2.66 -5.33 -11.11
C GLU A 43 2.56 -6.64 -10.35
N GLU A 44 2.33 -6.56 -9.05
CA GLU A 44 2.21 -7.75 -8.20
C GLU A 44 1.39 -7.44 -6.97
N CYS A 45 0.69 -8.46 -6.46
CA CYS A 45 -0.15 -8.30 -5.28
C CYS A 45 0.00 -9.50 -4.35
N THR A 46 -0.03 -9.25 -3.04
CA THR A 46 0.10 -10.32 -2.06
C THR A 46 -0.66 -9.97 -0.78
N ILE A 47 -1.15 -11.00 -0.10
CA ILE A 47 -1.90 -10.80 1.15
C ILE A 47 -1.17 -11.42 2.32
N LEU A 48 -0.94 -10.61 3.36
CA LEU A 48 -0.25 -11.07 4.55
C LEU A 48 -1.14 -12.00 5.37
N ARG A 49 -0.54 -13.06 5.91
CA ARG A 49 -1.27 -14.03 6.71
C ARG A 49 -0.39 -14.60 7.83
N GLY A 50 -0.87 -14.50 9.06
CA GLY A 50 -0.12 -15.01 10.19
C GLY A 50 0.19 -16.49 10.08
N PRO A 51 0.64 -17.09 11.18
CA PRO A 51 0.98 -18.51 11.22
C PRO A 51 -0.26 -19.41 11.29
N ASP A 52 -1.18 -19.06 12.18
CA ASP A 52 -2.41 -19.83 12.36
C ASP A 52 -3.03 -20.16 11.01
N GLY A 53 -3.05 -19.17 10.11
CA GLY A 53 -3.62 -19.37 8.80
C GLY A 53 -4.77 -18.42 8.51
N ASN A 54 -4.61 -17.16 8.89
CA ASN A 54 -5.63 -16.15 8.68
C ASN A 54 -5.02 -14.81 8.29
N SER A 55 -5.82 -13.96 7.65
CA SER A 55 -5.35 -12.65 7.23
C SER A 55 -5.25 -11.70 8.41
N LYS A 56 -4.07 -11.09 8.58
CA LYS A 56 -3.84 -10.16 9.68
C LYS A 56 -4.32 -8.75 9.31
N GLY A 57 -5.28 -8.68 8.40
CA GLY A 57 -5.80 -7.40 7.97
C GLY A 57 -4.75 -6.53 7.33
N CYS A 58 -3.79 -7.16 6.66
CA CYS A 58 -2.71 -6.44 5.99
C CYS A 58 -2.32 -7.12 4.68
N ALA A 59 -1.84 -6.33 3.73
CA ALA A 59 -1.44 -6.86 2.43
C ALA A 59 -0.42 -5.94 1.76
N PHE A 60 0.15 -6.41 0.65
CA PHE A 60 1.15 -5.64 -0.08
C PHE A 60 0.77 -5.53 -1.56
N VAL A 61 0.80 -4.31 -2.08
CA VAL A 61 0.47 -4.07 -3.48
C VAL A 61 1.56 -3.27 -4.18
N LYS A 62 1.96 -3.73 -5.36
CA LYS A 62 3.00 -3.06 -6.14
C LYS A 62 2.40 -2.29 -7.30
N TYR A 63 3.05 -1.20 -7.69
CA TYR A 63 2.58 -0.37 -8.79
C TYR A 63 3.65 -0.24 -9.87
N SER A 64 3.29 0.41 -10.97
CA SER A 64 4.21 0.60 -12.08
C SER A 64 5.08 1.84 -11.87
N SER A 65 4.49 2.86 -11.26
CA SER A 65 5.20 4.11 -11.00
C SER A 65 4.71 4.76 -9.71
N HIS A 66 5.28 5.90 -9.37
CA HIS A 66 4.91 6.62 -8.15
C HIS A 66 3.54 7.28 -8.31
N ALA A 67 3.46 8.23 -9.24
CA ALA A 67 2.21 8.94 -9.49
C ALA A 67 1.01 8.02 -9.31
N GLU A 68 0.95 6.97 -10.11
CA GLU A 68 -0.15 6.01 -10.03
C GLU A 68 -0.40 5.58 -8.59
N ALA A 69 0.68 5.30 -7.87
CA ALA A 69 0.58 4.88 -6.48
C ALA A 69 -0.08 5.94 -5.62
N GLN A 70 0.47 7.16 -5.64
CA GLN A 70 -0.07 8.26 -4.87
C GLN A 70 -1.57 8.42 -5.13
N ALA A 71 -1.96 8.37 -6.39
CA ALA A 71 -3.36 8.50 -6.77
C ALA A 71 -4.22 7.48 -6.04
N ALA A 72 -3.80 6.22 -6.08
CA ALA A 72 -4.53 5.15 -5.42
C ALA A 72 -4.56 5.36 -3.90
N ILE A 73 -3.56 6.05 -3.39
CA ILE A 73 -3.47 6.31 -1.96
C ILE A 73 -4.53 7.31 -1.52
N ASN A 74 -4.43 8.53 -2.03
CA ASN A 74 -5.38 9.59 -1.69
C ASN A 74 -6.81 9.17 -2.05
N ALA A 75 -6.95 8.50 -3.19
CA ALA A 75 -8.25 8.04 -3.65
C ALA A 75 -8.81 6.96 -2.74
N LEU A 76 -7.92 6.12 -2.20
CA LEU A 76 -8.33 5.05 -1.31
C LEU A 76 -8.04 5.41 0.14
N HIS A 77 -6.76 5.36 0.51
CA HIS A 77 -6.35 5.67 1.88
C HIS A 77 -6.96 7.00 2.32
N GLY A 78 -7.50 7.01 3.54
CA GLY A 78 -8.11 8.22 4.07
C GLY A 78 -9.40 8.58 3.36
N SER A 79 -9.78 7.76 2.39
CA SER A 79 -11.00 7.99 1.63
C SER A 79 -12.18 7.23 2.24
N GLN A 80 -12.15 5.91 2.08
CA GLN A 80 -13.21 5.06 2.61
C GLN A 80 -12.79 4.42 3.93
N THR A 81 -13.66 3.60 4.50
CA THR A 81 -13.38 2.92 5.76
C THR A 81 -13.82 1.46 5.71
N MET A 82 -12.84 0.56 5.69
CA MET A 82 -13.13 -0.87 5.65
C MET A 82 -14.33 -1.22 6.53
N PRO A 83 -14.95 -2.38 6.26
CA PRO A 83 -16.12 -2.84 7.02
C PRO A 83 -15.74 -3.33 8.42
N GLY A 84 -16.01 -2.50 9.42
CA GLY A 84 -15.70 -2.86 10.79
C GLY A 84 -14.79 -1.85 11.46
N ALA A 85 -13.69 -1.50 10.79
CA ALA A 85 -12.73 -0.54 11.32
C ALA A 85 -13.35 0.84 11.45
N SER A 86 -12.87 1.61 12.42
CA SER A 86 -13.39 2.96 12.65
C SER A 86 -12.52 4.00 11.94
N SER A 87 -11.31 3.60 11.57
CA SER A 87 -10.39 4.49 10.89
C SER A 87 -10.39 4.24 9.38
N SER A 88 -10.21 5.31 8.61
CA SER A 88 -10.20 5.20 7.16
C SER A 88 -9.07 4.30 6.68
N LEU A 89 -9.25 3.67 5.52
CA LEU A 89 -8.24 2.78 4.95
C LEU A 89 -6.84 3.33 5.19
N VAL A 90 -5.86 2.43 5.26
CA VAL A 90 -4.48 2.81 5.48
C VAL A 90 -3.57 2.27 4.38
N VAL A 91 -3.16 3.14 3.47
CA VAL A 91 -2.29 2.75 2.36
C VAL A 91 -1.07 3.66 2.28
N LYS A 92 0.07 3.16 2.75
CA LYS A 92 1.31 3.92 2.72
C LYS A 92 2.38 3.20 1.91
N PHE A 93 3.46 3.91 1.60
CA PHE A 93 4.56 3.34 0.82
C PHE A 93 5.34 2.33 1.67
N ALA A 94 5.80 1.26 1.02
CA ALA A 94 6.56 0.23 1.70
C ALA A 94 8.06 0.55 1.69
N ASP A 95 8.60 0.84 2.88
CA ASP A 95 10.02 1.17 3.00
C ASP A 95 10.87 -0.09 3.06
N THR A 96 10.59 -1.03 2.15
CA THR A 96 11.32 -2.29 2.10
C THR A 96 11.69 -2.77 3.50
N ASP A 97 10.83 -2.48 4.47
CA ASP A 97 11.06 -2.89 5.84
C ASP A 97 10.07 -3.98 6.27
N LYS A 98 9.85 -4.94 5.38
CA LYS A 98 8.94 -6.04 5.65
C LYS A 98 9.16 -6.58 7.06
N GLU A 99 10.39 -6.95 7.36
CA GLU A 99 10.74 -7.49 8.67
C GLU A 99 10.96 -6.37 9.68
N SER A 100 10.91 -6.71 10.96
CA SER A 100 11.10 -5.73 12.02
C SER A 100 12.40 -5.98 12.76
N GLY A 101 12.51 -7.15 13.41
CA GLY A 101 13.71 -7.48 14.14
C GLY A 101 14.03 -8.97 14.08
N PRO A 102 15.26 -9.33 14.46
CA PRO A 102 15.71 -10.73 14.46
C PRO A 102 15.18 -11.51 15.65
N SER A 103 14.78 -12.76 15.40
CA SER A 103 14.25 -13.61 16.46
C SER A 103 15.30 -13.87 17.53
N SER A 104 16.45 -14.39 17.10
CA SER A 104 17.54 -14.69 18.02
C SER A 104 18.52 -13.52 18.13
N GLY A 105 18.92 -13.21 19.36
CA GLY A 105 19.84 -12.10 19.56
C GLY A 105 19.76 -11.54 20.97
N GLY A 1 -6.86 24.17 2.83
CA GLY A 1 -5.99 24.41 1.69
C GLY A 1 -6.74 25.03 0.52
N SER A 2 -6.40 26.27 0.19
CA SER A 2 -7.05 26.98 -0.90
C SER A 2 -6.19 26.92 -2.16
N SER A 3 -4.99 27.48 -2.08
CA SER A 3 -4.07 27.50 -3.23
C SER A 3 -3.53 26.10 -3.50
N GLY A 4 -3.02 25.45 -2.44
CA GLY A 4 -2.48 24.12 -2.59
C GLY A 4 -0.99 24.14 -2.94
N SER A 5 -0.16 24.48 -1.97
CA SER A 5 1.28 24.54 -2.19
C SER A 5 1.82 23.17 -2.59
N SER A 6 2.24 23.05 -3.85
CA SER A 6 2.77 21.80 -4.36
C SER A 6 4.06 22.04 -5.14
N GLY A 7 4.98 21.07 -5.06
CA GLY A 7 6.25 21.20 -5.76
C GLY A 7 7.36 20.45 -5.07
N CYS A 8 7.26 19.11 -5.04
CA CYS A 8 8.27 18.29 -4.39
C CYS A 8 9.10 17.54 -5.44
N LEU A 9 10.41 17.67 -5.34
CA LEU A 9 11.32 17.01 -6.27
C LEU A 9 12.11 15.90 -5.58
N ARG A 10 11.65 14.67 -5.73
CA ARG A 10 12.31 13.53 -5.10
C ARG A 10 11.80 12.22 -5.69
N GLN A 11 12.71 11.42 -6.23
CA GLN A 11 12.34 10.13 -6.82
C GLN A 11 12.18 9.06 -5.75
N PRO A 12 11.25 8.12 -5.98
CA PRO A 12 10.98 7.03 -5.05
C PRO A 12 12.03 5.92 -5.14
N PRO A 13 12.22 5.20 -4.01
CA PRO A 13 13.19 4.11 -3.93
C PRO A 13 13.11 3.17 -5.13
N SER A 14 14.08 2.27 -5.23
CA SER A 14 14.12 1.31 -6.33
C SER A 14 12.82 0.51 -6.40
N HIS A 15 12.45 -0.11 -5.28
CA HIS A 15 11.24 -0.91 -5.22
C HIS A 15 10.04 -0.05 -4.80
N ARG A 16 8.96 -0.13 -5.56
CA ARG A 16 7.76 0.65 -5.27
C ARG A 16 6.68 -0.24 -4.66
N LYS A 17 6.78 -0.47 -3.36
CA LYS A 17 5.81 -1.30 -2.66
C LYS A 17 4.87 -0.45 -1.81
N LEU A 18 3.66 -0.94 -1.60
CA LEU A 18 2.66 -0.22 -0.81
C LEU A 18 2.10 -1.11 0.30
N PHE A 19 2.19 -0.63 1.53
CA PHE A 19 1.69 -1.38 2.68
C PHE A 19 0.25 -0.99 3.01
N VAL A 20 -0.68 -1.91 2.76
CA VAL A 20 -2.09 -1.66 3.03
C VAL A 20 -2.55 -2.39 4.29
N GLY A 21 -3.17 -1.64 5.20
CA GLY A 21 -3.65 -2.23 6.43
C GLY A 21 -5.12 -1.96 6.67
N MET A 22 -5.51 -1.92 7.94
CA MET A 22 -6.91 -1.68 8.30
C MET A 22 -7.85 -2.37 7.33
N LEU A 23 -7.40 -3.50 6.78
CA LEU A 23 -8.21 -4.27 5.84
C LEU A 23 -9.18 -5.19 6.57
N ASN A 24 -10.16 -5.72 5.83
CA ASN A 24 -11.15 -6.62 6.43
C ASN A 24 -10.81 -8.07 6.11
N LYS A 25 -11.35 -8.98 6.92
CA LYS A 25 -11.10 -10.41 6.73
C LYS A 25 -12.12 -11.01 5.78
N GLN A 26 -12.56 -10.22 4.80
CA GLN A 26 -13.53 -10.68 3.82
C GLN A 26 -12.99 -10.53 2.40
N GLN A 27 -12.53 -9.33 2.08
CA GLN A 27 -11.99 -9.05 0.76
C GLN A 27 -10.94 -10.08 0.36
N SER A 28 -10.74 -10.27 -0.93
CA SER A 28 -9.76 -11.23 -1.43
C SER A 28 -8.87 -10.59 -2.49
N GLU A 29 -7.86 -11.35 -2.93
CA GLU A 29 -6.93 -10.85 -3.94
C GLU A 29 -7.68 -10.27 -5.15
N ASP A 30 -8.73 -10.96 -5.57
CA ASP A 30 -9.53 -10.51 -6.70
C ASP A 30 -10.12 -9.13 -6.42
N ASP A 31 -10.83 -9.00 -5.31
CA ASP A 31 -11.45 -7.72 -4.94
C ASP A 31 -10.44 -6.59 -5.06
N VAL A 32 -9.40 -6.63 -4.23
CA VAL A 32 -8.38 -5.60 -4.24
C VAL A 32 -7.76 -5.44 -5.63
N ARG A 33 -7.36 -6.55 -6.22
CA ARG A 33 -6.77 -6.53 -7.56
C ARG A 33 -7.44 -5.48 -8.44
N ARG A 34 -8.73 -5.69 -8.71
CA ARG A 34 -9.49 -4.76 -9.54
C ARG A 34 -9.59 -3.39 -8.87
N LEU A 35 -10.02 -3.38 -7.62
CA LEU A 35 -10.16 -2.14 -6.88
C LEU A 35 -8.96 -1.22 -7.10
N PHE A 36 -7.80 -1.67 -6.63
CA PHE A 36 -6.57 -0.89 -6.77
C PHE A 36 -6.31 -0.56 -8.24
N GLU A 37 -6.00 -1.59 -9.02
CA GLU A 37 -5.72 -1.41 -10.44
C GLU A 37 -6.76 -0.49 -11.09
N ALA A 38 -7.93 -0.39 -10.45
CA ALA A 38 -9.00 0.46 -10.96
C ALA A 38 -8.49 1.85 -11.32
N PHE A 39 -7.33 2.20 -10.76
CA PHE A 39 -6.72 3.51 -11.02
C PHE A 39 -5.44 3.37 -11.82
N GLY A 40 -4.38 2.89 -11.17
CA GLY A 40 -3.10 2.73 -11.84
C GLY A 40 -2.73 1.27 -12.00
N ASN A 41 -1.92 0.98 -13.02
CA ASN A 41 -1.49 -0.39 -13.29
C ASN A 41 -0.79 -0.99 -12.08
N ILE A 42 -0.92 -2.30 -11.92
CA ILE A 42 -0.29 -3.00 -10.81
C ILE A 42 0.84 -3.89 -11.28
N GLU A 43 1.86 -4.05 -10.44
CA GLU A 43 3.01 -4.89 -10.77
C GLU A 43 2.94 -6.23 -10.05
N GLU A 44 2.53 -6.19 -8.79
CA GLU A 44 2.41 -7.40 -7.99
C GLU A 44 1.49 -7.19 -6.79
N CYS A 45 0.81 -8.24 -6.37
CA CYS A 45 -0.11 -8.17 -5.24
C CYS A 45 0.07 -9.38 -4.32
N THR A 46 0.00 -9.13 -3.02
CA THR A 46 0.16 -10.19 -2.03
C THR A 46 -0.65 -9.89 -0.77
N ILE A 47 -1.23 -10.93 -0.18
CA ILE A 47 -2.03 -10.77 1.03
C ILE A 47 -1.29 -11.33 2.24
N LEU A 48 -1.07 -10.47 3.24
CA LEU A 48 -0.38 -10.88 4.46
C LEU A 48 -1.27 -11.77 5.32
N ARG A 49 -0.66 -12.80 5.90
CA ARG A 49 -1.39 -13.73 6.75
C ARG A 49 -0.55 -14.15 7.96
N GLY A 50 -1.22 -14.40 9.08
CA GLY A 50 -0.52 -14.80 10.29
C GLY A 50 -0.21 -16.29 10.31
N PRO A 51 0.14 -16.81 11.50
CA PRO A 51 0.47 -18.22 11.68
C PRO A 51 -0.78 -19.10 11.72
N ASP A 52 -1.82 -18.62 12.40
CA ASP A 52 -3.06 -19.36 12.52
C ASP A 52 -3.64 -19.67 11.14
N GLY A 53 -3.57 -18.70 10.24
CA GLY A 53 -4.09 -18.90 8.90
C GLY A 53 -4.93 -17.73 8.43
N ASN A 54 -5.81 -17.24 9.30
CA ASN A 54 -6.67 -16.12 8.97
C ASN A 54 -5.86 -14.93 8.44
N SER A 55 -6.55 -13.95 7.88
CA SER A 55 -5.89 -12.77 7.33
C SER A 55 -5.61 -11.75 8.43
N LYS A 56 -4.46 -11.08 8.32
CA LYS A 56 -4.07 -10.08 9.31
C LYS A 56 -4.49 -8.68 8.86
N GLY A 57 -5.63 -8.61 8.17
CA GLY A 57 -6.12 -7.32 7.70
C GLY A 57 -5.03 -6.47 7.09
N CYS A 58 -4.06 -7.12 6.46
CA CYS A 58 -2.95 -6.41 5.84
C CYS A 58 -2.54 -7.07 4.53
N ALA A 59 -2.01 -6.27 3.61
CA ALA A 59 -1.59 -6.78 2.31
C ALA A 59 -0.58 -5.84 1.66
N PHE A 60 0.16 -6.36 0.69
CA PHE A 60 1.16 -5.58 -0.02
C PHE A 60 0.82 -5.47 -1.51
N VAL A 61 0.96 -4.26 -2.05
CA VAL A 61 0.66 -4.02 -3.46
C VAL A 61 1.77 -3.21 -4.11
N LYS A 62 2.03 -3.50 -5.39
CA LYS A 62 3.06 -2.79 -6.14
C LYS A 62 2.48 -2.12 -7.38
N TYR A 63 2.99 -0.94 -7.71
CA TYR A 63 2.52 -0.20 -8.87
C TYR A 63 3.63 0.00 -9.88
N SER A 64 3.30 0.57 -11.03
CA SER A 64 4.28 0.82 -12.08
C SER A 64 5.09 2.07 -11.78
N SER A 65 4.41 3.13 -11.35
CA SER A 65 5.08 4.39 -11.03
C SER A 65 4.58 4.95 -9.71
N HIS A 66 5.09 6.11 -9.34
CA HIS A 66 4.70 6.76 -8.08
C HIS A 66 3.36 7.47 -8.24
N ALA A 67 3.28 8.39 -9.19
CA ALA A 67 2.06 9.14 -9.44
C ALA A 67 0.84 8.25 -9.27
N GLU A 68 0.79 7.17 -10.03
CA GLU A 68 -0.33 6.24 -9.96
C GLU A 68 -0.57 5.77 -8.52
N ALA A 69 0.51 5.44 -7.83
CA ALA A 69 0.43 4.98 -6.46
C ALA A 69 -0.30 5.99 -5.58
N GLN A 70 0.19 7.22 -5.57
CA GLN A 70 -0.42 8.29 -4.78
C GLN A 70 -1.92 8.37 -5.03
N ALA A 71 -2.30 8.25 -6.31
CA ALA A 71 -3.70 8.31 -6.68
C ALA A 71 -4.51 7.24 -5.96
N ALA A 72 -4.05 6.00 -6.04
CA ALA A 72 -4.74 4.88 -5.38
C ALA A 72 -4.75 5.06 -3.87
N ILE A 73 -3.76 5.78 -3.35
CA ILE A 73 -3.66 6.03 -1.92
C ILE A 73 -4.77 6.94 -1.43
N ASN A 74 -4.67 8.22 -1.77
CA ASN A 74 -5.67 9.20 -1.37
C ASN A 74 -7.07 8.71 -1.69
N ALA A 75 -7.23 8.12 -2.86
CA ALA A 75 -8.53 7.60 -3.30
C ALA A 75 -9.10 6.63 -2.26
N LEU A 76 -8.25 5.73 -1.78
CA LEU A 76 -8.67 4.74 -0.79
C LEU A 76 -8.23 5.16 0.61
N HIS A 77 -6.93 5.13 0.86
CA HIS A 77 -6.37 5.51 2.15
C HIS A 77 -6.85 6.90 2.56
N GLY A 78 -7.47 6.99 3.74
CA GLY A 78 -7.96 8.27 4.22
C GLY A 78 -9.30 8.64 3.61
N SER A 79 -9.68 7.95 2.55
CA SER A 79 -10.94 8.22 1.86
C SER A 79 -12.09 7.44 2.52
N GLN A 80 -12.10 6.13 2.32
CA GLN A 80 -13.13 5.28 2.89
C GLN A 80 -12.63 4.59 4.16
N THR A 81 -13.56 3.97 4.89
CA THR A 81 -13.21 3.26 6.12
C THR A 81 -13.53 1.78 6.02
N MET A 82 -12.52 0.98 5.72
CA MET A 82 -12.69 -0.46 5.60
C MET A 82 -13.64 -0.99 6.66
N PRO A 83 -14.54 -1.91 6.26
CA PRO A 83 -15.51 -2.51 7.18
C PRO A 83 -14.88 -2.99 8.48
N GLY A 84 -15.44 -2.53 9.59
CA GLY A 84 -14.91 -2.93 10.90
C GLY A 84 -14.07 -1.84 11.53
N ALA A 85 -13.08 -1.35 10.80
CA ALA A 85 -12.20 -0.30 11.30
C ALA A 85 -12.93 1.03 11.40
N SER A 86 -12.51 1.87 12.34
CA SER A 86 -13.14 3.17 12.54
C SER A 86 -12.36 4.25 11.82
N SER A 87 -11.11 3.95 11.47
CA SER A 87 -10.25 4.91 10.78
C SER A 87 -10.20 4.62 9.29
N SER A 88 -10.00 5.66 8.48
CA SER A 88 -9.93 5.51 7.04
C SER A 88 -8.82 4.55 6.64
N LEU A 89 -9.05 3.79 5.57
CA LEU A 89 -8.06 2.84 5.08
C LEU A 89 -6.65 3.36 5.29
N VAL A 90 -5.71 2.45 5.50
CA VAL A 90 -4.31 2.82 5.70
C VAL A 90 -3.43 2.25 4.60
N VAL A 91 -2.97 3.12 3.70
CA VAL A 91 -2.11 2.70 2.60
C VAL A 91 -0.91 3.64 2.46
N LYS A 92 0.26 3.16 2.86
CA LYS A 92 1.48 3.95 2.78
C LYS A 92 2.56 3.20 2.00
N PHE A 93 3.68 3.88 1.75
CA PHE A 93 4.78 3.27 1.02
C PHE A 93 5.62 2.38 1.93
N ALA A 94 5.82 1.13 1.51
CA ALA A 94 6.60 0.18 2.28
C ALA A 94 8.08 0.26 1.91
N ASP A 95 8.94 0.16 2.91
CA ASP A 95 10.39 0.21 2.70
C ASP A 95 11.12 -0.73 3.65
N THR A 96 12.19 -1.35 3.15
CA THR A 96 12.97 -2.27 3.96
C THR A 96 14.09 -1.55 4.70
N ASP A 97 14.06 -1.63 6.02
CA ASP A 97 15.07 -0.98 6.85
C ASP A 97 16.46 -1.55 6.57
N LYS A 98 17.47 -0.70 6.61
CA LYS A 98 18.84 -1.12 6.36
C LYS A 98 19.82 -0.34 7.23
N GLU A 99 20.45 -1.04 8.18
CA GLU A 99 21.41 -0.42 9.08
C GLU A 99 22.69 -1.25 9.16
N SER A 100 23.82 -0.56 9.30
CA SER A 100 25.12 -1.22 9.38
C SER A 100 26.14 -0.34 10.08
N GLY A 101 27.33 -0.88 10.33
CA GLY A 101 28.37 -0.12 10.99
C GLY A 101 28.56 -0.53 12.44
N PRO A 102 29.41 0.21 13.16
CA PRO A 102 29.70 -0.07 14.57
C PRO A 102 28.58 0.40 15.49
N SER A 103 28.10 1.62 15.26
CA SER A 103 27.04 2.19 16.07
C SER A 103 26.06 2.99 15.21
N SER A 104 24.95 3.40 15.81
CA SER A 104 23.94 4.17 15.09
C SER A 104 24.53 5.44 14.50
N GLY A 105 24.58 5.49 13.17
CA GLY A 105 25.13 6.67 12.51
C GLY A 105 24.45 7.95 12.92
N GLY A 1 -10.13 7.44 -25.00
CA GLY A 1 -9.66 8.52 -24.16
C GLY A 1 -8.86 8.03 -22.97
N SER A 2 -7.62 8.49 -22.86
CA SER A 2 -6.74 8.08 -21.77
C SER A 2 -5.69 9.15 -21.49
N SER A 3 -5.77 9.77 -20.31
CA SER A 3 -4.83 10.81 -19.92
C SER A 3 -4.22 10.50 -18.57
N GLY A 4 -2.88 10.46 -18.52
CA GLY A 4 -2.19 10.18 -17.26
C GLY A 4 -0.76 10.64 -17.29
N SER A 5 -0.49 11.78 -16.66
CA SER A 5 0.87 12.32 -16.62
C SER A 5 1.04 13.25 -15.41
N SER A 6 2.19 13.14 -14.75
CA SER A 6 2.48 13.95 -13.57
C SER A 6 3.87 14.57 -13.67
N GLY A 7 4.13 15.56 -12.82
CA GLY A 7 5.42 16.21 -12.81
C GLY A 7 5.74 16.87 -11.49
N CYS A 8 6.05 16.07 -10.49
CA CYS A 8 6.37 16.59 -9.16
C CYS A 8 7.89 16.70 -8.97
N LEU A 9 8.29 17.39 -7.92
CA LEU A 9 9.71 17.58 -7.62
C LEU A 9 10.20 16.52 -6.63
N ARG A 10 9.55 16.47 -5.47
CA ARG A 10 9.92 15.51 -4.43
C ARG A 10 10.07 14.11 -5.02
N GLN A 11 11.17 13.45 -4.68
CA GLN A 11 11.43 12.09 -5.17
C GLN A 11 11.45 11.09 -4.02
N PRO A 12 10.28 10.49 -3.73
CA PRO A 12 10.15 9.50 -2.66
C PRO A 12 11.27 8.47 -2.68
N PRO A 13 11.42 7.75 -1.56
CA PRO A 13 12.45 6.71 -1.42
C PRO A 13 12.53 5.80 -2.65
N SER A 14 13.55 4.94 -2.67
CA SER A 14 13.73 4.02 -3.79
C SER A 14 12.96 2.72 -3.55
N HIS A 15 11.68 2.86 -3.21
CA HIS A 15 10.83 1.69 -2.97
C HIS A 15 9.59 1.73 -3.85
N ARG A 16 9.16 0.56 -4.30
CA ARG A 16 7.98 0.46 -5.16
C ARG A 16 6.96 -0.49 -4.55
N LYS A 17 6.73 -0.37 -3.25
CA LYS A 17 5.77 -1.21 -2.55
C LYS A 17 4.81 -0.37 -1.72
N LEU A 18 3.59 -0.87 -1.56
CA LEU A 18 2.58 -0.16 -0.78
C LEU A 18 2.04 -1.04 0.35
N PHE A 19 2.13 -0.55 1.57
CA PHE A 19 1.65 -1.28 2.73
C PHE A 19 0.22 -0.89 3.08
N VAL A 20 -0.71 -1.81 2.87
CA VAL A 20 -2.11 -1.56 3.16
C VAL A 20 -2.54 -2.27 4.44
N GLY A 21 -3.01 -1.49 5.41
CA GLY A 21 -3.45 -2.06 6.68
C GLY A 21 -4.90 -1.75 6.98
N MET A 22 -5.35 -2.14 8.16
CA MET A 22 -6.73 -1.90 8.57
C MET A 22 -7.70 -2.63 7.65
N LEU A 23 -7.27 -3.76 7.10
CA LEU A 23 -8.10 -4.54 6.20
C LEU A 23 -8.97 -5.52 6.97
N ASN A 24 -10.01 -6.03 6.32
CA ASN A 24 -10.92 -6.99 6.94
C ASN A 24 -10.62 -8.41 6.47
N LYS A 25 -11.08 -9.40 7.23
CA LYS A 25 -10.87 -10.80 6.89
C LYS A 25 -11.95 -11.29 5.94
N GLN A 26 -12.37 -10.41 5.03
CA GLN A 26 -13.40 -10.75 4.06
C GLN A 26 -12.90 -10.55 2.64
N GLN A 27 -12.35 -9.36 2.36
CA GLN A 27 -11.83 -9.05 1.04
C GLN A 27 -10.82 -10.10 0.59
N SER A 28 -10.68 -10.23 -0.73
CA SER A 28 -9.75 -11.20 -1.29
C SER A 28 -8.86 -10.56 -2.36
N GLU A 29 -8.00 -11.36 -2.98
CA GLU A 29 -7.10 -10.86 -4.01
C GLU A 29 -7.88 -10.17 -5.12
N ASP A 30 -8.93 -10.83 -5.60
CA ASP A 30 -9.77 -10.28 -6.67
C ASP A 30 -10.35 -8.93 -6.26
N ASP A 31 -11.05 -8.92 -5.12
CA ASP A 31 -11.65 -7.69 -4.62
C ASP A 31 -10.68 -6.52 -4.71
N VAL A 32 -9.62 -6.57 -3.89
CA VAL A 32 -8.62 -5.52 -3.88
C VAL A 32 -7.97 -5.35 -5.25
N ARG A 33 -7.43 -6.45 -5.77
CA ARG A 33 -6.78 -6.42 -7.08
C ARG A 33 -7.48 -5.45 -8.02
N ARG A 34 -8.79 -5.62 -8.17
CA ARG A 34 -9.57 -4.74 -9.04
C ARG A 34 -9.59 -3.32 -8.51
N LEU A 35 -9.98 -3.15 -7.25
CA LEU A 35 -10.04 -1.83 -6.64
C LEU A 35 -8.78 -1.02 -6.97
N PHE A 36 -7.63 -1.50 -6.49
CA PHE A 36 -6.37 -0.82 -6.74
C PHE A 36 -6.17 -0.54 -8.23
N GLU A 37 -6.01 -1.61 -9.00
CA GLU A 37 -5.81 -1.49 -10.45
C GLU A 37 -6.86 -0.57 -11.05
N ALA A 38 -7.98 -0.42 -10.37
CA ALA A 38 -9.07 0.43 -10.85
C ALA A 38 -8.55 1.83 -11.18
N PHE A 39 -7.47 2.23 -10.52
CA PHE A 39 -6.89 3.55 -10.74
C PHE A 39 -5.52 3.42 -11.41
N GLY A 40 -4.58 2.79 -10.71
CA GLY A 40 -3.24 2.61 -11.25
C GLY A 40 -2.87 1.16 -11.41
N ASN A 41 -2.24 0.82 -12.54
CA ASN A 41 -1.84 -0.55 -12.82
C ASN A 41 -1.03 -1.12 -11.65
N ILE A 42 -1.10 -2.43 -11.47
CA ILE A 42 -0.37 -3.10 -10.40
C ILE A 42 0.65 -4.09 -10.95
N GLU A 43 1.93 -3.74 -10.82
CA GLU A 43 3.00 -4.59 -11.31
C GLU A 43 2.97 -5.96 -10.61
N GLU A 44 2.64 -5.95 -9.32
CA GLU A 44 2.58 -7.18 -8.54
C GLU A 44 1.72 -6.99 -7.30
N CYS A 45 0.89 -7.99 -7.01
CA CYS A 45 0.00 -7.93 -5.85
C CYS A 45 0.22 -9.14 -4.95
N THR A 46 0.13 -8.92 -3.64
CA THR A 46 0.31 -10.00 -2.67
C THR A 46 -0.42 -9.70 -1.37
N ILE A 47 -1.09 -10.71 -0.82
CA ILE A 47 -1.83 -10.55 0.42
C ILE A 47 -1.10 -11.22 1.59
N LEU A 48 -0.99 -10.51 2.70
CA LEU A 48 -0.33 -11.04 3.88
C LEU A 48 -1.27 -11.91 4.70
N ARG A 49 -0.87 -13.15 4.94
CA ARG A 49 -1.68 -14.10 5.70
C ARG A 49 -0.84 -14.77 6.78
N GLY A 50 -1.51 -15.17 7.87
CA GLY A 50 -0.81 -15.83 8.96
C GLY A 50 -1.09 -17.32 9.01
N PRO A 51 -0.47 -18.01 9.99
CA PRO A 51 -0.64 -19.45 10.17
C PRO A 51 -2.09 -19.88 10.07
N ASP A 52 -2.97 -19.18 10.77
CA ASP A 52 -4.39 -19.49 10.75
C ASP A 52 -4.88 -19.79 9.34
N GLY A 53 -4.36 -19.02 8.37
CA GLY A 53 -4.75 -19.22 6.99
C GLY A 53 -5.42 -18.00 6.39
N ASN A 54 -6.22 -17.31 7.20
CA ASN A 54 -6.92 -16.12 6.75
C ASN A 54 -5.98 -14.93 6.63
N SER A 55 -6.49 -13.79 6.18
CA SER A 55 -5.69 -12.59 6.02
C SER A 55 -5.58 -11.84 7.35
N LYS A 56 -4.37 -11.38 7.66
CA LYS A 56 -4.13 -10.64 8.89
C LYS A 56 -4.46 -9.16 8.72
N GLY A 57 -5.46 -8.88 7.88
CA GLY A 57 -5.86 -7.51 7.65
C GLY A 57 -4.72 -6.66 7.12
N CYS A 58 -3.91 -7.23 6.24
CA CYS A 58 -2.78 -6.52 5.66
C CYS A 58 -2.35 -7.15 4.34
N ALA A 59 -1.82 -6.32 3.44
CA ALA A 59 -1.38 -6.81 2.14
C ALA A 59 -0.41 -5.82 1.50
N PHE A 60 0.43 -6.32 0.59
CA PHE A 60 1.41 -5.49 -0.10
C PHE A 60 1.09 -5.39 -1.59
N VAL A 61 1.00 -4.16 -2.08
CA VAL A 61 0.71 -3.92 -3.49
C VAL A 61 1.87 -3.21 -4.18
N LYS A 62 2.16 -3.64 -5.41
CA LYS A 62 3.25 -3.04 -6.18
C LYS A 62 2.71 -2.36 -7.44
N TYR A 63 2.92 -1.06 -7.53
CA TYR A 63 2.46 -0.29 -8.68
C TYR A 63 3.56 -0.13 -9.72
N SER A 64 3.21 0.41 -10.88
CA SER A 64 4.18 0.61 -11.95
C SER A 64 5.03 1.86 -11.70
N SER A 65 4.39 2.91 -11.18
CA SER A 65 5.08 4.16 -10.89
C SER A 65 4.44 4.87 -9.71
N HIS A 66 5.19 5.78 -9.09
CA HIS A 66 4.70 6.53 -7.95
C HIS A 66 3.38 7.21 -8.28
N ALA A 67 3.39 8.06 -9.30
CA ALA A 67 2.19 8.78 -9.71
C ALA A 67 0.94 7.92 -9.52
N GLU A 68 0.88 6.80 -10.24
CA GLU A 68 -0.25 5.89 -10.14
C GLU A 68 -0.51 5.49 -8.69
N ALA A 69 0.57 5.19 -7.97
CA ALA A 69 0.46 4.80 -6.57
C ALA A 69 -0.23 5.87 -5.74
N GLN A 70 0.41 7.03 -5.65
CA GLN A 70 -0.15 8.14 -4.88
C GLN A 70 -1.64 8.30 -5.14
N ALA A 71 -2.03 8.16 -6.41
CA ALA A 71 -3.44 8.28 -6.79
C ALA A 71 -4.30 7.28 -6.03
N ALA A 72 -3.97 6.00 -6.16
CA ALA A 72 -4.71 4.94 -5.48
C ALA A 72 -4.77 5.19 -3.98
N ILE A 73 -3.71 5.78 -3.44
CA ILE A 73 -3.64 6.07 -2.01
C ILE A 73 -4.73 7.07 -1.60
N ASN A 74 -4.53 8.33 -1.95
CA ASN A 74 -5.49 9.38 -1.62
C ASN A 74 -6.90 8.95 -2.00
N ALA A 75 -7.04 8.33 -3.18
CA ALA A 75 -8.33 7.88 -3.66
C ALA A 75 -8.99 6.94 -2.66
N LEU A 76 -8.18 6.10 -2.01
CA LEU A 76 -8.68 5.16 -1.03
C LEU A 76 -8.26 5.57 0.39
N HIS A 77 -6.98 5.40 0.69
CA HIS A 77 -6.45 5.74 2.00
C HIS A 77 -6.94 7.12 2.44
N GLY A 78 -7.49 7.20 3.64
CA GLY A 78 -7.99 8.47 4.15
C GLY A 78 -9.38 8.80 3.63
N SER A 79 -9.74 8.20 2.50
CA SER A 79 -11.05 8.44 1.90
C SER A 79 -12.07 7.42 2.39
N GLN A 80 -11.90 6.17 1.94
CA GLN A 80 -12.82 5.10 2.34
C GLN A 80 -12.36 4.46 3.65
N THR A 81 -13.28 3.75 4.30
CA THR A 81 -12.98 3.10 5.57
C THR A 81 -13.40 1.62 5.53
N MET A 82 -12.41 0.74 5.48
CA MET A 82 -12.68 -0.69 5.45
C MET A 82 -13.86 -1.05 6.33
N PRO A 83 -14.50 -2.19 6.03
CA PRO A 83 -15.66 -2.67 6.79
C PRO A 83 -15.29 -3.15 8.18
N GLY A 84 -15.75 -2.44 9.20
CA GLY A 84 -15.46 -2.81 10.57
C GLY A 84 -14.59 -1.79 11.27
N ALA A 85 -13.55 -1.34 10.59
CA ALA A 85 -12.63 -0.36 11.16
C ALA A 85 -13.30 1.01 11.27
N SER A 86 -13.00 1.73 12.36
CA SER A 86 -13.57 3.05 12.59
C SER A 86 -12.67 4.13 12.01
N SER A 87 -11.43 3.77 11.69
CA SER A 87 -10.47 4.71 11.15
C SER A 87 -10.35 4.56 9.63
N SER A 88 -10.19 5.68 8.94
CA SER A 88 -10.08 5.67 7.49
C SER A 88 -9.02 4.66 7.03
N LEU A 89 -9.11 4.26 5.76
CA LEU A 89 -8.16 3.31 5.20
C LEU A 89 -6.72 3.78 5.41
N VAL A 90 -5.79 2.84 5.43
CA VAL A 90 -4.39 3.15 5.61
C VAL A 90 -3.53 2.53 4.51
N VAL A 91 -3.03 3.37 3.61
CA VAL A 91 -2.20 2.90 2.51
C VAL A 91 -0.96 3.78 2.34
N LYS A 92 0.18 3.28 2.84
CA LYS A 92 1.43 4.01 2.75
C LYS A 92 2.54 3.12 2.22
N PHE A 93 3.43 3.69 1.41
CA PHE A 93 4.55 2.94 0.85
C PHE A 93 5.20 2.05 1.90
N ALA A 94 5.76 0.94 1.46
CA ALA A 94 6.42 0.00 2.37
C ALA A 94 7.92 -0.04 2.14
N ASP A 95 8.67 -0.33 3.19
CA ASP A 95 10.13 -0.39 3.09
C ASP A 95 10.62 -1.82 3.30
N THR A 96 10.67 -2.60 2.21
CA THR A 96 11.13 -3.97 2.28
C THR A 96 12.48 -4.08 2.97
N ASP A 97 12.51 -4.82 4.07
CA ASP A 97 13.75 -5.00 4.83
C ASP A 97 14.08 -6.48 4.98
N LYS A 98 15.31 -6.77 5.37
CA LYS A 98 15.76 -8.15 5.55
C LYS A 98 16.83 -8.24 6.64
N GLU A 99 17.11 -9.45 7.08
CA GLU A 99 18.12 -9.67 8.12
C GLU A 99 19.22 -10.60 7.61
N SER A 100 20.46 -10.14 7.73
CA SER A 100 21.61 -10.93 7.29
C SER A 100 21.90 -12.06 8.26
N GLY A 101 22.53 -13.12 7.74
CA GLY A 101 22.86 -14.26 8.58
C GLY A 101 24.34 -14.35 8.89
N PRO A 102 24.67 -14.82 10.10
CA PRO A 102 26.06 -14.96 10.55
C PRO A 102 26.93 -15.66 9.50
N SER A 103 26.42 -16.75 8.95
CA SER A 103 27.16 -17.51 7.94
C SER A 103 26.20 -18.16 6.95
N SER A 104 26.66 -18.36 5.72
CA SER A 104 25.85 -18.97 4.68
C SER A 104 25.94 -20.49 4.75
N GLY A 105 24.79 -21.13 4.97
CA GLY A 105 24.76 -22.58 5.06
C GLY A 105 23.61 -23.08 5.89
N GLY A 1 -13.07 27.14 -9.04
CA GLY A 1 -11.86 27.93 -9.00
C GLY A 1 -11.03 27.63 -7.76
N SER A 2 -10.28 26.53 -7.80
CA SER A 2 -9.44 26.14 -6.67
C SER A 2 -8.23 25.34 -7.16
N SER A 3 -7.12 25.48 -6.45
CA SER A 3 -5.89 24.78 -6.80
C SER A 3 -4.92 24.75 -5.62
N GLY A 4 -3.80 24.05 -5.79
CA GLY A 4 -2.81 23.96 -4.74
C GLY A 4 -1.80 22.85 -4.99
N SER A 5 -0.53 23.16 -4.79
CA SER A 5 0.54 22.19 -5.01
C SER A 5 1.34 21.99 -3.73
N SER A 6 1.69 20.74 -3.44
CA SER A 6 2.46 20.41 -2.24
C SER A 6 3.74 19.66 -2.61
N GLY A 7 4.42 20.14 -3.65
CA GLY A 7 5.65 19.50 -4.09
C GLY A 7 5.75 19.41 -5.60
N CYS A 8 6.00 20.54 -6.25
CA CYS A 8 6.12 20.57 -7.70
C CYS A 8 6.82 19.33 -8.22
N LEU A 9 7.89 18.92 -7.55
CA LEU A 9 8.65 17.74 -7.95
C LEU A 9 8.97 16.87 -6.74
N ARG A 10 9.16 15.57 -6.97
CA ARG A 10 9.47 14.64 -5.91
C ARG A 10 10.40 13.53 -6.40
N GLN A 11 11.30 13.09 -5.54
CA GLN A 11 12.26 12.04 -5.89
C GLN A 11 12.18 10.88 -4.91
N PRO A 12 11.35 9.88 -5.25
CA PRO A 12 11.16 8.69 -4.39
C PRO A 12 12.34 7.72 -4.50
N PRO A 13 12.43 6.80 -3.53
CA PRO A 13 13.50 5.80 -3.48
C PRO A 13 13.29 4.68 -4.49
N SER A 14 14.25 3.76 -4.57
CA SER A 14 14.17 2.64 -5.49
C SER A 14 13.01 1.72 -5.13
N HIS A 15 12.88 1.41 -3.85
CA HIS A 15 11.81 0.54 -3.37
C HIS A 15 10.45 1.10 -3.77
N ARG A 16 9.67 0.29 -4.49
CA ARG A 16 8.34 0.70 -4.92
C ARG A 16 7.28 -0.30 -4.47
N LYS A 17 6.80 -0.13 -3.24
CA LYS A 17 5.79 -1.03 -2.69
C LYS A 17 4.75 -0.24 -1.89
N LEU A 18 3.60 -0.87 -1.64
CA LEU A 18 2.53 -0.22 -0.89
C LEU A 18 2.04 -1.13 0.24
N PHE A 19 2.01 -0.59 1.45
CA PHE A 19 1.57 -1.35 2.61
C PHE A 19 0.14 -0.97 2.99
N VAL A 20 -0.77 -1.93 2.83
CA VAL A 20 -2.18 -1.71 3.15
C VAL A 20 -2.55 -2.38 4.47
N GLY A 21 -3.08 -1.59 5.39
CA GLY A 21 -3.48 -2.12 6.69
C GLY A 21 -4.93 -1.83 7.02
N MET A 22 -5.31 -2.09 8.26
CA MET A 22 -6.68 -1.86 8.70
C MET A 22 -7.68 -2.48 7.73
N LEU A 23 -7.35 -3.67 7.23
CA LEU A 23 -8.21 -4.38 6.29
C LEU A 23 -9.13 -5.36 7.03
N ASN A 24 -10.19 -5.78 6.35
CA ASN A 24 -11.14 -6.71 6.94
C ASN A 24 -10.88 -8.14 6.44
N LYS A 25 -11.35 -9.11 7.21
CA LYS A 25 -11.18 -10.52 6.85
C LYS A 25 -12.26 -10.97 5.87
N GLN A 26 -12.60 -10.09 4.93
CA GLN A 26 -13.62 -10.40 3.93
C GLN A 26 -13.07 -10.21 2.52
N GLN A 27 -12.42 -9.08 2.29
CA GLN A 27 -11.85 -8.78 0.98
C GLN A 27 -10.86 -9.86 0.56
N SER A 28 -10.72 -10.05 -0.76
CA SER A 28 -9.81 -11.05 -1.29
C SER A 28 -8.89 -10.45 -2.34
N GLU A 29 -7.97 -11.25 -2.85
CA GLU A 29 -7.02 -10.80 -3.87
C GLU A 29 -7.77 -10.18 -5.05
N ASP A 30 -8.84 -10.83 -5.48
CA ASP A 30 -9.63 -10.34 -6.60
C ASP A 30 -10.19 -8.95 -6.31
N ASP A 31 -10.84 -8.81 -5.15
CA ASP A 31 -11.42 -7.55 -4.75
C ASP A 31 -10.38 -6.43 -4.82
N VAL A 32 -9.33 -6.56 -4.03
CA VAL A 32 -8.26 -5.57 -4.00
C VAL A 32 -7.63 -5.38 -5.37
N ARG A 33 -7.13 -6.48 -5.93
CA ARG A 33 -6.50 -6.45 -7.25
C ARG A 33 -7.22 -5.47 -8.17
N ARG A 34 -8.48 -5.74 -8.43
CA ARG A 34 -9.28 -4.87 -9.31
C ARG A 34 -9.39 -3.46 -8.72
N LEU A 35 -9.84 -3.38 -7.48
CA LEU A 35 -9.99 -2.09 -6.81
C LEU A 35 -8.77 -1.20 -7.08
N PHE A 36 -7.62 -1.61 -6.57
CA PHE A 36 -6.39 -0.85 -6.75
C PHE A 36 -6.16 -0.53 -8.22
N GLU A 37 -5.83 -1.56 -9.00
CA GLU A 37 -5.57 -1.39 -10.43
C GLU A 37 -6.62 -0.48 -11.06
N ALA A 38 -7.82 -0.49 -10.48
CA ALA A 38 -8.92 0.35 -10.99
C ALA A 38 -8.43 1.75 -11.31
N PHE A 39 -7.32 2.15 -10.70
CA PHE A 39 -6.76 3.48 -10.92
C PHE A 39 -5.46 3.38 -11.72
N GLY A 40 -4.39 2.96 -11.04
CA GLY A 40 -3.11 2.83 -11.70
C GLY A 40 -2.70 1.39 -11.93
N ASN A 41 -1.97 1.14 -13.01
CA ASN A 41 -1.53 -0.21 -13.35
C ASN A 41 -0.83 -0.85 -12.16
N ILE A 42 -0.98 -2.17 -12.03
CA ILE A 42 -0.37 -2.90 -10.94
C ILE A 42 0.77 -3.79 -11.45
N GLU A 43 1.88 -3.79 -10.73
CA GLU A 43 3.03 -4.60 -11.12
C GLU A 43 3.02 -5.96 -10.41
N GLU A 44 2.57 -5.95 -9.16
CA GLU A 44 2.49 -7.17 -8.37
C GLU A 44 1.60 -6.99 -7.15
N CYS A 45 0.87 -8.04 -6.79
CA CYS A 45 -0.03 -7.99 -5.64
C CYS A 45 0.11 -9.25 -4.78
N THR A 46 0.02 -9.06 -3.46
CA THR A 46 0.14 -10.18 -2.53
C THR A 46 -0.58 -9.89 -1.23
N ILE A 47 -1.19 -10.91 -0.65
CA ILE A 47 -1.91 -10.75 0.61
C ILE A 47 -1.13 -11.36 1.77
N LEU A 48 -1.13 -10.66 2.90
CA LEU A 48 -0.41 -11.13 4.09
C LEU A 48 -1.28 -12.06 4.91
N ARG A 49 -0.69 -13.16 5.38
CA ARG A 49 -1.42 -14.13 6.18
C ARG A 49 -0.50 -14.78 7.21
N GLY A 50 -0.80 -14.54 8.49
CA GLY A 50 0.01 -15.12 9.55
C GLY A 50 0.23 -16.60 9.40
N PRO A 51 1.21 -17.15 10.12
CA PRO A 51 1.54 -18.58 10.07
C PRO A 51 0.29 -19.46 10.15
N ASP A 52 -0.54 -19.21 11.16
CA ASP A 52 -1.77 -19.97 11.35
C ASP A 52 -2.49 -20.17 10.02
N GLY A 53 -2.70 -19.08 9.29
CA GLY A 53 -3.38 -19.15 8.01
C GLY A 53 -4.29 -17.96 7.78
N ASN A 54 -5.07 -17.61 8.80
CA ASN A 54 -6.01 -16.49 8.70
C ASN A 54 -5.27 -15.20 8.32
N SER A 55 -5.93 -14.35 7.55
CA SER A 55 -5.34 -13.09 7.12
C SER A 55 -5.18 -12.13 8.29
N LYS A 56 -4.18 -11.26 8.22
CA LYS A 56 -3.91 -10.30 9.27
C LYS A 56 -4.37 -8.90 8.86
N GLY A 57 -5.48 -8.83 8.13
CA GLY A 57 -6.00 -7.55 7.68
C GLY A 57 -4.92 -6.66 7.10
N CYS A 58 -4.07 -7.24 6.27
CA CYS A 58 -2.98 -6.50 5.64
C CYS A 58 -2.55 -7.15 4.33
N ALA A 59 -1.98 -6.35 3.43
CA ALA A 59 -1.53 -6.86 2.14
C ALA A 59 -0.52 -5.89 1.51
N PHE A 60 0.18 -6.38 0.48
CA PHE A 60 1.17 -5.57 -0.21
C PHE A 60 0.82 -5.43 -1.69
N VAL A 61 0.87 -4.20 -2.20
CA VAL A 61 0.56 -3.93 -3.60
C VAL A 61 1.70 -3.19 -4.28
N LYS A 62 1.91 -3.48 -5.56
CA LYS A 62 2.96 -2.85 -6.34
C LYS A 62 2.39 -2.15 -7.57
N TYR A 63 2.94 -0.98 -7.90
CA TYR A 63 2.49 -0.22 -9.06
C TYR A 63 3.61 -0.05 -10.07
N SER A 64 3.28 0.55 -11.21
CA SER A 64 4.27 0.76 -12.27
C SER A 64 5.09 2.02 -11.98
N SER A 65 4.41 3.12 -11.67
CA SER A 65 5.08 4.38 -11.38
C SER A 65 4.64 4.92 -10.02
N HIS A 66 5.37 5.92 -9.53
CA HIS A 66 5.05 6.54 -8.25
C HIS A 66 3.73 7.29 -8.31
N ALA A 67 3.58 8.13 -9.33
CA ALA A 67 2.36 8.90 -9.51
C ALA A 67 1.13 8.02 -9.31
N GLU A 68 1.01 6.97 -10.12
CA GLU A 68 -0.13 6.07 -10.03
C GLU A 68 -0.38 5.65 -8.58
N ALA A 69 0.68 5.23 -7.90
CA ALA A 69 0.57 4.81 -6.51
C ALA A 69 -0.14 5.87 -5.67
N GLN A 70 0.46 7.04 -5.59
CA GLN A 70 -0.12 8.14 -4.82
C GLN A 70 -1.61 8.28 -5.10
N ALA A 71 -1.97 8.20 -6.38
CA ALA A 71 -3.37 8.33 -6.79
C ALA A 71 -4.24 7.31 -6.07
N ALA A 72 -3.97 6.03 -6.29
CA ALA A 72 -4.72 4.96 -5.66
C ALA A 72 -4.81 5.17 -4.15
N ILE A 73 -3.74 5.70 -3.57
CA ILE A 73 -3.70 5.95 -2.13
C ILE A 73 -4.78 6.93 -1.71
N ASN A 74 -4.59 8.21 -2.04
CA ASN A 74 -5.55 9.24 -1.70
C ASN A 74 -6.97 8.81 -2.06
N ALA A 75 -7.12 8.20 -3.24
CA ALA A 75 -8.43 7.74 -3.69
C ALA A 75 -9.03 6.75 -2.69
N LEU A 76 -8.20 5.87 -2.16
CA LEU A 76 -8.65 4.87 -1.20
C LEU A 76 -8.29 5.28 0.23
N HIS A 77 -6.99 5.19 0.54
CA HIS A 77 -6.51 5.55 1.87
C HIS A 77 -7.08 6.90 2.31
N GLY A 78 -7.51 6.97 3.56
CA GLY A 78 -8.07 8.20 4.09
C GLY A 78 -9.39 8.55 3.45
N SER A 79 -9.86 7.70 2.53
CA SER A 79 -11.11 7.93 1.83
C SER A 79 -12.26 7.19 2.51
N GLN A 80 -12.26 5.87 2.40
CA GLN A 80 -13.29 5.05 3.00
C GLN A 80 -12.80 4.43 4.31
N THR A 81 -13.66 3.63 4.94
CA THR A 81 -13.31 2.98 6.19
C THR A 81 -13.71 1.51 6.18
N MET A 82 -12.72 0.63 5.98
CA MET A 82 -12.97 -0.81 5.95
C MET A 82 -13.97 -1.21 7.03
N PRO A 83 -14.93 -2.07 6.65
CA PRO A 83 -15.96 -2.55 7.57
C PRO A 83 -15.37 -3.05 8.89
N GLY A 84 -15.77 -2.42 9.99
CA GLY A 84 -15.28 -2.81 11.30
C GLY A 84 -14.36 -1.76 11.91
N ALA A 85 -13.43 -1.25 11.10
CA ALA A 85 -12.50 -0.24 11.58
C ALA A 85 -13.16 1.13 11.67
N SER A 86 -12.71 1.94 12.62
CA SER A 86 -13.27 3.28 12.80
C SER A 86 -12.46 4.32 12.03
N SER A 87 -11.23 3.95 11.66
CA SER A 87 -10.36 4.86 10.92
C SER A 87 -10.37 4.52 9.43
N SER A 88 -10.21 5.54 8.60
CA SER A 88 -10.21 5.36 7.15
C SER A 88 -9.08 4.41 6.73
N LEU A 89 -9.25 3.78 5.58
CA LEU A 89 -8.24 2.86 5.06
C LEU A 89 -6.84 3.41 5.24
N VAL A 90 -5.87 2.51 5.42
CA VAL A 90 -4.48 2.91 5.61
C VAL A 90 -3.58 2.31 4.54
N VAL A 91 -3.03 3.16 3.69
CA VAL A 91 -2.15 2.70 2.61
C VAL A 91 -0.94 3.61 2.47
N LYS A 92 0.22 3.15 2.93
CA LYS A 92 1.44 3.93 2.85
C LYS A 92 2.58 3.09 2.27
N PHE A 93 3.49 3.74 1.56
CA PHE A 93 4.62 3.06 0.95
C PHE A 93 5.45 2.32 2.00
N ALA A 94 5.62 1.03 1.81
CA ALA A 94 6.39 0.21 2.73
C ALA A 94 7.89 0.48 2.60
N ASP A 95 8.49 0.99 3.67
CA ASP A 95 9.91 1.29 3.67
C ASP A 95 10.59 0.74 4.93
N THR A 96 11.81 0.25 4.77
CA THR A 96 12.55 -0.31 5.90
C THR A 96 13.94 0.34 6.00
N ASP A 97 14.01 1.46 6.70
CA ASP A 97 15.27 2.17 6.88
C ASP A 97 15.56 2.41 8.36
N LYS A 98 16.58 1.72 8.88
CA LYS A 98 16.95 1.86 10.28
C LYS A 98 17.73 3.15 10.51
N GLU A 99 17.29 3.94 11.48
CA GLU A 99 17.95 5.20 11.80
C GLU A 99 18.07 5.39 13.31
N SER A 100 19.20 5.93 13.75
CA SER A 100 19.46 6.15 15.16
C SER A 100 18.77 7.42 15.64
N GLY A 101 19.16 8.56 15.08
CA GLY A 101 18.57 9.83 15.45
C GLY A 101 17.13 9.95 15.01
N PRO A 102 16.31 10.64 15.82
CA PRO A 102 14.89 10.85 15.53
C PRO A 102 14.66 11.91 14.46
N SER A 103 15.76 12.53 14.01
CA SER A 103 15.67 13.58 13.00
C SER A 103 14.40 14.40 13.16
N SER A 104 14.08 14.73 14.42
CA SER A 104 12.88 15.52 14.71
C SER A 104 13.25 16.92 15.16
N GLY A 105 13.09 17.89 14.26
CA GLY A 105 13.42 19.26 14.58
C GLY A 105 12.45 20.25 13.96
N GLY A 1 -6.34 13.31 15.69
CA GLY A 1 -6.34 14.38 14.71
C GLY A 1 -5.33 15.46 15.04
N SER A 2 -4.26 15.53 14.25
CA SER A 2 -3.22 16.53 14.48
C SER A 2 -3.20 17.55 13.34
N SER A 3 -3.13 18.82 13.71
CA SER A 3 -3.11 19.91 12.73
C SER A 3 -1.85 20.75 12.88
N GLY A 4 -1.59 21.58 11.88
CA GLY A 4 -0.41 22.44 11.92
C GLY A 4 0.87 21.64 12.00
N SER A 5 1.34 21.16 10.85
CA SER A 5 2.58 20.38 10.79
C SER A 5 3.51 20.91 9.70
N SER A 6 4.81 20.83 9.97
CA SER A 6 5.81 21.31 9.02
C SER A 6 6.61 20.14 8.44
N GLY A 7 6.67 20.07 7.12
CA GLY A 7 7.40 19.00 6.47
C GLY A 7 8.08 19.46 5.19
N CYS A 8 9.34 19.87 5.31
CA CYS A 8 10.10 20.35 4.16
C CYS A 8 10.61 19.16 3.33
N LEU A 9 9.72 18.62 2.50
CA LEU A 9 10.08 17.49 1.65
C LEU A 9 9.72 17.78 0.19
N ARG A 10 10.70 17.64 -0.68
CA ARG A 10 10.49 17.88 -2.11
C ARG A 10 9.41 16.95 -2.66
N GLN A 11 9.63 15.65 -2.53
CA GLN A 11 8.68 14.66 -3.02
C GLN A 11 8.80 13.35 -2.23
N PRO A 12 7.65 12.75 -1.91
CA PRO A 12 7.60 11.49 -1.16
C PRO A 12 8.58 10.45 -1.71
N PRO A 13 9.15 9.64 -0.80
CA PRO A 13 10.09 8.59 -1.18
C PRO A 13 9.61 7.76 -2.37
N SER A 14 10.54 7.39 -3.24
CA SER A 14 10.20 6.60 -4.43
C SER A 14 10.14 5.11 -4.07
N HIS A 15 8.91 4.62 -3.87
CA HIS A 15 8.70 3.22 -3.54
C HIS A 15 7.74 2.56 -4.51
N ARG A 16 7.89 1.25 -4.71
CA ARG A 16 7.02 0.51 -5.61
C ARG A 16 5.98 -0.30 -4.83
N LYS A 17 6.42 -0.91 -3.74
CA LYS A 17 5.53 -1.72 -2.91
C LYS A 17 4.75 -0.84 -1.93
N LEU A 18 3.43 -0.95 -1.98
CA LEU A 18 2.57 -0.17 -1.09
C LEU A 18 2.00 -1.04 0.02
N PHE A 19 2.07 -0.54 1.25
CA PHE A 19 1.57 -1.27 2.41
C PHE A 19 0.13 -0.88 2.69
N VAL A 20 -0.71 -1.88 2.95
CA VAL A 20 -2.12 -1.65 3.26
C VAL A 20 -2.51 -2.26 4.59
N GLY A 21 -2.87 -1.41 5.54
CA GLY A 21 -3.26 -1.90 6.85
C GLY A 21 -4.71 -1.57 7.19
N MET A 22 -5.13 -1.90 8.40
CA MET A 22 -6.49 -1.65 8.84
C MET A 22 -7.49 -2.34 7.93
N LEU A 23 -7.18 -3.57 7.55
CA LEU A 23 -8.06 -4.36 6.67
C LEU A 23 -8.83 -5.40 7.47
N ASN A 24 -9.70 -6.14 6.78
CA ASN A 24 -10.50 -7.18 7.42
C ASN A 24 -10.28 -8.53 6.74
N LYS A 25 -10.83 -9.58 7.34
CA LYS A 25 -10.70 -10.93 6.78
C LYS A 25 -11.92 -11.29 5.95
N GLN A 26 -12.27 -10.41 5.00
CA GLN A 26 -13.41 -10.64 4.13
C GLN A 26 -13.02 -10.51 2.67
N GLN A 27 -12.38 -9.39 2.33
CA GLN A 27 -11.95 -9.14 0.96
C GLN A 27 -10.89 -10.15 0.53
N SER A 28 -10.65 -10.23 -0.77
CA SER A 28 -9.67 -11.17 -1.32
C SER A 28 -8.78 -10.48 -2.34
N GLU A 29 -7.81 -11.22 -2.87
CA GLU A 29 -6.88 -10.67 -3.86
C GLU A 29 -7.64 -10.02 -5.01
N ASP A 30 -8.78 -10.60 -5.37
CA ASP A 30 -9.60 -10.08 -6.45
C ASP A 30 -10.13 -8.70 -6.11
N ASP A 31 -10.85 -8.60 -5.00
CA ASP A 31 -11.41 -7.32 -4.56
C ASP A 31 -10.37 -6.21 -4.62
N VAL A 32 -9.23 -6.44 -3.97
CA VAL A 32 -8.15 -5.46 -3.96
C VAL A 32 -7.57 -5.25 -5.35
N ARG A 33 -7.41 -6.36 -6.08
CA ARG A 33 -6.87 -6.30 -7.43
C ARG A 33 -7.55 -5.21 -8.25
N ARG A 34 -8.83 -5.41 -8.53
CA ARG A 34 -9.60 -4.44 -9.32
C ARG A 34 -9.65 -3.08 -8.61
N LEU A 35 -10.06 -3.10 -7.35
CA LEU A 35 -10.15 -1.87 -6.56
C LEU A 35 -8.93 -0.98 -6.81
N PHE A 36 -7.77 -1.45 -6.39
CA PHE A 36 -6.53 -0.70 -6.56
C PHE A 36 -6.31 -0.35 -8.03
N GLU A 37 -5.98 -1.36 -8.83
CA GLU A 37 -5.74 -1.16 -10.25
C GLU A 37 -6.77 -0.20 -10.84
N ALA A 38 -7.94 -0.11 -10.21
CA ALA A 38 -9.00 0.77 -10.67
C ALA A 38 -8.45 2.15 -11.03
N PHE A 39 -7.28 2.48 -10.48
CA PHE A 39 -6.66 3.77 -10.73
C PHE A 39 -5.31 3.60 -11.44
N GLY A 40 -4.36 3.00 -10.72
CA GLY A 40 -3.04 2.78 -11.30
C GLY A 40 -2.72 1.30 -11.46
N ASN A 41 -2.19 0.95 -12.62
CA ASN A 41 -1.83 -0.44 -12.91
C ASN A 41 -1.10 -1.06 -11.73
N ILE A 42 -1.19 -2.39 -11.61
CA ILE A 42 -0.53 -3.11 -10.53
C ILE A 42 0.59 -3.99 -11.06
N GLU A 43 1.78 -3.85 -10.48
CA GLU A 43 2.93 -4.64 -10.90
C GLU A 43 2.92 -6.01 -10.23
N GLU A 44 2.51 -6.05 -8.97
CA GLU A 44 2.44 -7.30 -8.22
C GLU A 44 1.60 -7.14 -6.96
N CYS A 45 0.65 -8.05 -6.76
CA CYS A 45 -0.22 -8.01 -5.60
C CYS A 45 0.03 -9.20 -4.69
N THR A 46 -0.04 -8.97 -3.38
CA THR A 46 0.17 -10.02 -2.40
C THR A 46 -0.53 -9.72 -1.09
N ILE A 47 -1.03 -10.76 -0.43
CA ILE A 47 -1.73 -10.61 0.84
C ILE A 47 -0.90 -11.13 2.00
N LEU A 48 -1.03 -10.50 3.15
CA LEU A 48 -0.30 -10.91 4.34
C LEU A 48 -1.13 -11.86 5.20
N ARG A 49 -0.61 -13.07 5.41
CA ARG A 49 -1.30 -14.07 6.21
C ARG A 49 -0.35 -14.70 7.22
N GLY A 50 -0.56 -14.40 8.50
CA GLY A 50 0.29 -14.96 9.54
C GLY A 50 0.08 -16.45 9.73
N PRO A 51 0.28 -16.93 10.96
CA PRO A 51 0.12 -18.36 11.28
C PRO A 51 -1.15 -18.95 10.68
N ASP A 52 -1.14 -20.28 10.49
CA ASP A 52 -2.28 -20.98 9.92
C ASP A 52 -2.87 -20.19 8.75
N GLY A 53 -1.99 -19.64 7.92
CA GLY A 53 -2.44 -18.87 6.78
C GLY A 53 -3.71 -18.10 7.05
N ASN A 54 -3.67 -17.22 8.05
CA ASN A 54 -4.82 -16.42 8.42
C ASN A 54 -4.55 -14.94 8.20
N SER A 55 -5.23 -14.35 7.22
CA SER A 55 -5.06 -12.93 6.90
C SER A 55 -4.99 -12.10 8.18
N LYS A 56 -3.99 -11.23 8.26
CA LYS A 56 -3.81 -10.37 9.42
C LYS A 56 -4.26 -8.94 9.12
N GLY A 57 -5.27 -8.81 8.25
CA GLY A 57 -5.77 -7.51 7.89
C GLY A 57 -4.70 -6.61 7.29
N CYS A 58 -3.85 -7.19 6.45
CA CYS A 58 -2.78 -6.44 5.82
C CYS A 58 -2.41 -7.06 4.47
N ALA A 59 -1.89 -6.23 3.57
CA ALA A 59 -1.50 -6.69 2.25
C ALA A 59 -0.55 -5.71 1.57
N PHE A 60 0.07 -6.14 0.48
CA PHE A 60 1.00 -5.29 -0.25
C PHE A 60 0.61 -5.20 -1.72
N VAL A 61 0.61 -3.98 -2.26
CA VAL A 61 0.25 -3.76 -3.65
C VAL A 61 1.33 -2.94 -4.37
N LYS A 62 1.92 -3.54 -5.40
CA LYS A 62 2.96 -2.87 -6.17
C LYS A 62 2.39 -2.20 -7.41
N TYR A 63 2.91 -1.03 -7.74
CA TYR A 63 2.43 -0.29 -8.91
C TYR A 63 3.53 -0.16 -9.95
N SER A 64 3.17 0.38 -11.12
CA SER A 64 4.12 0.55 -12.20
C SER A 64 5.02 1.77 -11.95
N SER A 65 4.40 2.87 -11.57
CA SER A 65 5.13 4.11 -11.30
C SER A 65 4.61 4.79 -10.03
N HIS A 66 5.47 5.61 -9.42
CA HIS A 66 5.10 6.32 -8.19
C HIS A 66 3.78 7.07 -8.38
N ALA A 67 3.77 8.00 -9.34
CA ALA A 67 2.59 8.79 -9.63
C ALA A 67 1.32 7.97 -9.45
N GLU A 68 1.16 6.94 -10.28
CA GLU A 68 -0.01 6.07 -10.21
C GLU A 68 -0.26 5.62 -8.77
N ALA A 69 0.79 5.17 -8.11
CA ALA A 69 0.68 4.70 -6.74
C ALA A 69 0.06 5.77 -5.84
N GLN A 70 0.64 6.96 -5.85
CA GLN A 70 0.16 8.06 -5.04
C GLN A 70 -1.34 8.24 -5.23
N ALA A 71 -1.79 8.25 -6.48
CA ALA A 71 -3.21 8.41 -6.80
C ALA A 71 -4.05 7.37 -6.07
N ALA A 72 -3.63 6.11 -6.17
CA ALA A 72 -4.36 5.02 -5.51
C ALA A 72 -4.43 5.24 -4.01
N ILE A 73 -3.33 5.70 -3.42
CA ILE A 73 -3.27 5.94 -1.99
C ILE A 73 -4.33 6.95 -1.56
N ASN A 74 -4.11 8.22 -1.92
CA ASN A 74 -5.04 9.28 -1.57
C ASN A 74 -6.46 8.93 -2.03
N ALA A 75 -6.56 8.35 -3.21
CA ALA A 75 -7.85 7.97 -3.77
C ALA A 75 -8.59 7.01 -2.84
N LEU A 76 -7.85 6.07 -2.26
CA LEU A 76 -8.43 5.10 -1.34
C LEU A 76 -8.14 5.47 0.11
N HIS A 77 -6.88 5.36 0.50
CA HIS A 77 -6.47 5.70 1.87
C HIS A 77 -7.03 7.04 2.29
N GLY A 78 -7.60 7.10 3.49
CA GLY A 78 -8.16 8.34 3.99
C GLY A 78 -9.48 8.69 3.31
N SER A 79 -9.90 7.86 2.37
CA SER A 79 -11.14 8.09 1.64
C SER A 79 -12.30 7.30 2.27
N GLN A 80 -12.26 5.98 2.11
CA GLN A 80 -13.31 5.12 2.66
C GLN A 80 -12.84 4.48 3.96
N THR A 81 -13.68 3.60 4.51
CA THR A 81 -13.35 2.92 5.76
C THR A 81 -13.73 1.44 5.69
N MET A 82 -12.71 0.58 5.63
CA MET A 82 -12.94 -0.85 5.56
C MET A 82 -14.11 -1.26 6.44
N PRO A 83 -14.70 -2.43 6.13
CA PRO A 83 -15.84 -2.97 6.88
C PRO A 83 -15.45 -3.46 8.26
N GLY A 84 -15.84 -2.71 9.29
CA GLY A 84 -15.51 -3.08 10.65
C GLY A 84 -14.66 -2.04 11.36
N ALA A 85 -13.60 -1.59 10.68
CA ALA A 85 -12.72 -0.59 11.26
C ALA A 85 -13.40 0.75 11.38
N SER A 86 -13.03 1.53 12.39
CA SER A 86 -13.61 2.84 12.62
C SER A 86 -12.80 3.93 11.93
N SER A 87 -11.56 3.60 11.60
CA SER A 87 -10.66 4.55 10.93
C SER A 87 -10.62 4.30 9.43
N SER A 88 -10.39 5.36 8.67
CA SER A 88 -10.33 5.25 7.21
C SER A 88 -9.20 4.31 6.78
N LEU A 89 -9.32 3.76 5.58
CA LEU A 89 -8.31 2.85 5.06
C LEU A 89 -6.90 3.42 5.25
N VAL A 90 -5.92 2.52 5.32
CA VAL A 90 -4.53 2.94 5.50
C VAL A 90 -3.64 2.37 4.40
N VAL A 91 -3.15 3.24 3.53
CA VAL A 91 -2.29 2.82 2.43
C VAL A 91 -1.06 3.71 2.32
N LYS A 92 0.06 3.23 2.82
CA LYS A 92 1.31 3.99 2.78
C LYS A 92 2.44 3.14 2.18
N PHE A 93 3.41 3.81 1.57
CA PHE A 93 4.55 3.12 0.97
C PHE A 93 5.23 2.20 1.97
N ALA A 94 5.79 1.11 1.47
CA ALA A 94 6.47 0.14 2.33
C ALA A 94 7.98 0.36 2.31
N ASP A 95 8.64 0.06 3.42
CA ASP A 95 10.08 0.23 3.53
C ASP A 95 10.80 -1.01 3.01
N THR A 96 12.12 -0.91 2.89
CA THR A 96 12.93 -2.03 2.40
C THR A 96 14.20 -2.20 3.23
N ASP A 97 14.42 -3.41 3.71
CA ASP A 97 15.60 -3.71 4.51
C ASP A 97 16.31 -4.96 4.01
N LYS A 98 17.63 -4.88 3.86
CA LYS A 98 18.42 -6.00 3.39
C LYS A 98 19.33 -6.53 4.49
N GLU A 99 19.78 -7.77 4.34
CA GLU A 99 20.65 -8.39 5.33
C GLU A 99 22.05 -7.77 5.28
N SER A 100 22.69 -7.71 6.44
CA SER A 100 24.03 -7.13 6.54
C SER A 100 24.65 -7.44 7.90
N GLY A 101 25.78 -8.14 7.88
CA GLY A 101 26.47 -8.49 9.11
C GLY A 101 27.97 -8.52 8.95
N PRO A 102 28.60 -7.34 8.96
CA PRO A 102 30.06 -7.21 8.82
C PRO A 102 30.79 -7.56 10.10
N SER A 103 30.26 -7.11 11.23
CA SER A 103 30.87 -7.37 12.53
C SER A 103 32.19 -6.61 12.66
N SER A 104 32.21 -5.36 12.21
CA SER A 104 33.41 -4.54 12.27
C SER A 104 33.94 -4.46 13.70
N GLY A 105 35.24 -4.66 13.87
CA GLY A 105 35.84 -4.60 15.18
C GLY A 105 37.08 -3.74 15.21
N GLY A 1 -12.97 17.51 -2.63
CA GLY A 1 -11.76 16.70 -2.64
C GLY A 1 -10.55 17.46 -2.17
N SER A 2 -9.39 17.14 -2.74
CA SER A 2 -8.15 17.81 -2.36
C SER A 2 -7.32 18.14 -3.60
N SER A 3 -6.38 19.08 -3.45
CA SER A 3 -5.53 19.50 -4.55
C SER A 3 -4.19 18.78 -4.51
N GLY A 4 -3.52 18.87 -3.36
CA GLY A 4 -2.23 18.22 -3.21
C GLY A 4 -1.07 19.11 -3.63
N SER A 5 0.05 18.99 -2.93
CA SER A 5 1.23 19.80 -3.24
C SER A 5 1.89 19.34 -4.54
N SER A 6 2.82 20.14 -5.03
CA SER A 6 3.52 19.82 -6.27
C SER A 6 4.80 20.65 -6.40
N GLY A 7 5.87 20.00 -6.86
CA GLY A 7 7.13 20.70 -7.03
C GLY A 7 8.15 20.29 -5.97
N CYS A 8 8.52 19.01 -5.97
CA CYS A 8 9.49 18.50 -5.01
C CYS A 8 10.49 17.58 -5.69
N LEU A 9 11.69 17.49 -5.13
CA LEU A 9 12.74 16.65 -5.69
C LEU A 9 12.59 15.20 -5.21
N ARG A 10 11.34 14.75 -5.13
CA ARG A 10 11.06 13.38 -4.69
C ARG A 10 11.23 12.40 -5.84
N GLN A 11 12.23 11.53 -5.73
CA GLN A 11 12.50 10.55 -6.76
C GLN A 11 12.58 9.15 -6.16
N PRO A 12 11.42 8.54 -5.90
CA PRO A 12 11.33 7.20 -5.32
C PRO A 12 12.28 6.22 -6.00
N PRO A 13 12.64 5.14 -5.28
CA PRO A 13 13.54 4.10 -5.79
C PRO A 13 12.84 3.16 -6.77
N SER A 14 13.56 2.13 -7.20
CA SER A 14 13.01 1.16 -8.13
C SER A 14 11.88 0.36 -7.48
N HIS A 15 12.19 -0.32 -6.39
CA HIS A 15 11.20 -1.11 -5.68
C HIS A 15 10.14 -0.22 -5.04
N ARG A 16 8.97 -0.15 -5.67
CA ARG A 16 7.88 0.67 -5.16
C ARG A 16 6.76 -0.21 -4.58
N LYS A 17 6.87 -0.51 -3.29
CA LYS A 17 5.88 -1.34 -2.62
C LYS A 17 4.96 -0.49 -1.74
N LEU A 18 3.69 -0.86 -1.68
CA LEU A 18 2.72 -0.13 -0.88
C LEU A 18 2.15 -1.02 0.23
N PHE A 19 2.27 -0.57 1.47
CA PHE A 19 1.77 -1.33 2.61
C PHE A 19 0.33 -0.92 2.94
N VAL A 20 -0.57 -1.88 2.92
CA VAL A 20 -1.98 -1.63 3.21
C VAL A 20 -2.37 -2.23 4.56
N GLY A 21 -2.99 -1.41 5.40
CA GLY A 21 -3.41 -1.88 6.71
C GLY A 21 -4.89 -1.66 6.96
N MET A 22 -5.28 -1.67 8.22
CA MET A 22 -6.68 -1.47 8.59
C MET A 22 -7.61 -2.15 7.60
N LEU A 23 -7.27 -3.38 7.23
CA LEU A 23 -8.08 -4.15 6.29
C LEU A 23 -8.97 -5.15 7.02
N ASN A 24 -9.81 -5.84 6.26
CA ASN A 24 -10.71 -6.83 6.85
C ASN A 24 -10.39 -8.23 6.34
N LYS A 25 -10.75 -9.24 7.12
CA LYS A 25 -10.49 -10.63 6.76
C LYS A 25 -11.59 -11.16 5.84
N GLN A 26 -12.31 -10.24 5.18
CA GLN A 26 -13.38 -10.62 4.27
C GLN A 26 -12.97 -10.37 2.83
N GLN A 27 -12.20 -9.32 2.60
CA GLN A 27 -11.74 -8.98 1.26
C GLN A 27 -10.94 -10.12 0.65
N SER A 28 -10.85 -10.13 -0.67
CA SER A 28 -10.12 -11.17 -1.38
C SER A 28 -9.20 -10.57 -2.44
N GLU A 29 -8.23 -11.37 -2.91
CA GLU A 29 -7.29 -10.91 -3.92
C GLU A 29 -8.01 -10.20 -5.06
N ASP A 30 -9.03 -10.86 -5.61
CA ASP A 30 -9.80 -10.29 -6.71
C ASP A 30 -10.31 -8.90 -6.35
N ASP A 31 -10.89 -8.77 -5.16
CA ASP A 31 -11.41 -7.49 -4.71
C ASP A 31 -10.35 -6.40 -4.79
N VAL A 32 -9.34 -6.51 -3.92
CA VAL A 32 -8.26 -5.53 -3.90
C VAL A 32 -7.64 -5.36 -5.27
N ARG A 33 -7.21 -6.46 -5.88
CA ARG A 33 -6.61 -6.42 -7.20
C ARG A 33 -7.33 -5.42 -8.10
N ARG A 34 -8.60 -5.69 -8.38
CA ARG A 34 -9.40 -4.82 -9.22
C ARG A 34 -9.50 -3.42 -8.63
N LEU A 35 -9.93 -3.35 -7.38
CA LEU A 35 -10.08 -2.06 -6.69
C LEU A 35 -8.87 -1.17 -6.95
N PHE A 36 -7.71 -1.59 -6.46
CA PHE A 36 -6.49 -0.82 -6.64
C PHE A 36 -6.27 -0.50 -8.12
N GLU A 37 -5.93 -1.51 -8.90
CA GLU A 37 -5.69 -1.33 -10.33
C GLU A 37 -6.74 -0.42 -10.95
N ALA A 38 -7.94 -0.43 -10.37
CA ALA A 38 -9.04 0.40 -10.86
C ALA A 38 -8.55 1.81 -11.19
N PHE A 39 -7.44 2.20 -10.58
CA PHE A 39 -6.87 3.54 -10.80
C PHE A 39 -5.51 3.43 -11.49
N GLY A 40 -4.52 2.95 -10.75
CA GLY A 40 -3.19 2.81 -11.30
C GLY A 40 -2.78 1.36 -11.47
N ASN A 41 -2.14 1.05 -12.61
CA ASN A 41 -1.71 -0.30 -12.90
C ASN A 41 -1.05 -0.93 -11.67
N ILE A 42 -0.88 -2.25 -11.70
CA ILE A 42 -0.27 -2.97 -10.60
C ILE A 42 0.77 -3.97 -11.11
N GLU A 43 1.93 -3.96 -10.46
CA GLU A 43 3.01 -4.88 -10.85
C GLU A 43 2.91 -6.20 -10.11
N GLU A 44 2.58 -6.12 -8.82
CA GLU A 44 2.44 -7.32 -7.99
C GLU A 44 1.43 -7.10 -6.87
N CYS A 45 0.78 -8.18 -6.45
CA CYS A 45 -0.21 -8.10 -5.39
C CYS A 45 -0.19 -9.37 -4.53
N THR A 46 -0.30 -9.19 -3.22
CA THR A 46 -0.30 -10.31 -2.30
C THR A 46 -1.03 -9.96 -1.00
N ILE A 47 -1.60 -10.98 -0.36
CA ILE A 47 -2.32 -10.78 0.89
C ILE A 47 -1.56 -11.37 2.07
N LEU A 48 -1.58 -10.66 3.20
CA LEU A 48 -0.89 -11.12 4.40
C LEU A 48 -1.79 -12.00 5.25
N ARG A 49 -1.50 -13.30 5.28
CA ARG A 49 -2.29 -14.25 6.05
C ARG A 49 -1.39 -15.16 6.86
N GLY A 50 -1.43 -15.02 8.18
CA GLY A 50 -0.62 -15.85 9.05
C GLY A 50 -1.12 -17.27 9.13
N PRO A 51 -0.85 -17.93 10.27
CA PRO A 51 -1.27 -19.32 10.49
C PRO A 51 -2.72 -19.57 10.08
N ASP A 52 -3.04 -20.82 9.79
CA ASP A 52 -4.39 -21.19 9.38
C ASP A 52 -4.95 -20.18 8.38
N GLY A 53 -4.10 -19.75 7.45
CA GLY A 53 -4.52 -18.79 6.45
C GLY A 53 -5.44 -17.73 7.02
N ASN A 54 -5.11 -17.22 8.20
CA ASN A 54 -5.91 -16.20 8.84
C ASN A 54 -5.39 -14.80 8.50
N SER A 55 -6.11 -14.11 7.62
CA SER A 55 -5.72 -12.77 7.20
C SER A 55 -5.45 -11.88 8.41
N LYS A 56 -4.40 -11.07 8.32
CA LYS A 56 -4.04 -10.16 9.40
C LYS A 56 -4.43 -8.73 9.06
N GLY A 57 -5.54 -8.57 8.35
CA GLY A 57 -5.99 -7.24 7.97
C GLY A 57 -4.90 -6.41 7.35
N CYS A 58 -4.07 -7.04 6.52
CA CYS A 58 -2.97 -6.34 5.86
C CYS A 58 -2.65 -6.99 4.52
N ALA A 59 -2.02 -6.23 3.63
CA ALA A 59 -1.65 -6.74 2.31
C ALA A 59 -0.56 -5.87 1.68
N PHE A 60 0.04 -6.39 0.61
CA PHE A 60 1.10 -5.66 -0.09
C PHE A 60 0.76 -5.50 -1.58
N VAL A 61 0.88 -4.27 -2.07
CA VAL A 61 0.59 -3.98 -3.47
C VAL A 61 1.74 -3.24 -4.13
N LYS A 62 1.92 -3.46 -5.42
CA LYS A 62 2.99 -2.80 -6.17
C LYS A 62 2.43 -2.12 -7.41
N TYR A 63 2.93 -0.91 -7.69
CA TYR A 63 2.49 -0.14 -8.84
C TYR A 63 3.63 0.04 -9.84
N SER A 64 3.31 0.64 -10.98
CA SER A 64 4.29 0.87 -12.03
C SER A 64 5.13 2.12 -11.72
N SER A 65 4.45 3.21 -11.38
CA SER A 65 5.12 4.46 -11.06
C SER A 65 4.54 5.09 -9.80
N HIS A 66 5.18 6.15 -9.33
CA HIS A 66 4.73 6.84 -8.13
C HIS A 66 3.38 7.53 -8.36
N ALA A 67 3.33 8.38 -9.38
CA ALA A 67 2.10 9.10 -9.71
C ALA A 67 0.88 8.21 -9.51
N GLU A 68 0.80 7.14 -10.31
CA GLU A 68 -0.32 6.22 -10.24
C GLU A 68 -0.57 5.78 -8.80
N ALA A 69 0.49 5.39 -8.11
CA ALA A 69 0.40 4.96 -6.72
C ALA A 69 -0.27 6.01 -5.86
N GLN A 70 0.32 7.21 -5.84
CA GLN A 70 -0.23 8.31 -5.04
C GLN A 70 -1.75 8.39 -5.20
N ALA A 71 -2.20 8.40 -6.45
CA ALA A 71 -3.64 8.47 -6.73
C ALA A 71 -4.40 7.39 -5.98
N ALA A 72 -4.00 6.15 -6.16
CA ALA A 72 -4.64 5.02 -5.49
C ALA A 72 -4.65 5.20 -3.98
N ILE A 73 -3.60 5.84 -3.47
CA ILE A 73 -3.49 6.09 -2.03
C ILE A 73 -4.59 7.02 -1.54
N ASN A 74 -4.44 8.31 -1.85
CA ASN A 74 -5.42 9.30 -1.44
C ASN A 74 -6.84 8.85 -1.79
N ALA A 75 -7.00 8.30 -2.99
CA ALA A 75 -8.29 7.82 -3.45
C ALA A 75 -8.89 6.83 -2.46
N LEU A 76 -8.07 5.92 -1.97
CA LEU A 76 -8.52 4.91 -1.02
C LEU A 76 -8.09 5.28 0.40
N HIS A 77 -6.80 5.19 0.67
CA HIS A 77 -6.26 5.52 1.99
C HIS A 77 -6.77 6.88 2.45
N GLY A 78 -7.29 6.92 3.68
CA GLY A 78 -7.79 8.17 4.22
C GLY A 78 -9.14 8.56 3.62
N SER A 79 -9.56 7.84 2.59
CA SER A 79 -10.82 8.12 1.93
C SER A 79 -11.90 7.15 2.41
N GLN A 80 -11.78 5.88 2.01
CA GLN A 80 -12.74 4.86 2.40
C GLN A 80 -12.32 4.18 3.69
N THR A 81 -13.30 3.63 4.41
CA THR A 81 -13.03 2.95 5.67
C THR A 81 -13.44 1.49 5.60
N MET A 82 -12.45 0.62 5.42
CA MET A 82 -12.71 -0.82 5.34
C MET A 82 -13.79 -1.24 6.33
N PRO A 83 -14.74 -2.06 5.86
CA PRO A 83 -15.84 -2.56 6.70
C PRO A 83 -15.36 -3.11 8.03
N GLY A 84 -16.00 -2.69 9.10
CA GLY A 84 -15.63 -3.15 10.43
C GLY A 84 -14.75 -2.16 11.17
N ALA A 85 -13.79 -1.57 10.45
CA ALA A 85 -12.88 -0.60 11.05
C ALA A 85 -13.52 0.78 11.11
N SER A 86 -13.21 1.53 12.16
CA SER A 86 -13.77 2.86 12.34
C SER A 86 -12.81 3.91 11.78
N SER A 87 -11.58 3.52 11.53
CA SER A 87 -10.58 4.43 10.99
C SER A 87 -10.41 4.22 9.49
N SER A 88 -10.21 5.33 8.77
CA SER A 88 -10.04 5.27 7.31
C SER A 88 -8.91 4.31 6.94
N LEU A 89 -8.97 3.81 5.71
CA LEU A 89 -7.96 2.88 5.22
C LEU A 89 -6.56 3.46 5.41
N VAL A 90 -5.55 2.58 5.40
CA VAL A 90 -4.17 3.00 5.58
C VAL A 90 -3.28 2.39 4.49
N VAL A 91 -2.75 3.25 3.62
CA VAL A 91 -1.87 2.80 2.55
C VAL A 91 -0.69 3.74 2.36
N LYS A 92 0.50 3.25 2.65
CA LYS A 92 1.71 4.05 2.52
C LYS A 92 2.79 3.30 1.74
N PHE A 93 3.83 4.01 1.33
CA PHE A 93 4.92 3.40 0.58
C PHE A 93 5.77 2.50 1.48
N ALA A 94 5.64 1.19 1.27
CA ALA A 94 6.38 0.22 2.07
C ALA A 94 7.84 0.16 1.63
N ASP A 95 8.71 0.80 2.41
CA ASP A 95 10.14 0.81 2.10
C ASP A 95 10.94 0.13 3.20
N THR A 96 11.82 -0.78 2.81
CA THR A 96 12.65 -1.50 3.77
C THR A 96 13.96 -0.77 4.03
N ASP A 97 14.00 -0.02 5.13
CA ASP A 97 15.20 0.74 5.49
C ASP A 97 15.68 0.34 6.88
N LYS A 98 16.43 -0.75 6.96
CA LYS A 98 16.96 -1.23 8.23
C LYS A 98 18.13 -2.18 8.01
N GLU A 99 19.15 -2.06 8.85
CA GLU A 99 20.32 -2.91 8.75
C GLU A 99 20.39 -3.90 9.92
N SER A 100 20.84 -5.11 9.64
CA SER A 100 20.95 -6.15 10.65
C SER A 100 21.99 -7.19 10.26
N GLY A 101 23.13 -7.17 10.94
CA GLY A 101 24.19 -8.12 10.66
C GLY A 101 25.26 -8.15 11.73
N PRO A 102 25.02 -8.96 12.78
CA PRO A 102 25.95 -9.10 13.90
C PRO A 102 27.39 -9.26 13.44
N SER A 103 27.61 -10.18 12.51
CA SER A 103 28.95 -10.44 11.99
C SER A 103 28.88 -11.22 10.67
N SER A 104 29.33 -10.58 9.60
CA SER A 104 29.32 -11.21 8.29
C SER A 104 30.70 -11.78 7.94
N GLY A 105 30.73 -13.06 7.57
CA GLY A 105 31.98 -13.70 7.21
C GLY A 105 32.05 -15.14 7.67
N GLY A 1 -17.99 21.31 -1.07
CA GLY A 1 -17.97 22.46 -0.19
C GLY A 1 -16.63 22.67 0.49
N SER A 2 -15.59 22.83 -0.33
CA SER A 2 -14.23 23.03 0.19
C SER A 2 -13.45 24.00 -0.69
N SER A 3 -12.85 24.99 -0.05
CA SER A 3 -12.06 26.00 -0.78
C SER A 3 -10.67 26.16 -0.16
N GLY A 4 -9.64 26.10 -0.99
CA GLY A 4 -8.29 26.25 -0.50
C GLY A 4 -7.79 25.00 0.21
N SER A 5 -6.54 24.66 -0.02
CA SER A 5 -5.94 23.48 0.61
C SER A 5 -4.73 23.87 1.46
N SER A 6 -4.20 22.90 2.20
CA SER A 6 -3.06 23.14 3.07
C SER A 6 -1.92 22.18 2.73
N GLY A 7 -0.85 22.71 2.14
CA GLY A 7 0.29 21.90 1.78
C GLY A 7 1.57 22.37 2.44
N CYS A 8 2.35 21.42 2.95
CA CYS A 8 3.61 21.74 3.62
C CYS A 8 4.77 21.04 2.94
N LEU A 9 4.52 19.83 2.44
CA LEU A 9 5.56 19.05 1.76
C LEU A 9 5.77 19.55 0.34
N ARG A 10 6.96 19.30 -0.19
CA ARG A 10 7.30 19.72 -1.55
C ARG A 10 7.14 18.56 -2.53
N GLN A 11 7.80 17.44 -2.22
CA GLN A 11 7.73 16.26 -3.08
C GLN A 11 7.61 14.99 -2.25
N PRO A 12 6.75 14.06 -2.70
CA PRO A 12 6.53 12.79 -2.01
C PRO A 12 7.64 11.78 -2.27
N PRO A 13 7.93 10.94 -1.26
CA PRO A 13 8.97 9.92 -1.36
C PRO A 13 8.88 9.13 -2.66
N SER A 14 9.82 8.20 -2.84
CA SER A 14 9.85 7.38 -4.04
C SER A 14 9.94 5.90 -3.69
N HIS A 15 8.88 5.16 -4.00
CA HIS A 15 8.83 3.73 -3.71
C HIS A 15 8.00 2.99 -4.76
N ARG A 16 8.02 1.66 -4.70
CA ARG A 16 7.27 0.84 -5.64
C ARG A 16 6.24 -0.01 -4.92
N LYS A 17 6.58 -0.44 -3.71
CA LYS A 17 5.69 -1.27 -2.91
C LYS A 17 4.81 -0.41 -2.01
N LEU A 18 3.62 -0.92 -1.68
CA LEU A 18 2.69 -0.20 -0.83
C LEU A 18 2.11 -1.11 0.24
N PHE A 19 2.19 -0.67 1.50
CA PHE A 19 1.68 -1.46 2.62
C PHE A 19 0.25 -1.04 2.96
N VAL A 20 -0.66 -2.00 2.91
CA VAL A 20 -2.07 -1.74 3.21
C VAL A 20 -2.50 -2.47 4.47
N GLY A 21 -3.24 -1.77 5.32
CA GLY A 21 -3.71 -2.38 6.56
C GLY A 21 -5.16 -2.04 6.85
N MET A 22 -5.56 -2.19 8.11
CA MET A 22 -6.93 -1.90 8.52
C MET A 22 -7.92 -2.54 7.57
N LEU A 23 -7.52 -3.64 6.95
CA LEU A 23 -8.39 -4.35 6.01
C LEU A 23 -9.31 -5.32 6.74
N ASN A 24 -10.31 -5.83 6.02
CA ASN A 24 -11.27 -6.76 6.60
C ASN A 24 -11.00 -8.18 6.10
N LYS A 25 -11.48 -9.16 6.86
CA LYS A 25 -11.30 -10.56 6.50
C LYS A 25 -12.39 -11.02 5.55
N GLN A 26 -12.79 -10.14 4.64
CA GLN A 26 -13.82 -10.47 3.66
C GLN A 26 -13.28 -10.42 2.24
N GLN A 27 -12.69 -9.28 1.88
CA GLN A 27 -12.12 -9.11 0.55
C GLN A 27 -10.90 -10.00 0.35
N SER A 28 -10.68 -10.43 -0.88
CA SER A 28 -9.55 -11.30 -1.20
C SER A 28 -8.68 -10.69 -2.30
N GLU A 29 -7.58 -11.35 -2.61
CA GLU A 29 -6.67 -10.87 -3.64
C GLU A 29 -7.44 -10.40 -4.88
N ASP A 30 -8.59 -11.02 -5.12
CA ASP A 30 -9.43 -10.67 -6.26
C ASP A 30 -10.01 -9.26 -6.09
N ASP A 31 -10.78 -9.07 -5.03
CA ASP A 31 -11.39 -7.78 -4.75
C ASP A 31 -10.34 -6.67 -4.73
N VAL A 32 -9.22 -6.93 -4.06
CA VAL A 32 -8.14 -5.96 -3.96
C VAL A 32 -7.51 -5.70 -5.32
N ARG A 33 -7.35 -6.76 -6.10
CA ARG A 33 -6.75 -6.67 -7.43
C ARG A 33 -7.49 -5.63 -8.28
N ARG A 34 -8.76 -5.89 -8.54
CA ARG A 34 -9.58 -4.98 -9.34
C ARG A 34 -9.64 -3.60 -8.70
N LEU A 35 -10.07 -3.57 -7.44
CA LEU A 35 -10.18 -2.31 -6.70
C LEU A 35 -8.97 -1.42 -6.97
N PHE A 36 -7.80 -1.86 -6.51
CA PHE A 36 -6.57 -1.10 -6.70
C PHE A 36 -6.39 -0.71 -8.16
N GLU A 37 -6.06 -1.69 -8.99
CA GLU A 37 -5.86 -1.46 -10.41
C GLU A 37 -6.91 -0.51 -10.97
N ALA A 38 -8.11 -0.56 -10.39
CA ALA A 38 -9.20 0.31 -10.82
C ALA A 38 -8.70 1.71 -11.13
N PHE A 39 -7.59 2.09 -10.50
CA PHE A 39 -7.01 3.41 -10.71
C PHE A 39 -5.67 3.32 -11.45
N GLY A 40 -4.64 2.88 -10.72
CA GLY A 40 -3.33 2.76 -11.33
C GLY A 40 -2.92 1.31 -11.54
N ASN A 41 -2.25 1.04 -12.65
CA ASN A 41 -1.81 -0.32 -12.97
C ASN A 41 -1.05 -0.93 -11.79
N ILE A 42 -1.03 -2.26 -11.74
CA ILE A 42 -0.35 -2.97 -10.67
C ILE A 42 0.78 -3.84 -11.21
N GLU A 43 1.94 -3.78 -10.56
CA GLU A 43 3.09 -4.57 -10.98
C GLU A 43 3.12 -5.92 -10.28
N GLU A 44 2.81 -5.91 -8.98
CA GLU A 44 2.80 -7.15 -8.20
C GLU A 44 1.92 -7.00 -6.96
N CYS A 45 1.21 -8.05 -6.60
CA CYS A 45 0.34 -8.03 -5.43
C CYS A 45 0.53 -9.29 -4.59
N THR A 46 0.41 -9.14 -3.27
CA THR A 46 0.56 -10.26 -2.36
C THR A 46 -0.25 -10.06 -1.09
N ILE A 47 -0.96 -11.11 -0.67
CA ILE A 47 -1.78 -11.04 0.53
C ILE A 47 -0.96 -11.39 1.78
N LEU A 48 -1.03 -10.52 2.78
CA LEU A 48 -0.30 -10.75 4.02
C LEU A 48 -1.19 -11.41 5.07
N ARG A 49 -0.84 -12.63 5.45
CA ARG A 49 -1.62 -13.37 6.45
C ARG A 49 -0.85 -14.59 6.93
N GLY A 50 -1.03 -14.92 8.22
CA GLY A 50 -0.34 -16.06 8.78
C GLY A 50 -0.76 -17.37 8.14
N PRO A 51 0.12 -18.38 8.21
CA PRO A 51 -0.14 -19.71 7.64
C PRO A 51 -1.54 -20.21 7.97
N ASP A 52 -1.95 -20.03 9.23
CA ASP A 52 -3.27 -20.47 9.67
C ASP A 52 -4.31 -20.25 8.58
N GLY A 53 -4.28 -19.07 7.97
CA GLY A 53 -5.23 -18.77 6.91
C GLY A 53 -6.01 -17.50 7.19
N ASN A 54 -6.32 -17.27 8.46
CA ASN A 54 -7.08 -16.09 8.86
C ASN A 54 -6.35 -14.81 8.45
N SER A 55 -6.76 -14.23 7.33
CA SER A 55 -6.14 -13.01 6.82
C SER A 55 -5.73 -12.10 7.98
N LYS A 56 -4.62 -11.39 7.79
CA LYS A 56 -4.10 -10.49 8.81
C LYS A 56 -4.43 -9.03 8.47
N GLY A 57 -5.62 -8.82 7.90
CA GLY A 57 -6.03 -7.48 7.53
C GLY A 57 -4.88 -6.66 6.98
N CYS A 58 -4.06 -7.27 6.15
CA CYS A 58 -2.92 -6.59 5.55
C CYS A 58 -2.53 -7.23 4.22
N ALA A 59 -2.02 -6.42 3.31
CA ALA A 59 -1.61 -6.92 2.00
C ALA A 59 -0.68 -5.92 1.30
N PHE A 60 0.24 -6.44 0.49
CA PHE A 60 1.19 -5.60 -0.22
C PHE A 60 0.73 -5.37 -1.66
N VAL A 61 0.96 -4.16 -2.16
CA VAL A 61 0.58 -3.81 -3.53
C VAL A 61 1.61 -2.90 -4.17
N LYS A 62 1.99 -3.24 -5.41
CA LYS A 62 2.98 -2.45 -6.14
C LYS A 62 2.36 -1.83 -7.38
N TYR A 63 2.93 -0.72 -7.84
CA TYR A 63 2.43 -0.02 -9.01
C TYR A 63 3.56 0.21 -10.03
N SER A 64 3.18 0.68 -11.22
CA SER A 64 4.16 0.93 -12.28
C SER A 64 5.04 2.11 -11.92
N SER A 65 4.41 3.21 -11.49
CA SER A 65 5.15 4.42 -11.12
C SER A 65 4.59 5.03 -9.84
N HIS A 66 5.30 6.01 -9.31
CA HIS A 66 4.87 6.67 -8.08
C HIS A 66 3.51 7.34 -8.27
N ALA A 67 3.42 8.23 -9.25
CA ALA A 67 2.18 8.94 -9.53
C ALA A 67 0.97 8.03 -9.32
N GLU A 68 0.86 6.99 -10.15
CA GLU A 68 -0.25 6.05 -10.05
C GLU A 68 -0.44 5.58 -8.62
N ALA A 69 0.66 5.23 -7.95
CA ALA A 69 0.60 4.78 -6.57
C ALA A 69 -0.12 5.79 -5.69
N GLN A 70 0.35 7.03 -5.71
CA GLN A 70 -0.25 8.09 -4.91
C GLN A 70 -1.76 8.12 -5.09
N ALA A 71 -2.20 8.22 -6.35
CA ALA A 71 -3.62 8.26 -6.66
C ALA A 71 -4.38 7.18 -5.90
N ALA A 72 -3.95 5.94 -6.09
CA ALA A 72 -4.59 4.81 -5.41
C ALA A 72 -4.61 5.00 -3.90
N ILE A 73 -3.53 5.59 -3.38
CA ILE A 73 -3.41 5.83 -1.95
C ILE A 73 -4.49 6.81 -1.47
N ASN A 74 -4.29 8.08 -1.77
CA ASN A 74 -5.24 9.12 -1.38
C ASN A 74 -6.66 8.72 -1.74
N ALA A 75 -6.82 8.15 -2.92
CA ALA A 75 -8.14 7.71 -3.39
C ALA A 75 -8.83 6.83 -2.35
N LEU A 76 -8.09 5.84 -1.86
CA LEU A 76 -8.64 4.92 -0.87
C LEU A 76 -8.16 5.28 0.54
N HIS A 77 -6.86 5.16 0.76
CA HIS A 77 -6.26 5.48 2.05
C HIS A 77 -6.67 6.87 2.51
N GLY A 78 -7.17 6.97 3.74
CA GLY A 78 -7.60 8.24 4.27
C GLY A 78 -8.90 8.72 3.67
N SER A 79 -9.41 7.97 2.69
CA SER A 79 -10.66 8.32 2.02
C SER A 79 -11.81 7.51 2.58
N GLN A 80 -11.80 6.21 2.32
CA GLN A 80 -12.85 5.32 2.80
C GLN A 80 -12.46 4.66 4.12
N THR A 81 -13.40 3.95 4.72
CA THR A 81 -13.15 3.28 5.99
C THR A 81 -13.66 1.83 5.95
N MET A 82 -12.76 0.92 5.60
CA MET A 82 -13.12 -0.49 5.53
C MET A 82 -14.10 -0.87 6.63
N PRO A 83 -15.13 -1.65 6.26
CA PRO A 83 -16.16 -2.10 7.21
C PRO A 83 -15.57 -2.67 8.49
N GLY A 84 -15.99 -2.11 9.63
CA GLY A 84 -15.49 -2.58 10.91
C GLY A 84 -14.57 -1.57 11.57
N ALA A 85 -13.59 -1.08 10.82
CA ALA A 85 -12.65 -0.11 11.35
C ALA A 85 -13.27 1.28 11.41
N SER A 86 -12.83 2.08 12.38
CA SER A 86 -13.34 3.43 12.55
C SER A 86 -12.47 4.45 11.83
N SER A 87 -11.24 4.04 11.52
CA SER A 87 -10.29 4.92 10.84
C SER A 87 -10.24 4.59 9.34
N SER A 88 -10.00 5.62 8.53
CA SER A 88 -9.93 5.45 7.08
C SER A 88 -8.80 4.50 6.70
N LEU A 89 -8.99 3.74 5.63
CA LEU A 89 -8.00 2.79 5.16
C LEU A 89 -6.59 3.35 5.35
N VAL A 90 -5.62 2.46 5.51
CA VAL A 90 -4.23 2.85 5.70
C VAL A 90 -3.33 2.23 4.64
N VAL A 91 -2.91 3.05 3.68
CA VAL A 91 -2.04 2.58 2.60
C VAL A 91 -0.86 3.52 2.39
N LYS A 92 0.30 3.14 2.91
CA LYS A 92 1.50 3.96 2.77
C LYS A 92 2.59 3.19 2.01
N PHE A 93 3.63 3.92 1.61
CA PHE A 93 4.74 3.30 0.88
C PHE A 93 5.59 2.44 1.81
N ALA A 94 5.61 1.15 1.53
CA ALA A 94 6.38 0.21 2.33
C ALA A 94 7.77 0.77 2.65
N ASP A 95 8.26 0.48 3.85
CA ASP A 95 9.57 0.95 4.28
C ASP A 95 10.60 -0.17 4.24
N THR A 96 10.43 -1.16 5.11
CA THR A 96 11.33 -2.30 5.18
C THR A 96 11.46 -2.98 3.82
N ASP A 97 12.70 -3.13 3.35
CA ASP A 97 12.96 -3.76 2.07
C ASP A 97 13.89 -4.95 2.23
N LYS A 98 13.32 -6.11 2.55
CA LYS A 98 14.10 -7.33 2.74
C LYS A 98 14.89 -7.67 1.48
N GLU A 99 16.13 -8.11 1.67
CA GLU A 99 16.99 -8.47 0.55
C GLU A 99 17.84 -9.69 0.88
N SER A 100 18.54 -10.21 -0.13
CA SER A 100 19.39 -11.38 0.06
C SER A 100 20.26 -11.63 -1.17
N GLY A 101 21.57 -11.47 -1.00
CA GLY A 101 22.49 -11.66 -2.11
C GLY A 101 22.62 -13.13 -2.47
N PRO A 102 22.82 -13.40 -3.78
CA PRO A 102 22.97 -14.76 -4.30
C PRO A 102 24.36 -15.32 -4.04
N SER A 103 25.37 -14.45 -4.07
CA SER A 103 26.75 -14.86 -3.85
C SER A 103 26.88 -15.60 -2.52
N SER A 104 27.76 -16.61 -2.50
CA SER A 104 27.98 -17.40 -1.30
C SER A 104 29.09 -16.80 -0.45
N GLY A 105 30.26 -16.63 -1.06
CA GLY A 105 31.39 -16.06 -0.35
C GLY A 105 32.68 -16.15 -1.14
N GLY A 1 19.11 -6.98 5.33
CA GLY A 1 19.05 -8.14 4.45
C GLY A 1 19.06 -7.75 2.98
N SER A 2 18.10 -6.93 2.58
CA SER A 2 18.01 -6.49 1.19
C SER A 2 18.68 -5.13 1.01
N SER A 3 19.95 -5.05 1.39
CA SER A 3 20.71 -3.82 1.25
C SER A 3 21.63 -3.86 0.04
N GLY A 4 21.11 -4.39 -1.06
CA GLY A 4 21.90 -4.49 -2.28
C GLY A 4 21.07 -4.93 -3.47
N SER A 5 20.59 -6.16 -3.43
CA SER A 5 19.79 -6.71 -4.52
C SER A 5 18.94 -7.89 -4.04
N SER A 6 17.70 -7.95 -4.52
CA SER A 6 16.80 -9.02 -4.13
C SER A 6 16.79 -10.13 -5.18
N GLY A 7 16.59 -9.76 -6.44
CA GLY A 7 16.57 -10.74 -7.51
C GLY A 7 16.25 -10.11 -8.85
N CYS A 8 17.28 -9.93 -9.67
CA CYS A 8 17.11 -9.34 -11.00
C CYS A 8 16.21 -10.21 -11.87
N LEU A 9 15.06 -9.68 -12.25
CA LEU A 9 14.11 -10.40 -13.08
C LEU A 9 14.02 -9.79 -14.48
N ARG A 10 13.40 -10.52 -15.41
CA ARG A 10 13.24 -10.03 -16.77
C ARG A 10 12.35 -8.79 -16.82
N GLN A 11 11.25 -8.82 -16.08
CA GLN A 11 10.32 -7.70 -16.03
C GLN A 11 11.05 -6.41 -15.67
N PRO A 12 10.53 -5.28 -16.19
CA PRO A 12 11.12 -3.96 -15.94
C PRO A 12 11.48 -3.75 -14.47
N PRO A 13 12.53 -2.95 -14.23
CA PRO A 13 12.99 -2.65 -12.88
C PRO A 13 12.13 -1.60 -12.18
N SER A 14 11.32 -2.04 -11.23
CA SER A 14 10.43 -1.15 -10.49
C SER A 14 10.45 -1.47 -9.01
N HIS A 15 11.12 -0.63 -8.23
CA HIS A 15 11.21 -0.83 -6.79
C HIS A 15 10.24 0.09 -6.05
N ARG A 16 9.01 -0.39 -5.85
CA ARG A 16 7.99 0.39 -5.17
C ARG A 16 6.85 -0.51 -4.69
N LYS A 17 6.67 -0.59 -3.38
CA LYS A 17 5.63 -1.42 -2.79
C LYS A 17 4.70 -0.58 -1.92
N LEU A 18 3.45 -1.01 -1.80
CA LEU A 18 2.46 -0.30 -0.99
C LEU A 18 1.97 -1.18 0.15
N PHE A 19 1.91 -0.61 1.35
CA PHE A 19 1.46 -1.34 2.52
C PHE A 19 0.03 -0.95 2.88
N VAL A 20 -0.89 -1.89 2.76
CA VAL A 20 -2.30 -1.65 3.07
C VAL A 20 -2.71 -2.36 4.36
N GLY A 21 -2.98 -1.58 5.40
CA GLY A 21 -3.38 -2.15 6.67
C GLY A 21 -4.83 -1.85 7.00
N MET A 22 -5.17 -1.99 8.29
CA MET A 22 -6.54 -1.73 8.73
C MET A 22 -7.55 -2.41 7.81
N LEU A 23 -7.24 -3.64 7.42
CA LEU A 23 -8.13 -4.39 6.53
C LEU A 23 -8.97 -5.40 7.33
N ASN A 24 -9.94 -6.01 6.66
CA ASN A 24 -10.81 -7.00 7.30
C ASN A 24 -10.58 -8.39 6.72
N LYS A 25 -11.19 -9.38 7.35
CA LYS A 25 -11.06 -10.76 6.90
C LYS A 25 -12.18 -11.13 5.95
N GLN A 26 -12.51 -10.22 5.04
CA GLN A 26 -13.57 -10.46 4.07
C GLN A 26 -13.06 -10.28 2.64
N GLN A 27 -12.27 -9.23 2.42
CA GLN A 27 -11.72 -8.95 1.10
C GLN A 27 -10.78 -10.07 0.67
N SER A 28 -10.54 -10.16 -0.64
CA SER A 28 -9.66 -11.19 -1.19
C SER A 28 -8.66 -10.58 -2.17
N GLU A 29 -7.75 -11.41 -2.67
CA GLU A 29 -6.73 -10.95 -3.62
C GLU A 29 -7.38 -10.28 -4.82
N ASP A 30 -8.40 -10.93 -5.37
CA ASP A 30 -9.11 -10.40 -6.54
C ASP A 30 -9.69 -9.01 -6.23
N ASP A 31 -10.46 -8.93 -5.15
CA ASP A 31 -11.07 -7.67 -4.75
C ASP A 31 -10.07 -6.52 -4.82
N VAL A 32 -8.95 -6.69 -4.12
CA VAL A 32 -7.90 -5.67 -4.10
C VAL A 32 -7.28 -5.50 -5.49
N ARG A 33 -7.00 -6.62 -6.14
CA ARG A 33 -6.40 -6.59 -7.47
C ARG A 33 -7.15 -5.63 -8.39
N ARG A 34 -8.45 -5.83 -8.51
CA ARG A 34 -9.29 -4.99 -9.36
C ARG A 34 -9.46 -3.60 -8.74
N LEU A 35 -9.83 -3.56 -7.47
CA LEU A 35 -10.03 -2.31 -6.77
C LEU A 35 -8.84 -1.36 -6.99
N PHE A 36 -7.67 -1.78 -6.51
CA PHE A 36 -6.47 -0.98 -6.66
C PHE A 36 -6.22 -0.63 -8.12
N GLU A 37 -6.09 -1.65 -8.96
CA GLU A 37 -5.86 -1.46 -10.38
C GLU A 37 -6.99 -0.66 -11.02
N ALA A 38 -8.06 -0.46 -10.26
CA ALA A 38 -9.21 0.28 -10.75
C ALA A 38 -8.84 1.72 -11.08
N PHE A 39 -7.63 2.12 -10.68
CA PHE A 39 -7.15 3.47 -10.95
C PHE A 39 -5.87 3.44 -11.77
N GLY A 40 -4.79 2.95 -11.18
CA GLY A 40 -3.53 2.87 -11.87
C GLY A 40 -3.11 1.44 -12.19
N ASN A 41 -1.91 1.28 -12.72
CA ASN A 41 -1.41 -0.04 -13.07
C ASN A 41 -0.80 -0.74 -11.85
N ILE A 42 -0.85 -2.06 -11.84
CA ILE A 42 -0.30 -2.84 -10.75
C ILE A 42 0.77 -3.80 -11.23
N GLU A 43 1.93 -3.78 -10.57
CA GLU A 43 3.04 -4.65 -10.93
C GLU A 43 2.82 -6.06 -10.39
N GLU A 44 2.44 -6.15 -9.11
CA GLU A 44 2.20 -7.44 -8.48
C GLU A 44 1.44 -7.27 -7.18
N CYS A 45 0.55 -8.23 -6.89
CA CYS A 45 -0.25 -8.18 -5.67
C CYS A 45 0.03 -9.40 -4.79
N THR A 46 0.03 -9.18 -3.47
CA THR A 46 0.29 -10.26 -2.53
C THR A 46 -0.37 -9.98 -1.19
N ILE A 47 -1.32 -10.83 -0.81
CA ILE A 47 -2.03 -10.67 0.45
C ILE A 47 -1.24 -11.28 1.60
N LEU A 48 -1.17 -10.55 2.71
CA LEU A 48 -0.44 -11.02 3.88
C LEU A 48 -1.32 -11.92 4.74
N ARG A 49 -1.10 -13.23 4.65
CA ARG A 49 -1.88 -14.20 5.41
C ARG A 49 -0.97 -14.98 6.35
N GLY A 50 -1.44 -15.19 7.59
CA GLY A 50 -0.67 -15.93 8.56
C GLY A 50 -0.24 -17.29 8.05
N PRO A 51 0.23 -18.15 8.97
CA PRO A 51 0.69 -19.50 8.63
C PRO A 51 -0.47 -20.46 8.39
N ASP A 52 -1.45 -20.43 9.28
CA ASP A 52 -2.62 -21.29 9.16
C ASP A 52 -3.31 -21.09 7.82
N GLY A 53 -3.39 -19.84 7.38
CA GLY A 53 -4.03 -19.54 6.11
C GLY A 53 -5.14 -18.52 6.25
N ASN A 54 -4.96 -17.56 7.16
CA ASN A 54 -5.96 -16.53 7.39
C ASN A 54 -5.37 -15.15 7.14
N SER A 55 -6.21 -14.23 6.64
CA SER A 55 -5.77 -12.87 6.36
C SER A 55 -5.48 -12.11 7.66
N LYS A 56 -4.32 -11.45 7.70
CA LYS A 56 -3.92 -10.68 8.87
C LYS A 56 -4.32 -9.22 8.73
N GLY A 57 -5.37 -8.97 7.94
CA GLY A 57 -5.83 -7.61 7.74
C GLY A 57 -4.77 -6.72 7.14
N CYS A 58 -3.94 -7.28 6.27
CA CYS A 58 -2.87 -6.53 5.62
C CYS A 58 -2.49 -7.16 4.28
N ALA A 59 -1.95 -6.35 3.39
CA ALA A 59 -1.55 -6.82 2.07
C ALA A 59 -0.51 -5.90 1.45
N PHE A 60 0.21 -6.41 0.45
CA PHE A 60 1.25 -5.63 -0.23
C PHE A 60 0.95 -5.52 -1.72
N VAL A 61 0.78 -4.30 -2.21
CA VAL A 61 0.49 -4.06 -3.61
C VAL A 61 1.58 -3.22 -4.26
N LYS A 62 1.94 -3.56 -5.49
CA LYS A 62 2.98 -2.84 -6.22
C LYS A 62 2.39 -2.14 -7.45
N TYR A 63 2.94 -0.98 -7.77
CA TYR A 63 2.46 -0.21 -8.92
C TYR A 63 3.57 -0.02 -9.95
N SER A 64 3.24 0.58 -11.09
CA SER A 64 4.20 0.82 -12.15
C SER A 64 5.07 2.03 -11.81
N SER A 65 4.44 3.12 -11.39
CA SER A 65 5.15 4.34 -11.04
C SER A 65 4.67 4.89 -9.70
N HIS A 66 5.24 6.02 -9.29
CA HIS A 66 4.87 6.66 -8.04
C HIS A 66 3.53 7.38 -8.16
N ALA A 67 3.43 8.25 -9.17
CA ALA A 67 2.21 9.01 -9.41
C ALA A 67 0.98 8.14 -9.17
N GLU A 68 0.80 7.13 -10.01
CA GLU A 68 -0.34 6.24 -9.90
C GLU A 68 -0.52 5.77 -8.45
N ALA A 69 0.58 5.42 -7.81
CA ALA A 69 0.54 4.95 -6.43
C ALA A 69 -0.22 5.94 -5.54
N GLN A 70 0.20 7.20 -5.58
CA GLN A 70 -0.44 8.24 -4.78
C GLN A 70 -1.92 8.32 -5.07
N ALA A 71 -2.27 8.22 -6.35
CA ALA A 71 -3.66 8.28 -6.78
C ALA A 71 -4.52 7.27 -6.01
N ALA A 72 -4.05 6.03 -5.97
CA ALA A 72 -4.77 4.97 -5.27
C ALA A 72 -4.76 5.19 -3.76
N ILE A 73 -3.72 5.89 -3.29
CA ILE A 73 -3.58 6.17 -1.87
C ILE A 73 -4.61 7.19 -1.41
N ASN A 74 -4.51 8.41 -1.92
CA ASN A 74 -5.44 9.48 -1.57
C ASN A 74 -6.86 9.11 -1.95
N ALA A 75 -7.01 8.45 -3.10
CA ALA A 75 -8.33 8.05 -3.58
C ALA A 75 -8.95 7.01 -2.65
N LEU A 76 -8.10 6.27 -1.95
CA LEU A 76 -8.57 5.24 -1.03
C LEU A 76 -8.19 5.58 0.41
N HIS A 77 -6.91 5.40 0.73
CA HIS A 77 -6.41 5.69 2.07
C HIS A 77 -6.89 7.06 2.53
N GLY A 78 -7.47 7.11 3.73
CA GLY A 78 -7.97 8.36 4.28
C GLY A 78 -9.34 8.71 3.76
N SER A 79 -9.71 8.14 2.61
CA SER A 79 -11.01 8.41 2.01
C SER A 79 -12.05 7.41 2.51
N GLN A 80 -11.94 6.17 2.05
CA GLN A 80 -12.86 5.12 2.45
C GLN A 80 -12.39 4.42 3.71
N THR A 81 -13.33 3.82 4.44
CA THR A 81 -13.00 3.12 5.68
C THR A 81 -13.39 1.65 5.59
N MET A 82 -12.39 0.78 5.71
CA MET A 82 -12.62 -0.66 5.64
C MET A 82 -13.80 -1.06 6.53
N PRO A 83 -14.66 -1.95 6.01
CA PRO A 83 -15.84 -2.44 6.74
C PRO A 83 -15.49 -2.90 8.15
N GLY A 84 -16.00 -2.18 9.15
CA GLY A 84 -15.73 -2.53 10.53
C GLY A 84 -14.88 -1.49 11.24
N ALA A 85 -13.73 -1.18 10.66
CA ALA A 85 -12.82 -0.20 11.24
C ALA A 85 -13.46 1.19 11.27
N SER A 86 -13.15 1.95 12.31
CA SER A 86 -13.69 3.30 12.47
C SER A 86 -12.76 4.34 11.86
N SER A 87 -11.51 3.94 11.62
CA SER A 87 -10.52 4.83 11.05
C SER A 87 -10.35 4.58 9.56
N SER A 88 -10.28 5.67 8.79
CA SER A 88 -10.12 5.57 7.34
C SER A 88 -9.06 4.52 6.98
N LEU A 89 -9.08 4.09 5.72
CA LEU A 89 -8.13 3.09 5.24
C LEU A 89 -6.70 3.55 5.46
N VAL A 90 -5.77 2.61 5.52
CA VAL A 90 -4.37 2.91 5.71
C VAL A 90 -3.50 2.31 4.61
N VAL A 91 -2.96 3.17 3.76
CA VAL A 91 -2.11 2.71 2.66
C VAL A 91 -0.87 3.59 2.52
N LYS A 92 0.27 3.06 2.95
CA LYS A 92 1.52 3.79 2.88
C LYS A 92 2.63 2.91 2.29
N PHE A 93 3.54 3.53 1.54
CA PHE A 93 4.65 2.81 0.93
C PHE A 93 5.38 1.97 1.97
N ALA A 94 5.86 0.81 1.55
CA ALA A 94 6.59 -0.09 2.44
C ALA A 94 8.03 0.37 2.62
N ASP A 95 8.69 0.68 1.51
CA ASP A 95 10.07 1.14 1.55
C ASP A 95 10.14 2.67 1.68
N THR A 96 10.67 3.14 2.80
CA THR A 96 10.80 4.56 3.05
C THR A 96 11.98 5.16 2.29
N ASP A 97 11.82 6.38 1.81
CA ASP A 97 12.88 7.05 1.07
C ASP A 97 13.77 7.87 2.01
N LYS A 98 14.98 7.38 2.22
CA LYS A 98 15.93 8.06 3.11
C LYS A 98 17.36 7.64 2.77
N GLU A 99 18.32 8.46 3.19
CA GLU A 99 19.73 8.18 2.95
C GLU A 99 20.62 8.98 3.91
N SER A 100 21.85 8.51 4.08
CA SER A 100 22.80 9.17 4.97
C SER A 100 23.31 10.47 4.35
N GLY A 101 23.64 10.42 3.07
CA GLY A 101 24.12 11.60 2.38
C GLY A 101 23.03 12.59 2.06
N PRO A 102 23.41 13.84 1.78
CA PRO A 102 22.47 14.91 1.46
C PRO A 102 21.99 14.83 0.01
N SER A 103 22.14 13.67 -0.60
CA SER A 103 21.72 13.47 -1.99
C SER A 103 20.45 14.25 -2.29
N SER A 104 19.47 14.14 -1.39
CA SER A 104 18.20 14.83 -1.58
C SER A 104 17.42 14.87 -0.25
N GLY A 105 16.83 16.03 0.04
CA GLY A 105 16.07 16.17 1.26
C GLY A 105 14.64 15.67 1.12
N GLY A 1 27.64 16.16 2.97
CA GLY A 1 29.03 16.54 3.16
C GLY A 1 29.89 16.15 1.98
N SER A 2 31.09 15.66 2.26
CA SER A 2 32.03 15.26 1.21
C SER A 2 32.12 16.33 0.14
N SER A 3 32.19 17.59 0.58
CA SER A 3 32.29 18.71 -0.35
C SER A 3 31.40 18.49 -1.57
N GLY A 4 30.19 17.98 -1.33
CA GLY A 4 29.26 17.74 -2.42
C GLY A 4 28.10 16.85 -2.00
N SER A 5 28.23 15.55 -2.26
CA SER A 5 27.19 14.60 -1.91
C SER A 5 27.74 13.17 -1.90
N SER A 6 27.84 12.59 -0.71
CA SER A 6 28.35 11.23 -0.57
C SER A 6 28.01 10.66 0.82
N GLY A 7 27.81 9.35 0.88
CA GLY A 7 27.49 8.71 2.14
C GLY A 7 27.10 7.26 1.96
N CYS A 8 26.22 6.99 1.02
CA CYS A 8 25.76 5.64 0.76
C CYS A 8 26.33 5.11 -0.56
N LEU A 9 27.51 4.50 -0.49
CA LEU A 9 28.16 3.95 -1.68
C LEU A 9 27.16 3.22 -2.57
N ARG A 10 26.42 2.29 -1.96
CA ARG A 10 25.43 1.52 -2.70
C ARG A 10 24.02 1.84 -2.21
N GLN A 11 23.22 2.46 -3.08
CA GLN A 11 21.85 2.82 -2.74
C GLN A 11 20.97 1.60 -2.66
N PRO A 12 20.04 1.59 -1.68
CA PRO A 12 19.11 0.48 -1.48
C PRO A 12 18.48 0.00 -2.78
N PRO A 13 17.98 -1.25 -2.78
CA PRO A 13 17.33 -1.84 -3.96
C PRO A 13 16.35 -0.89 -4.63
N SER A 14 15.85 -1.29 -5.79
CA SER A 14 14.90 -0.47 -6.53
C SER A 14 13.57 -1.20 -6.69
N HIS A 15 12.57 -0.76 -5.93
CA HIS A 15 11.25 -1.37 -5.98
C HIS A 15 10.21 -0.49 -5.28
N ARG A 16 8.99 -0.49 -5.82
CA ARG A 16 7.91 0.32 -5.25
C ARG A 16 6.80 -0.57 -4.69
N LYS A 17 6.66 -0.57 -3.37
CA LYS A 17 5.64 -1.38 -2.72
C LYS A 17 4.72 -0.51 -1.87
N LEU A 18 3.48 -0.95 -1.70
CA LEU A 18 2.50 -0.21 -0.91
C LEU A 18 1.95 -1.07 0.22
N PHE A 19 2.08 -0.58 1.45
CA PHE A 19 1.59 -1.31 2.62
C PHE A 19 0.14 -0.90 2.94
N VAL A 20 -0.77 -1.86 2.85
CA VAL A 20 -2.17 -1.61 3.14
C VAL A 20 -2.61 -2.31 4.42
N GLY A 21 -3.29 -1.56 5.29
CA GLY A 21 -3.75 -2.13 6.55
C GLY A 21 -5.21 -1.85 6.81
N MET A 22 -5.62 -1.93 8.07
CA MET A 22 -7.01 -1.68 8.44
C MET A 22 -7.97 -2.39 7.50
N LEU A 23 -7.54 -3.54 6.99
CA LEU A 23 -8.37 -4.32 6.07
C LEU A 23 -9.32 -5.22 6.83
N ASN A 24 -10.07 -6.05 6.10
CA ASN A 24 -11.03 -6.97 6.70
C ASN A 24 -10.79 -8.39 6.22
N LYS A 25 -11.20 -9.36 7.02
CA LYS A 25 -11.04 -10.77 6.68
C LYS A 25 -12.14 -11.22 5.72
N GLN A 26 -12.45 -10.38 4.74
CA GLN A 26 -13.48 -10.69 3.76
C GLN A 26 -12.98 -10.44 2.35
N GLN A 27 -12.29 -9.33 2.16
CA GLN A 27 -11.76 -8.97 0.84
C GLN A 27 -10.91 -10.12 0.28
N SER A 28 -10.67 -10.08 -1.02
CA SER A 28 -9.88 -11.10 -1.69
C SER A 28 -8.89 -10.48 -2.67
N GLU A 29 -7.93 -11.27 -3.12
CA GLU A 29 -6.92 -10.79 -4.06
C GLU A 29 -7.57 -10.07 -5.24
N ASP A 30 -8.68 -10.62 -5.72
CA ASP A 30 -9.40 -10.02 -6.84
C ASP A 30 -9.97 -8.66 -6.46
N ASP A 31 -10.64 -8.61 -5.31
CA ASP A 31 -11.23 -7.36 -4.83
C ASP A 31 -10.18 -6.25 -4.76
N VAL A 32 -9.11 -6.50 -4.02
CA VAL A 32 -8.04 -5.52 -3.87
C VAL A 32 -7.31 -5.31 -5.19
N ARG A 33 -7.07 -6.40 -5.92
CA ARG A 33 -6.38 -6.33 -7.19
C ARG A 33 -7.09 -5.37 -8.15
N ARG A 34 -8.37 -5.63 -8.39
CA ARG A 34 -9.16 -4.80 -9.29
C ARG A 34 -9.28 -3.37 -8.74
N LEU A 35 -9.75 -3.26 -7.51
CA LEU A 35 -9.92 -1.96 -6.86
C LEU A 35 -8.70 -1.07 -7.12
N PHE A 36 -7.55 -1.49 -6.58
CA PHE A 36 -6.31 -0.73 -6.75
C PHE A 36 -6.07 -0.41 -8.21
N GLU A 37 -5.77 -1.44 -9.00
CA GLU A 37 -5.50 -1.27 -10.42
C GLU A 37 -6.56 -0.38 -11.07
N ALA A 38 -7.75 -0.36 -10.48
CA ALA A 38 -8.85 0.46 -10.99
C ALA A 38 -8.39 1.88 -11.27
N PHE A 39 -7.29 2.28 -10.62
CA PHE A 39 -6.76 3.63 -10.80
C PHE A 39 -5.39 3.57 -11.48
N GLY A 40 -4.44 2.91 -10.84
CA GLY A 40 -3.10 2.80 -11.39
C GLY A 40 -2.65 1.36 -11.54
N ASN A 41 -2.09 1.04 -12.70
CA ASN A 41 -1.61 -0.31 -12.97
C ASN A 41 -0.93 -0.91 -11.74
N ILE A 42 -0.79 -2.23 -11.72
CA ILE A 42 -0.15 -2.91 -10.61
C ILE A 42 0.91 -3.89 -11.10
N GLU A 43 2.06 -3.90 -10.44
CA GLU A 43 3.15 -4.80 -10.80
C GLU A 43 2.93 -6.19 -10.23
N GLU A 44 2.62 -6.26 -8.95
CA GLU A 44 2.38 -7.53 -8.28
C GLU A 44 1.49 -7.34 -7.05
N CYS A 45 0.73 -8.39 -6.72
CA CYS A 45 -0.17 -8.34 -5.57
C CYS A 45 0.04 -9.54 -4.66
N THR A 46 0.08 -9.30 -3.36
CA THR A 46 0.28 -10.36 -2.38
C THR A 46 -0.44 -10.06 -1.08
N ILE A 47 -1.14 -11.06 -0.55
CA ILE A 47 -1.88 -10.90 0.69
C ILE A 47 -1.05 -11.37 1.89
N LEU A 48 -1.11 -10.61 2.98
CA LEU A 48 -0.37 -10.96 4.19
C LEU A 48 -1.25 -11.75 5.16
N ARG A 49 -0.85 -12.99 5.44
CA ARG A 49 -1.59 -13.85 6.34
C ARG A 49 -0.67 -14.46 7.41
N GLY A 50 -0.79 -13.98 8.63
CA GLY A 50 0.04 -14.48 9.71
C GLY A 50 -0.21 -15.95 9.99
N PRO A 51 -0.05 -16.35 11.27
CA PRO A 51 -0.26 -17.74 11.70
C PRO A 51 -1.53 -18.33 11.13
N ASP A 52 -1.55 -19.65 10.98
CA ASP A 52 -2.72 -20.35 10.45
C ASP A 52 -3.32 -19.58 9.29
N GLY A 53 -2.47 -19.06 8.42
CA GLY A 53 -2.93 -18.31 7.27
C GLY A 53 -4.10 -17.40 7.61
N ASN A 54 -3.99 -16.69 8.73
CA ASN A 54 -5.05 -15.79 9.16
C ASN A 54 -4.80 -14.38 8.64
N SER A 55 -5.61 -13.97 7.66
CA SER A 55 -5.47 -12.64 7.07
C SER A 55 -5.42 -11.56 8.16
N LYS A 56 -4.22 -11.03 8.39
CA LYS A 56 -4.03 -10.00 9.40
C LYS A 56 -4.44 -8.63 8.86
N GLY A 57 -5.58 -8.59 8.17
CA GLY A 57 -6.06 -7.34 7.61
C GLY A 57 -4.95 -6.47 7.06
N CYS A 58 -4.09 -7.07 6.23
CA CYS A 58 -2.98 -6.35 5.62
C CYS A 58 -2.49 -7.06 4.37
N ALA A 59 -1.93 -6.29 3.44
CA ALA A 59 -1.42 -6.85 2.19
C ALA A 59 -0.43 -5.90 1.54
N PHE A 60 0.29 -6.40 0.53
CA PHE A 60 1.28 -5.60 -0.17
C PHE A 60 0.94 -5.49 -1.66
N VAL A 61 1.05 -4.28 -2.21
CA VAL A 61 0.75 -4.05 -3.62
C VAL A 61 1.80 -3.16 -4.26
N LYS A 62 2.13 -3.46 -5.51
CA LYS A 62 3.12 -2.68 -6.25
C LYS A 62 2.50 -2.01 -7.46
N TYR A 63 3.11 -0.90 -7.89
CA TYR A 63 2.60 -0.17 -9.04
C TYR A 63 3.69 0.00 -10.10
N SER A 64 3.31 0.53 -11.26
CA SER A 64 4.26 0.74 -12.35
C SER A 64 5.03 2.04 -12.17
N SER A 65 4.36 3.04 -11.59
CA SER A 65 4.99 4.33 -11.35
C SER A 65 4.54 4.92 -10.01
N HIS A 66 5.26 5.93 -9.55
CA HIS A 66 4.95 6.58 -8.29
C HIS A 66 3.62 7.33 -8.37
N ALA A 67 3.50 8.20 -9.36
CA ALA A 67 2.29 8.98 -9.55
C ALA A 67 1.04 8.11 -9.40
N GLU A 68 0.94 7.09 -10.25
CA GLU A 68 -0.20 6.18 -10.21
C GLU A 68 -0.49 5.72 -8.78
N ALA A 69 0.57 5.35 -8.07
CA ALA A 69 0.43 4.89 -6.68
C ALA A 69 -0.27 5.95 -5.83
N GLN A 70 0.31 7.13 -5.77
CA GLN A 70 -0.26 8.23 -4.99
C GLN A 70 -1.76 8.33 -5.21
N ALA A 71 -2.16 8.35 -6.49
CA ALA A 71 -3.58 8.44 -6.84
C ALA A 71 -4.40 7.36 -6.14
N ALA A 72 -3.95 6.12 -6.28
CA ALA A 72 -4.64 5.00 -5.66
C ALA A 72 -4.76 5.19 -4.15
N ILE A 73 -3.67 5.60 -3.52
CA ILE A 73 -3.65 5.82 -2.08
C ILE A 73 -4.71 6.85 -1.67
N ASN A 74 -4.44 8.12 -1.97
CA ASN A 74 -5.37 9.19 -1.63
C ASN A 74 -6.79 8.84 -2.06
N ALA A 75 -6.91 8.27 -3.26
CA ALA A 75 -8.22 7.88 -3.79
C ALA A 75 -8.91 6.89 -2.86
N LEU A 76 -8.13 6.00 -2.27
CA LEU A 76 -8.68 4.99 -1.36
C LEU A 76 -8.36 5.34 0.10
N HIS A 77 -7.08 5.19 0.47
CA HIS A 77 -6.65 5.49 1.82
C HIS A 77 -7.20 6.85 2.29
N GLY A 78 -7.68 6.89 3.53
CA GLY A 78 -8.23 8.12 4.06
C GLY A 78 -9.58 8.45 3.48
N SER A 79 -10.01 7.67 2.49
CA SER A 79 -11.30 7.90 1.84
C SER A 79 -12.41 7.16 2.57
N GLN A 80 -12.41 5.84 2.46
CA GLN A 80 -13.42 5.01 3.12
C GLN A 80 -12.87 4.40 4.41
N THR A 81 -13.73 3.66 5.11
CA THR A 81 -13.34 3.03 6.36
C THR A 81 -13.81 1.58 6.42
N MET A 82 -12.94 0.65 6.03
CA MET A 82 -13.27 -0.77 6.04
C MET A 82 -14.20 -1.10 7.21
N PRO A 83 -15.26 -1.86 6.91
CA PRO A 83 -16.24 -2.27 7.93
C PRO A 83 -15.58 -2.84 9.18
N GLY A 84 -15.79 -2.16 10.31
CA GLY A 84 -15.21 -2.63 11.57
C GLY A 84 -14.30 -1.59 12.18
N ALA A 85 -13.31 -1.13 11.41
CA ALA A 85 -12.37 -0.14 11.90
C ALA A 85 -13.03 1.24 12.03
N SER A 86 -12.42 2.11 12.83
CA SER A 86 -12.96 3.45 13.04
C SER A 86 -12.25 4.47 12.15
N SER A 87 -11.02 4.14 11.74
CA SER A 87 -10.23 5.01 10.89
C SER A 87 -10.31 4.57 9.43
N SER A 88 -10.25 5.53 8.52
CA SER A 88 -10.31 5.25 7.10
C SER A 88 -9.16 4.34 6.68
N LEU A 89 -9.35 3.62 5.58
CA LEU A 89 -8.32 2.72 5.06
C LEU A 89 -6.92 3.31 5.27
N VAL A 90 -5.93 2.43 5.37
CA VAL A 90 -4.56 2.86 5.56
C VAL A 90 -3.64 2.29 4.49
N VAL A 91 -3.14 3.14 3.61
CA VAL A 91 -2.26 2.72 2.54
C VAL A 91 -1.04 3.62 2.43
N LYS A 92 0.09 3.14 2.95
CA LYS A 92 1.32 3.91 2.92
C LYS A 92 2.47 3.07 2.36
N PHE A 93 3.45 3.72 1.75
CA PHE A 93 4.60 3.04 1.17
C PHE A 93 5.33 2.21 2.23
N ALA A 94 6.01 1.17 1.79
CA ALA A 94 6.74 0.30 2.69
C ALA A 94 8.25 0.38 2.43
N ASP A 95 9.04 0.15 3.47
CA ASP A 95 10.50 0.19 3.35
C ASP A 95 10.96 1.60 3.01
N THR A 96 10.38 2.59 3.68
CA THR A 96 10.75 3.99 3.43
C THR A 96 11.04 4.70 4.75
N ASP A 97 11.75 5.83 4.65
CA ASP A 97 12.11 6.61 5.83
C ASP A 97 11.76 8.09 5.63
N LYS A 98 11.14 8.68 6.64
CA LYS A 98 10.75 10.09 6.58
C LYS A 98 11.96 10.96 6.26
N GLU A 99 11.75 12.00 5.45
CA GLU A 99 12.81 12.91 5.07
C GLU A 99 12.25 14.22 4.52
N SER A 100 13.09 15.24 4.46
CA SER A 100 12.66 16.54 3.95
C SER A 100 12.84 16.62 2.44
N GLY A 101 11.77 16.34 1.71
CA GLY A 101 11.82 16.38 0.26
C GLY A 101 10.77 17.29 -0.33
N PRO A 102 11.02 18.61 -0.29
CA PRO A 102 10.10 19.62 -0.82
C PRO A 102 10.18 19.73 -2.34
N SER A 103 10.37 18.60 -3.01
CA SER A 103 10.45 18.57 -4.46
C SER A 103 9.50 17.54 -5.06
N SER A 104 9.40 17.53 -6.37
CA SER A 104 8.51 16.60 -7.07
C SER A 104 9.31 15.62 -7.91
N GLY A 105 8.64 14.57 -8.40
CA GLY A 105 9.30 13.58 -9.22
C GLY A 105 10.67 13.22 -8.69
N GLY A 1 -2.77 29.51 -9.25
CA GLY A 1 -1.98 28.70 -8.37
C GLY A 1 -2.46 27.26 -8.31
N SER A 2 -1.72 26.36 -8.95
CA SER A 2 -2.08 24.95 -8.96
C SER A 2 -2.12 24.37 -7.55
N SER A 3 -3.28 24.45 -6.92
CA SER A 3 -3.45 23.94 -5.56
C SER A 3 -2.94 22.51 -5.45
N GLY A 4 -1.79 22.35 -4.79
CA GLY A 4 -1.21 21.03 -4.62
C GLY A 4 0.18 20.93 -5.23
N SER A 5 0.42 19.87 -5.98
CA SER A 5 1.72 19.65 -6.62
C SER A 5 1.55 18.93 -7.95
N SER A 6 2.32 19.35 -8.95
CA SER A 6 2.27 18.74 -10.28
C SER A 6 3.39 17.73 -10.46
N GLY A 7 3.61 16.92 -9.43
CA GLY A 7 4.65 15.91 -9.50
C GLY A 7 6.04 16.52 -9.61
N CYS A 8 6.50 17.14 -8.53
CA CYS A 8 7.82 17.77 -8.51
C CYS A 8 8.83 16.87 -7.81
N LEU A 9 9.23 15.80 -8.47
CA LEU A 9 10.20 14.86 -7.91
C LEU A 9 10.93 14.10 -9.02
N ARG A 10 11.92 13.31 -8.63
CA ARG A 10 12.69 12.52 -9.59
C ARG A 10 12.21 11.09 -9.63
N GLN A 11 12.55 10.38 -10.71
CA GLN A 11 12.15 8.99 -10.87
C GLN A 11 12.17 8.26 -9.54
N PRO A 12 10.99 8.11 -8.93
CA PRO A 12 10.84 7.42 -7.64
C PRO A 12 11.64 6.12 -7.58
N PRO A 13 12.14 5.79 -6.38
CA PRO A 13 12.93 4.56 -6.16
C PRO A 13 12.29 3.35 -6.79
N SER A 14 13.11 2.47 -7.37
CA SER A 14 12.62 1.26 -8.01
C SER A 14 12.14 0.25 -6.98
N HIS A 15 11.70 -0.91 -7.45
CA HIS A 15 11.22 -1.96 -6.56
C HIS A 15 10.41 -1.37 -5.41
N ARG A 16 9.50 -0.45 -5.75
CA ARG A 16 8.66 0.19 -4.75
C ARG A 16 7.52 -0.73 -4.31
N LYS A 17 7.03 -0.52 -3.10
CA LYS A 17 5.94 -1.33 -2.57
C LYS A 17 4.94 -0.47 -1.79
N LEU A 18 3.71 -0.94 -1.68
CA LEU A 18 2.67 -0.22 -0.97
C LEU A 18 2.06 -1.08 0.13
N PHE A 19 2.20 -0.64 1.38
CA PHE A 19 1.66 -1.38 2.51
C PHE A 19 0.22 -0.93 2.81
N VAL A 20 -0.70 -1.90 2.75
CA VAL A 20 -2.10 -1.61 3.02
C VAL A 20 -2.59 -2.36 4.26
N GLY A 21 -3.02 -1.61 5.27
CA GLY A 21 -3.50 -2.22 6.49
C GLY A 21 -4.95 -1.88 6.78
N MET A 22 -5.34 -1.95 8.04
CA MET A 22 -6.71 -1.65 8.44
C MET A 22 -7.71 -2.37 7.53
N LEU A 23 -7.35 -3.57 7.10
CA LEU A 23 -8.21 -4.36 6.22
C LEU A 23 -9.05 -5.34 7.03
N ASN A 24 -10.07 -5.90 6.40
CA ASN A 24 -10.94 -6.87 7.06
C ASN A 24 -10.59 -8.29 6.63
N LYS A 25 -11.05 -9.27 7.41
CA LYS A 25 -10.79 -10.68 7.11
C LYS A 25 -11.84 -11.22 6.14
N GLN A 26 -12.31 -10.37 5.24
CA GLN A 26 -13.31 -10.77 4.27
C GLN A 26 -12.80 -10.56 2.84
N GLN A 27 -12.30 -9.36 2.57
CA GLN A 27 -11.77 -9.03 1.26
C GLN A 27 -10.91 -10.17 0.72
N SER A 28 -10.72 -10.19 -0.60
CA SER A 28 -9.92 -11.22 -1.25
C SER A 28 -9.04 -10.63 -2.34
N GLU A 29 -8.10 -11.43 -2.84
CA GLU A 29 -7.19 -10.97 -3.89
C GLU A 29 -7.97 -10.35 -5.04
N ASP A 30 -9.00 -11.04 -5.50
CA ASP A 30 -9.82 -10.55 -6.60
C ASP A 30 -10.34 -9.15 -6.32
N ASP A 31 -11.02 -8.99 -5.18
CA ASP A 31 -11.57 -7.69 -4.80
C ASP A 31 -10.50 -6.60 -4.91
N VAL A 32 -9.49 -6.68 -4.06
CA VAL A 32 -8.41 -5.69 -4.09
C VAL A 32 -7.87 -5.50 -5.49
N ARG A 33 -7.48 -6.60 -6.12
CA ARG A 33 -6.93 -6.55 -7.48
C ARG A 33 -7.63 -5.47 -8.31
N ARG A 34 -8.93 -5.65 -8.53
CA ARG A 34 -9.72 -4.70 -9.30
C ARG A 34 -9.77 -3.35 -8.61
N LEU A 35 -10.15 -3.35 -7.34
CA LEU A 35 -10.24 -2.12 -6.56
C LEU A 35 -9.03 -1.23 -6.81
N PHE A 36 -7.85 -1.69 -6.40
CA PHE A 36 -6.62 -0.94 -6.59
C PHE A 36 -6.42 -0.58 -8.06
N GLU A 37 -6.16 -1.60 -8.87
CA GLU A 37 -5.94 -1.39 -10.30
C GLU A 37 -6.98 -0.44 -10.88
N ALA A 38 -8.11 -0.32 -10.19
CA ALA A 38 -9.19 0.55 -10.64
C ALA A 38 -8.66 1.95 -10.95
N PHE A 39 -7.47 2.26 -10.45
CA PHE A 39 -6.86 3.56 -10.68
C PHE A 39 -5.55 3.41 -11.44
N GLY A 40 -4.53 2.90 -10.76
CA GLY A 40 -3.23 2.72 -11.38
C GLY A 40 -2.90 1.26 -11.62
N ASN A 41 -2.19 0.99 -12.71
CA ASN A 41 -1.82 -0.37 -13.05
C ASN A 41 -1.05 -1.03 -11.90
N ILE A 42 -1.25 -2.33 -11.74
CA ILE A 42 -0.57 -3.07 -10.67
C ILE A 42 0.49 -4.01 -11.24
N GLU A 43 1.66 -4.03 -10.63
CA GLU A 43 2.76 -4.87 -11.08
C GLU A 43 2.82 -6.16 -10.25
N GLU A 44 2.59 -6.02 -8.95
CA GLU A 44 2.62 -7.17 -8.05
C GLU A 44 1.63 -6.99 -6.90
N CYS A 45 1.02 -8.09 -6.48
CA CYS A 45 0.04 -8.07 -5.40
C CYS A 45 0.16 -9.32 -4.53
N THR A 46 0.07 -9.12 -3.22
CA THR A 46 0.16 -10.24 -2.28
C THR A 46 -0.56 -9.91 -0.97
N ILE A 47 -1.30 -10.89 -0.45
CA ILE A 47 -2.02 -10.70 0.79
C ILE A 47 -1.24 -11.26 1.98
N LEU A 48 -1.04 -10.43 3.00
CA LEU A 48 -0.31 -10.84 4.19
C LEU A 48 -1.21 -11.61 5.14
N ARG A 49 -0.98 -12.91 5.25
CA ARG A 49 -1.77 -13.76 6.13
C ARG A 49 -1.14 -15.14 6.27
N GLY A 50 -1.22 -15.71 7.47
CA GLY A 50 -0.65 -17.02 7.72
C GLY A 50 -1.53 -18.14 7.19
N PRO A 51 -1.54 -19.28 7.90
CA PRO A 51 -2.33 -20.45 7.51
C PRO A 51 -3.82 -20.26 7.81
N ASP A 52 -4.56 -21.36 7.74
CA ASP A 52 -6.00 -21.31 8.01
C ASP A 52 -6.63 -20.07 7.41
N GLY A 53 -6.11 -19.64 6.26
CA GLY A 53 -6.63 -18.45 5.60
C GLY A 53 -7.06 -17.38 6.59
N ASN A 54 -6.22 -17.13 7.59
CA ASN A 54 -6.51 -16.13 8.59
C ASN A 54 -5.94 -14.77 8.19
N SER A 55 -6.62 -14.10 7.25
CA SER A 55 -6.18 -12.80 6.78
C SER A 55 -5.75 -11.91 7.95
N LYS A 56 -4.61 -11.25 7.79
CA LYS A 56 -4.09 -10.37 8.83
C LYS A 56 -4.38 -8.91 8.50
N GLY A 57 -5.54 -8.67 7.87
CA GLY A 57 -5.91 -7.32 7.51
C GLY A 57 -4.75 -6.51 6.97
N CYS A 58 -3.90 -7.15 6.18
CA CYS A 58 -2.74 -6.49 5.60
C CYS A 58 -2.31 -7.17 4.31
N ALA A 59 -1.75 -6.38 3.39
CA ALA A 59 -1.30 -6.91 2.11
C ALA A 59 -0.35 -5.94 1.42
N PHE A 60 0.52 -6.47 0.57
CA PHE A 60 1.48 -5.65 -0.16
C PHE A 60 1.06 -5.48 -1.62
N VAL A 61 1.19 -4.25 -2.13
CA VAL A 61 0.83 -3.96 -3.50
C VAL A 61 1.91 -3.13 -4.19
N LYS A 62 2.18 -3.43 -5.45
CA LYS A 62 3.18 -2.71 -6.22
C LYS A 62 2.55 -1.99 -7.41
N TYR A 63 3.06 -0.80 -7.70
CA TYR A 63 2.54 -0.01 -8.81
C TYR A 63 3.63 0.26 -9.85
N SER A 64 3.23 0.80 -10.99
CA SER A 64 4.17 1.10 -12.06
C SER A 64 5.09 2.26 -11.67
N SER A 65 4.48 3.34 -11.16
CA SER A 65 5.24 4.51 -10.75
C SER A 65 4.59 5.17 -9.54
N HIS A 66 5.28 6.18 -8.99
CA HIS A 66 4.77 6.90 -7.82
C HIS A 66 3.42 7.54 -8.14
N ALA A 67 3.39 8.37 -9.17
CA ALA A 67 2.17 9.05 -9.58
C ALA A 67 0.94 8.17 -9.34
N GLU A 68 0.83 7.11 -10.13
CA GLU A 68 -0.30 6.19 -10.01
C GLU A 68 -0.53 5.80 -8.56
N ALA A 69 0.55 5.44 -7.87
CA ALA A 69 0.47 5.04 -6.47
C ALA A 69 -0.24 6.11 -5.64
N GLN A 70 0.31 7.32 -5.66
CA GLN A 70 -0.29 8.43 -4.90
C GLN A 70 -1.78 8.51 -5.14
N ALA A 71 -2.20 8.29 -6.39
CA ALA A 71 -3.62 8.34 -6.74
C ALA A 71 -4.42 7.32 -5.95
N ALA A 72 -3.98 6.06 -6.01
CA ALA A 72 -4.66 4.99 -5.29
C ALA A 72 -4.63 5.23 -3.79
N ILE A 73 -3.64 5.97 -3.33
CA ILE A 73 -3.49 6.27 -1.91
C ILE A 73 -4.58 7.24 -1.45
N ASN A 74 -4.50 8.48 -1.93
CA ASN A 74 -5.46 9.51 -1.57
C ASN A 74 -6.89 9.06 -1.92
N ALA A 75 -7.02 8.39 -3.06
CA ALA A 75 -8.33 7.91 -3.50
C ALA A 75 -8.89 6.88 -2.53
N LEU A 76 -8.03 5.98 -2.06
CA LEU A 76 -8.44 4.94 -1.13
C LEU A 76 -8.06 5.31 0.30
N HIS A 77 -6.76 5.25 0.59
CA HIS A 77 -6.26 5.57 1.92
C HIS A 77 -6.77 6.93 2.37
N GLY A 78 -7.31 6.99 3.59
CA GLY A 78 -7.82 8.25 4.11
C GLY A 78 -9.12 8.67 3.45
N SER A 79 -9.57 7.86 2.49
CA SER A 79 -10.80 8.17 1.77
C SER A 79 -11.98 7.41 2.36
N GLN A 80 -12.00 6.09 2.15
CA GLN A 80 -13.08 5.26 2.66
C GLN A 80 -12.64 4.55 3.94
N THR A 81 -13.59 3.87 4.59
CA THR A 81 -13.30 3.14 5.82
C THR A 81 -13.69 1.68 5.70
N MET A 82 -12.68 0.82 5.56
CA MET A 82 -12.92 -0.62 5.43
C MET A 82 -13.98 -1.09 6.43
N PRO A 83 -14.87 -1.97 5.97
CA PRO A 83 -15.95 -2.52 6.81
C PRO A 83 -15.44 -3.00 8.17
N GLY A 84 -15.98 -2.42 9.23
CA GLY A 84 -15.56 -2.81 10.57
C GLY A 84 -14.68 -1.77 11.23
N ALA A 85 -13.60 -1.39 10.55
CA ALA A 85 -12.67 -0.41 11.07
C ALA A 85 -13.32 0.97 11.16
N SER A 86 -12.93 1.74 12.16
CA SER A 86 -13.48 3.08 12.36
C SER A 86 -12.61 4.13 11.67
N SER A 87 -11.38 3.76 11.32
CA SER A 87 -10.46 4.67 10.67
C SER A 87 -10.41 4.39 9.17
N SER A 88 -10.11 5.43 8.39
CA SER A 88 -10.04 5.31 6.95
C SER A 88 -8.89 4.40 6.54
N LEU A 89 -9.07 3.70 5.43
CA LEU A 89 -8.03 2.79 4.92
C LEU A 89 -6.64 3.39 5.09
N VAL A 90 -5.64 2.54 5.28
CA VAL A 90 -4.27 2.99 5.45
C VAL A 90 -3.36 2.39 4.38
N VAL A 91 -2.95 3.21 3.42
CA VAL A 91 -2.08 2.75 2.35
C VAL A 91 -0.84 3.64 2.23
N LYS A 92 0.29 3.11 2.70
CA LYS A 92 1.55 3.85 2.66
C LYS A 92 2.60 3.11 1.85
N PHE A 93 3.76 3.72 1.67
CA PHE A 93 4.85 3.10 0.91
C PHE A 93 5.65 2.14 1.79
N ALA A 94 5.59 0.86 1.45
CA ALA A 94 6.32 -0.15 2.20
C ALA A 94 7.82 0.12 2.20
N ASP A 95 8.41 0.15 3.38
CA ASP A 95 9.84 0.41 3.51
C ASP A 95 10.65 -0.88 3.30
N THR A 96 11.97 -0.74 3.26
CA THR A 96 12.85 -1.88 3.07
C THR A 96 14.27 -1.57 3.53
N ASP A 97 14.82 -2.45 4.35
CA ASP A 97 16.18 -2.27 4.86
C ASP A 97 17.18 -2.17 3.71
N LYS A 98 18.22 -1.37 3.91
CA LYS A 98 19.26 -1.20 2.89
C LYS A 98 20.43 -0.41 3.45
N GLU A 99 21.64 -0.74 3.00
CA GLU A 99 22.85 -0.06 3.45
C GLU A 99 23.90 -0.02 2.35
N SER A 100 24.37 1.17 2.02
CA SER A 100 25.37 1.34 0.98
C SER A 100 25.93 2.77 0.99
N GLY A 101 27.11 2.94 0.42
CA GLY A 101 27.73 4.25 0.37
C GLY A 101 27.84 4.89 1.74
N PRO A 102 28.24 6.18 1.77
CA PRO A 102 28.40 6.93 3.01
C PRO A 102 27.06 7.37 3.59
N SER A 103 27.04 7.60 4.90
CA SER A 103 25.82 8.03 5.58
C SER A 103 25.65 9.54 5.48
N SER A 104 24.39 9.99 5.49
CA SER A 104 24.09 11.42 5.41
C SER A 104 23.56 11.95 6.74
N GLY A 105 24.16 13.03 7.21
CA GLY A 105 23.73 13.63 8.46
C GLY A 105 24.82 13.60 9.52
N GLY A 1 0.49 24.68 -8.10
CA GLY A 1 1.27 24.92 -6.91
C GLY A 1 2.67 24.31 -7.00
N SER A 2 3.59 24.81 -6.17
CA SER A 2 4.96 24.31 -6.18
C SER A 2 5.67 24.69 -4.88
N SER A 3 6.30 23.70 -4.26
CA SER A 3 7.02 23.93 -3.00
C SER A 3 6.07 24.45 -1.92
N GLY A 4 4.88 23.86 -1.86
CA GLY A 4 3.90 24.27 -0.87
C GLY A 4 4.19 23.71 0.51
N SER A 5 3.50 22.63 0.85
CA SER A 5 3.68 21.98 2.15
C SER A 5 4.84 21.00 2.11
N SER A 6 6.01 21.45 2.56
CA SER A 6 7.20 20.60 2.57
C SER A 6 8.34 21.29 3.31
N GLY A 7 9.02 20.55 4.18
CA GLY A 7 10.12 21.10 4.93
C GLY A 7 11.12 20.04 5.36
N CYS A 8 11.91 19.55 4.40
CA CYS A 8 12.90 18.52 4.70
C CYS A 8 13.93 18.42 3.57
N LEU A 9 15.16 18.07 3.93
CA LEU A 9 16.23 17.94 2.94
C LEU A 9 16.40 16.48 2.52
N ARG A 10 15.29 15.79 2.34
CA ARG A 10 15.32 14.38 1.93
C ARG A 10 14.38 14.14 0.76
N GLN A 11 14.95 13.69 -0.36
CA GLN A 11 14.15 13.41 -1.56
C GLN A 11 13.00 12.47 -1.24
N PRO A 12 11.84 12.70 -1.90
CA PRO A 12 10.64 11.89 -1.70
C PRO A 12 10.95 10.39 -1.71
N PRO A 13 10.20 9.63 -0.90
CA PRO A 13 10.37 8.17 -0.80
C PRO A 13 10.45 7.51 -2.17
N SER A 14 9.60 7.95 -3.09
CA SER A 14 9.58 7.39 -4.43
C SER A 14 9.61 5.87 -4.39
N HIS A 15 8.92 5.30 -3.41
CA HIS A 15 8.87 3.85 -3.25
C HIS A 15 8.06 3.21 -4.38
N ARG A 16 7.89 1.89 -4.31
CA ARG A 16 7.13 1.16 -5.32
C ARG A 16 6.14 0.20 -4.67
N LYS A 17 6.56 -0.43 -3.58
CA LYS A 17 5.71 -1.37 -2.86
C LYS A 17 4.80 -0.64 -1.88
N LEU A 18 3.50 -0.83 -2.05
CA LEU A 18 2.51 -0.20 -1.18
C LEU A 18 2.07 -1.14 -0.07
N PHE A 19 1.63 -0.57 1.05
CA PHE A 19 1.17 -1.37 2.19
C PHE A 19 -0.24 -0.98 2.59
N VAL A 20 -1.18 -1.90 2.43
CA VAL A 20 -2.57 -1.66 2.78
C VAL A 20 -2.93 -2.32 4.09
N GLY A 21 -3.16 -1.52 5.13
CA GLY A 21 -3.51 -2.05 6.43
C GLY A 21 -4.94 -1.72 6.82
N MET A 22 -5.29 -2.03 8.07
CA MET A 22 -6.64 -1.76 8.57
C MET A 22 -7.68 -2.50 7.74
N LEU A 23 -7.28 -3.63 7.17
CA LEU A 23 -8.18 -4.44 6.34
C LEU A 23 -8.89 -5.49 7.19
N ASN A 24 -9.94 -6.09 6.64
CA ASN A 24 -10.70 -7.11 7.34
C ASN A 24 -10.45 -8.49 6.74
N LYS A 25 -10.87 -9.53 7.45
CA LYS A 25 -10.68 -10.90 6.99
C LYS A 25 -11.82 -11.31 6.05
N GLN A 26 -12.07 -10.49 5.04
CA GLN A 26 -13.13 -10.77 4.08
C GLN A 26 -12.64 -10.54 2.65
N GLN A 27 -12.05 -9.37 2.41
CA GLN A 27 -11.55 -9.02 1.09
C GLN A 27 -10.63 -10.12 0.56
N SER A 28 -10.39 -10.09 -0.75
CA SER A 28 -9.54 -11.08 -1.39
C SER A 28 -8.61 -10.43 -2.41
N GLU A 29 -7.68 -11.21 -2.95
CA GLU A 29 -6.73 -10.70 -3.93
C GLU A 29 -7.46 -10.04 -5.09
N ASP A 30 -8.51 -10.70 -5.59
CA ASP A 30 -9.28 -10.17 -6.70
C ASP A 30 -9.84 -8.79 -6.36
N ASP A 31 -10.49 -8.68 -5.21
CA ASP A 31 -11.07 -7.42 -4.78
C ASP A 31 -10.03 -6.29 -4.85
N VAL A 32 -9.00 -6.39 -4.02
CA VAL A 32 -7.95 -5.39 -3.99
C VAL A 32 -7.30 -5.24 -5.36
N ARG A 33 -7.15 -6.35 -6.07
CA ARG A 33 -6.54 -6.34 -7.39
C ARG A 33 -7.25 -5.35 -8.31
N ARG A 34 -8.53 -5.59 -8.57
CA ARG A 34 -9.31 -4.73 -9.43
C ARG A 34 -9.47 -3.34 -8.80
N LEU A 35 -9.90 -3.30 -7.55
CA LEU A 35 -10.10 -2.04 -6.85
C LEU A 35 -8.92 -1.10 -7.09
N PHE A 36 -7.75 -1.49 -6.60
CA PHE A 36 -6.54 -0.67 -6.76
C PHE A 36 -6.28 -0.38 -8.23
N GLU A 37 -5.94 -1.42 -8.99
CA GLU A 37 -5.66 -1.28 -10.41
C GLU A 37 -6.72 -0.41 -11.08
N ALA A 38 -7.89 -0.31 -10.46
CA ALA A 38 -8.98 0.48 -10.99
C ALA A 38 -8.51 1.89 -11.36
N PHE A 39 -7.38 2.29 -10.80
CA PHE A 39 -6.82 3.60 -11.08
C PHE A 39 -5.54 3.50 -11.92
N GLY A 40 -4.50 2.91 -11.33
CA GLY A 40 -3.25 2.75 -12.03
C GLY A 40 -2.99 1.32 -12.45
N ASN A 41 -1.75 1.04 -12.83
CA ASN A 41 -1.38 -0.31 -13.26
C ASN A 41 -0.67 -1.07 -12.13
N ILE A 42 -1.09 -2.30 -11.90
CA ILE A 42 -0.51 -3.13 -10.85
C ILE A 42 0.47 -4.14 -11.44
N GLU A 43 1.60 -4.32 -10.77
CA GLU A 43 2.62 -5.27 -11.22
C GLU A 43 2.52 -6.59 -10.46
N GLU A 44 2.11 -6.50 -9.19
CA GLU A 44 1.96 -7.69 -8.36
C GLU A 44 1.06 -7.41 -7.16
N CYS A 45 0.41 -8.45 -6.66
CA CYS A 45 -0.48 -8.32 -5.52
C CYS A 45 -0.27 -9.46 -4.53
N THR A 46 0.07 -9.11 -3.30
CA THR A 46 0.30 -10.10 -2.26
C THR A 46 -0.59 -9.85 -1.04
N ILE A 47 -1.13 -10.92 -0.48
CA ILE A 47 -2.00 -10.81 0.69
C ILE A 47 -1.37 -11.48 1.91
N LEU A 48 -1.04 -10.68 2.92
CA LEU A 48 -0.44 -11.20 4.14
C LEU A 48 -1.50 -11.85 5.03
N ARG A 49 -1.58 -13.18 4.96
CA ARG A 49 -2.54 -13.92 5.77
C ARG A 49 -1.83 -14.72 6.86
N GLY A 50 -0.65 -14.26 7.26
CA GLY A 50 0.11 -14.94 8.29
C GLY A 50 0.43 -16.38 7.93
N PRO A 51 1.58 -16.87 8.41
CA PRO A 51 2.03 -18.24 8.13
C PRO A 51 0.92 -19.27 8.35
N ASP A 52 -0.12 -18.86 9.07
CA ASP A 52 -1.24 -19.75 9.35
C ASP A 52 -2.17 -19.85 8.14
N GLY A 53 -2.46 -18.70 7.52
CA GLY A 53 -3.33 -18.68 6.37
C GLY A 53 -4.50 -17.73 6.54
N ASN A 54 -4.81 -17.41 7.79
CA ASN A 54 -5.92 -16.50 8.08
C ASN A 54 -5.53 -15.05 7.80
N SER A 55 -6.36 -14.36 7.02
CA SER A 55 -6.10 -12.98 6.67
C SER A 55 -5.74 -12.16 7.91
N LYS A 56 -4.69 -11.36 7.79
CA LYS A 56 -4.25 -10.53 8.91
C LYS A 56 -4.61 -9.06 8.67
N GLY A 57 -5.52 -8.83 7.73
CA GLY A 57 -5.94 -7.48 7.42
C GLY A 57 -4.81 -6.62 6.92
N CYS A 58 -3.87 -7.23 6.21
CA CYS A 58 -2.72 -6.52 5.67
C CYS A 58 -2.26 -7.14 4.35
N ALA A 59 -1.83 -6.29 3.42
CA ALA A 59 -1.37 -6.75 2.12
C ALA A 59 -0.50 -5.70 1.43
N PHE A 60 0.29 -6.14 0.47
CA PHE A 60 1.17 -5.22 -0.26
C PHE A 60 0.78 -5.15 -1.73
N VAL A 61 0.70 -3.94 -2.26
CA VAL A 61 0.34 -3.73 -3.65
C VAL A 61 1.48 -3.09 -4.43
N LYS A 62 1.83 -3.69 -5.56
CA LYS A 62 2.90 -3.19 -6.41
C LYS A 62 2.36 -2.31 -7.53
N TYR A 63 3.12 -1.28 -7.89
CA TYR A 63 2.69 -0.37 -8.94
C TYR A 63 3.81 -0.18 -9.97
N SER A 64 3.48 0.49 -11.07
CA SER A 64 4.45 0.74 -12.14
C SER A 64 5.27 1.98 -11.84
N SER A 65 4.74 2.85 -10.98
CA SER A 65 5.43 4.09 -10.63
C SER A 65 4.85 4.67 -9.34
N HIS A 66 5.45 5.76 -8.87
CA HIS A 66 5.00 6.43 -7.65
C HIS A 66 3.74 7.24 -7.92
N ALA A 67 3.68 7.87 -9.09
CA ALA A 67 2.53 8.69 -9.46
C ALA A 67 1.23 7.90 -9.31
N GLU A 68 1.08 6.86 -10.13
CA GLU A 68 -0.12 6.03 -10.09
C GLU A 68 -0.46 5.62 -8.66
N ALA A 69 0.57 5.28 -7.89
CA ALA A 69 0.39 4.87 -6.51
C ALA A 69 -0.28 5.97 -5.69
N GLN A 70 0.36 7.13 -5.63
CA GLN A 70 -0.18 8.27 -4.89
C GLN A 70 -1.66 8.46 -5.18
N ALA A 71 -2.03 8.32 -6.45
CA ALA A 71 -3.42 8.48 -6.87
C ALA A 71 -4.32 7.46 -6.18
N ALA A 72 -3.94 6.19 -6.28
CA ALA A 72 -4.71 5.11 -5.67
C ALA A 72 -4.75 5.26 -4.15
N ILE A 73 -3.71 5.87 -3.59
CA ILE A 73 -3.61 6.07 -2.16
C ILE A 73 -4.67 7.06 -1.67
N ASN A 74 -4.44 8.34 -1.94
CA ASN A 74 -5.38 9.38 -1.54
C ASN A 74 -6.82 8.98 -1.88
N ALA A 75 -7.01 8.44 -3.07
CA ALA A 75 -8.33 8.02 -3.52
C ALA A 75 -8.95 7.04 -2.54
N LEU A 76 -8.14 6.10 -2.05
CA LEU A 76 -8.61 5.09 -1.10
C LEU A 76 -8.20 5.46 0.33
N HIS A 77 -6.91 5.38 0.61
CA HIS A 77 -6.39 5.71 1.93
C HIS A 77 -6.87 7.08 2.37
N GLY A 78 -7.48 7.14 3.55
CA GLY A 78 -7.98 8.40 4.07
C GLY A 78 -9.35 8.74 3.54
N SER A 79 -9.81 7.99 2.54
CA SER A 79 -11.12 8.23 1.93
C SER A 79 -12.16 7.30 2.53
N GLN A 80 -12.11 6.03 2.13
CA GLN A 80 -13.05 5.03 2.61
C GLN A 80 -12.54 4.38 3.91
N THR A 81 -13.43 3.67 4.58
CA THR A 81 -13.08 3.00 5.83
C THR A 81 -13.64 1.58 5.88
N MET A 82 -12.76 0.60 5.71
CA MET A 82 -13.17 -0.80 5.73
C MET A 82 -14.26 -1.04 6.77
N PRO A 83 -15.05 -2.10 6.57
CA PRO A 83 -16.15 -2.45 7.47
C PRO A 83 -15.65 -2.96 8.82
N GLY A 84 -16.04 -2.27 9.89
CA GLY A 84 -15.62 -2.67 11.22
C GLY A 84 -14.61 -1.70 11.83
N ALA A 85 -13.66 -1.26 11.02
CA ALA A 85 -12.63 -0.33 11.49
C ALA A 85 -13.20 1.08 11.59
N SER A 86 -12.72 1.82 12.59
CA SER A 86 -13.18 3.19 12.81
C SER A 86 -12.26 4.18 12.12
N SER A 87 -11.07 3.72 11.74
CA SER A 87 -10.09 4.56 11.08
C SER A 87 -10.10 4.33 9.57
N SER A 88 -9.92 5.41 8.81
CA SER A 88 -9.93 5.34 7.35
C SER A 88 -8.85 4.38 6.87
N LEU A 89 -9.03 3.85 5.67
CA LEU A 89 -8.08 2.92 5.07
C LEU A 89 -6.65 3.44 5.20
N VAL A 90 -5.69 2.53 5.33
CA VAL A 90 -4.29 2.90 5.46
C VAL A 90 -3.47 2.32 4.32
N VAL A 91 -2.97 3.19 3.44
CA VAL A 91 -2.17 2.77 2.31
C VAL A 91 -0.91 3.62 2.18
N LYS A 92 0.21 3.08 2.63
CA LYS A 92 1.49 3.80 2.56
C LYS A 92 2.59 2.90 2.01
N PHE A 93 3.64 3.51 1.49
CA PHE A 93 4.76 2.77 0.93
C PHE A 93 5.55 2.06 2.03
N ALA A 94 4.94 1.06 2.64
CA ALA A 94 5.58 0.31 3.71
C ALA A 94 6.53 1.20 4.51
N ASP A 95 6.08 2.39 4.84
CA ASP A 95 6.88 3.34 5.61
C ASP A 95 6.87 2.98 7.09
N THR A 96 7.91 3.40 7.80
CA THR A 96 8.02 3.13 9.23
C THR A 96 9.03 4.06 9.89
N ASP A 97 8.52 5.04 10.63
CA ASP A 97 9.39 6.00 11.32
C ASP A 97 10.60 5.30 11.92
N LYS A 98 11.70 5.28 11.17
CA LYS A 98 12.93 4.66 11.62
C LYS A 98 14.14 5.51 11.26
N GLU A 99 14.77 6.09 12.28
CA GLU A 99 15.94 6.93 12.07
C GLU A 99 17.17 6.33 12.76
N SER A 100 18.28 6.25 12.03
CA SER A 100 19.52 5.70 12.55
C SER A 100 20.65 6.73 12.49
N GLY A 101 20.30 7.98 12.77
CA GLY A 101 21.30 9.03 12.75
C GLY A 101 21.11 9.97 11.56
N PRO A 102 21.50 11.25 11.75
CA PRO A 102 21.38 12.27 10.70
C PRO A 102 22.46 12.14 9.64
N SER A 103 22.05 11.88 8.40
CA SER A 103 22.98 11.74 7.29
C SER A 103 23.93 12.95 7.22
N SER A 104 25.08 12.74 6.60
CA SER A 104 26.07 13.80 6.45
C SER A 104 27.15 13.40 5.44
N GLY A 105 27.29 14.21 4.40
CA GLY A 105 28.29 13.94 3.38
C GLY A 105 28.39 15.05 2.34
N GLY A 1 -2.82 3.36 12.63
CA GLY A 1 -1.73 3.58 13.56
C GLY A 1 -0.63 2.54 13.40
N SER A 2 -0.44 1.74 14.44
CA SER A 2 0.59 0.70 14.42
C SER A 2 0.01 -0.65 14.83
N SER A 3 0.28 -1.67 14.03
CA SER A 3 -0.22 -3.02 14.32
C SER A 3 0.93 -3.95 14.67
N GLY A 4 1.98 -3.95 13.86
CA GLY A 4 3.13 -4.80 14.10
C GLY A 4 4.28 -4.50 13.17
N SER A 5 4.74 -3.26 13.17
CA SER A 5 5.85 -2.85 12.32
C SER A 5 7.18 -3.19 12.95
N SER A 6 8.05 -3.84 12.18
CA SER A 6 9.37 -4.24 12.66
C SER A 6 10.39 -3.14 12.43
N GLY A 7 11.54 -3.26 13.09
CA GLY A 7 12.59 -2.26 12.94
C GLY A 7 13.93 -2.87 12.61
N CYS A 8 14.53 -3.53 13.60
CA CYS A 8 15.84 -4.16 13.41
C CYS A 8 15.78 -5.20 12.28
N LEU A 9 14.78 -6.08 12.36
CA LEU A 9 14.61 -7.12 11.34
C LEU A 9 14.81 -6.56 9.94
N ARG A 10 15.77 -7.13 9.22
CA ARG A 10 16.07 -6.68 7.86
C ARG A 10 15.34 -7.55 6.84
N GLN A 11 14.29 -6.99 6.23
CA GLN A 11 13.51 -7.70 5.24
C GLN A 11 14.21 -7.71 3.89
N PRO A 12 13.82 -8.66 3.02
CA PRO A 12 14.41 -8.79 1.68
C PRO A 12 14.54 -7.45 0.97
N PRO A 13 15.31 -7.44 -0.14
CA PRO A 13 15.54 -6.23 -0.93
C PRO A 13 14.33 -5.89 -1.81
N SER A 14 13.36 -5.19 -1.24
CA SER A 14 12.16 -4.79 -1.97
C SER A 14 12.14 -3.29 -2.20
N HIS A 15 11.35 -2.87 -3.19
CA HIS A 15 11.23 -1.44 -3.51
C HIS A 15 9.95 -1.17 -4.27
N ARG A 16 9.48 0.08 -4.22
CA ARG A 16 8.26 0.47 -4.90
C ARG A 16 7.08 -0.40 -4.46
N LYS A 17 6.91 -0.53 -3.15
CA LYS A 17 5.82 -1.34 -2.60
C LYS A 17 4.88 -0.48 -1.77
N LEU A 18 3.68 -0.97 -1.54
CA LEU A 18 2.68 -0.25 -0.75
C LEU A 18 2.09 -1.14 0.33
N PHE A 19 2.18 -0.70 1.58
CA PHE A 19 1.65 -1.45 2.70
C PHE A 19 0.21 -1.08 2.98
N VAL A 20 -0.68 -2.06 2.88
CA VAL A 20 -2.11 -1.83 3.13
C VAL A 20 -2.55 -2.44 4.46
N GLY A 21 -3.13 -1.61 5.31
CA GLY A 21 -3.59 -2.10 6.61
C GLY A 21 -5.06 -1.81 6.84
N MET A 22 -5.50 -1.99 8.09
CA MET A 22 -6.89 -1.75 8.44
C MET A 22 -7.84 -2.41 7.44
N LEU A 23 -7.43 -3.58 6.94
CA LEU A 23 -8.24 -4.32 5.98
C LEU A 23 -9.21 -5.27 6.69
N ASN A 24 -10.18 -5.78 5.96
CA ASN A 24 -11.17 -6.70 6.51
C ASN A 24 -10.88 -8.13 6.08
N LYS A 25 -11.43 -9.08 6.82
CA LYS A 25 -11.24 -10.50 6.51
C LYS A 25 -12.25 -10.96 5.47
N GLN A 26 -12.75 -10.02 4.68
CA GLN A 26 -13.73 -10.35 3.64
C GLN A 26 -13.11 -10.21 2.25
N GLN A 27 -12.56 -9.03 1.97
CA GLN A 27 -11.94 -8.76 0.68
C GLN A 27 -10.89 -9.83 0.35
N SER A 28 -10.77 -10.15 -0.93
CA SER A 28 -9.80 -11.16 -1.38
C SER A 28 -8.90 -10.60 -2.46
N GLU A 29 -7.82 -11.31 -2.75
CA GLU A 29 -6.87 -10.88 -3.77
C GLU A 29 -7.60 -10.40 -5.03
N ASP A 30 -8.66 -11.10 -5.40
CA ASP A 30 -9.44 -10.74 -6.57
C ASP A 30 -9.93 -9.30 -6.47
N ASP A 31 -10.81 -9.05 -5.51
CA ASP A 31 -11.35 -7.70 -5.32
C ASP A 31 -10.24 -6.68 -5.20
N VAL A 32 -9.25 -6.97 -4.36
CA VAL A 32 -8.12 -6.07 -4.16
C VAL A 32 -7.41 -5.78 -5.46
N ARG A 33 -7.35 -6.78 -6.34
CA ARG A 33 -6.70 -6.63 -7.63
C ARG A 33 -7.41 -5.59 -8.49
N ARG A 34 -8.70 -5.82 -8.74
CA ARG A 34 -9.50 -4.90 -9.54
C ARG A 34 -9.62 -3.54 -8.86
N LEU A 35 -10.06 -3.55 -7.61
CA LEU A 35 -10.21 -2.31 -6.85
C LEU A 35 -9.01 -1.39 -7.05
N PHE A 36 -7.85 -1.84 -6.58
CA PHE A 36 -6.62 -1.05 -6.71
C PHE A 36 -6.39 -0.64 -8.16
N GLU A 37 -6.09 -1.61 -9.01
CA GLU A 37 -5.84 -1.35 -10.42
C GLU A 37 -6.91 -0.42 -10.99
N ALA A 38 -8.08 -0.42 -10.37
CA ALA A 38 -9.18 0.43 -10.81
C ALA A 38 -8.73 1.86 -11.03
N PHE A 39 -7.61 2.23 -10.40
CA PHE A 39 -7.06 3.57 -10.53
C PHE A 39 -5.75 3.56 -11.30
N GLY A 40 -4.70 3.03 -10.66
CA GLY A 40 -3.40 2.97 -11.31
C GLY A 40 -2.97 1.55 -11.61
N ASN A 41 -2.24 1.36 -12.70
CA ASN A 41 -1.77 0.04 -13.10
C ASN A 41 -1.06 -0.65 -11.94
N ILE A 42 -0.95 -1.97 -12.03
CA ILE A 42 -0.29 -2.76 -10.99
C ILE A 42 0.83 -3.60 -11.57
N GLU A 43 1.83 -3.90 -10.75
CA GLU A 43 2.97 -4.71 -11.19
C GLU A 43 3.09 -5.97 -10.34
N GLU A 44 2.65 -5.88 -9.09
CA GLU A 44 2.71 -7.02 -8.17
C GLU A 44 1.66 -6.89 -7.08
N CYS A 45 1.14 -8.03 -6.63
CA CYS A 45 0.12 -8.05 -5.59
C CYS A 45 0.26 -9.31 -4.72
N THR A 46 0.22 -9.11 -3.41
CA THR A 46 0.34 -10.22 -2.47
C THR A 46 -0.41 -9.93 -1.17
N ILE A 47 -0.99 -10.97 -0.58
CA ILE A 47 -1.72 -10.82 0.67
C ILE A 47 -0.85 -11.18 1.87
N LEU A 48 -0.94 -10.38 2.92
CA LEU A 48 -0.16 -10.62 4.13
C LEU A 48 -1.02 -11.29 5.20
N ARG A 49 -0.88 -12.61 5.32
CA ARG A 49 -1.65 -13.37 6.31
C ARG A 49 -0.91 -14.65 6.68
N GLY A 50 -1.32 -15.25 7.79
CA GLY A 50 -0.69 -16.49 8.24
C GLY A 50 -1.34 -17.72 7.63
N PRO A 51 -1.35 -18.82 8.40
CA PRO A 51 -1.94 -20.08 7.96
C PRO A 51 -3.47 -20.07 8.00
N ASP A 52 -4.07 -21.21 7.69
CA ASP A 52 -5.52 -21.33 7.70
C ASP A 52 -6.18 -20.10 7.10
N GLY A 53 -5.50 -19.50 6.12
CA GLY A 53 -6.03 -18.31 5.47
C GLY A 53 -6.59 -17.31 6.46
N ASN A 54 -5.84 -17.05 7.52
CA ASN A 54 -6.27 -16.11 8.54
C ASN A 54 -5.83 -14.69 8.20
N SER A 55 -6.45 -14.13 7.17
CA SER A 55 -6.12 -12.77 6.72
C SER A 55 -5.79 -11.89 7.92
N LYS A 56 -4.57 -11.35 7.94
CA LYS A 56 -4.13 -10.48 9.02
C LYS A 56 -4.43 -9.02 8.70
N GLY A 57 -5.55 -8.78 8.04
CA GLY A 57 -5.94 -7.43 7.69
C GLY A 57 -4.77 -6.62 7.15
N CYS A 58 -3.90 -7.27 6.38
CA CYS A 58 -2.74 -6.61 5.81
C CYS A 58 -2.33 -7.25 4.49
N ALA A 59 -1.75 -6.45 3.60
CA ALA A 59 -1.33 -6.94 2.30
C ALA A 59 -0.33 -5.97 1.65
N PHE A 60 0.30 -6.42 0.57
CA PHE A 60 1.26 -5.61 -0.15
C PHE A 60 0.86 -5.43 -1.62
N VAL A 61 0.97 -4.21 -2.12
CA VAL A 61 0.61 -3.91 -3.50
C VAL A 61 1.72 -3.12 -4.18
N LYS A 62 1.98 -3.45 -5.45
CA LYS A 62 3.01 -2.77 -6.22
C LYS A 62 2.39 -2.04 -7.42
N TYR A 63 2.99 -0.91 -7.79
CA TYR A 63 2.50 -0.12 -8.91
C TYR A 63 3.62 0.11 -9.92
N SER A 64 3.23 0.57 -11.12
CA SER A 64 4.19 0.83 -12.19
C SER A 64 5.06 2.04 -11.85
N SER A 65 4.41 3.13 -11.45
CA SER A 65 5.12 4.36 -11.10
C SER A 65 4.55 4.97 -9.83
N HIS A 66 5.26 5.96 -9.28
CA HIS A 66 4.82 6.64 -8.06
C HIS A 66 3.47 7.31 -8.28
N ALA A 67 3.41 8.20 -9.26
CA ALA A 67 2.18 8.93 -9.57
C ALA A 67 0.96 8.06 -9.32
N GLU A 68 0.80 7.01 -10.12
CA GLU A 68 -0.32 6.09 -9.98
C GLU A 68 -0.49 5.64 -8.54
N ALA A 69 0.64 5.39 -7.88
CA ALA A 69 0.63 4.94 -6.49
C ALA A 69 -0.14 5.93 -5.60
N GLN A 70 0.23 7.21 -5.69
CA GLN A 70 -0.42 8.25 -4.91
C GLN A 70 -1.93 8.27 -5.17
N ALA A 71 -2.29 8.20 -6.45
CA ALA A 71 -3.70 8.21 -6.83
C ALA A 71 -4.49 7.16 -6.06
N ALA A 72 -3.96 5.94 -6.01
CA ALA A 72 -4.62 4.85 -5.30
C ALA A 72 -4.59 5.08 -3.79
N ILE A 73 -3.55 5.76 -3.33
CA ILE A 73 -3.40 6.04 -1.90
C ILE A 73 -4.49 7.00 -1.42
N ASN A 74 -4.54 8.18 -2.00
CA ASN A 74 -5.53 9.19 -1.62
C ASN A 74 -6.93 8.71 -1.96
N ALA A 75 -7.06 8.00 -3.08
CA ALA A 75 -8.34 7.48 -3.53
C ALA A 75 -8.87 6.41 -2.57
N LEU A 76 -7.95 5.62 -2.03
CA LEU A 76 -8.30 4.55 -1.10
C LEU A 76 -8.00 4.96 0.34
N HIS A 77 -6.72 5.06 0.66
CA HIS A 77 -6.30 5.45 2.01
C HIS A 77 -6.77 6.86 2.35
N GLY A 78 -7.47 7.00 3.47
CA GLY A 78 -7.97 8.30 3.88
C GLY A 78 -9.31 8.63 3.25
N SER A 79 -9.78 7.76 2.37
CA SER A 79 -11.06 7.96 1.69
C SER A 79 -12.18 7.25 2.43
N GLN A 80 -12.22 5.93 2.30
CA GLN A 80 -13.25 5.13 2.95
C GLN A 80 -12.72 4.50 4.23
N THR A 81 -13.60 3.82 4.97
CA THR A 81 -13.22 3.17 6.21
C THR A 81 -13.70 1.72 6.24
N MET A 82 -12.78 0.80 5.99
CA MET A 82 -13.10 -0.63 5.99
C MET A 82 -14.11 -0.95 7.09
N PRO A 83 -15.14 -1.74 6.74
CA PRO A 83 -16.19 -2.15 7.68
C PRO A 83 -15.61 -2.67 8.99
N GLY A 84 -15.96 -2.00 10.08
CA GLY A 84 -15.48 -2.43 11.39
C GLY A 84 -14.53 -1.41 12.00
N ALA A 85 -13.54 -0.99 11.23
CA ALA A 85 -12.56 -0.02 11.71
C ALA A 85 -13.17 1.38 11.79
N SER A 86 -12.58 2.22 12.63
CA SER A 86 -13.07 3.58 12.81
C SER A 86 -12.23 4.57 11.98
N SER A 87 -11.03 4.16 11.62
CA SER A 87 -10.14 5.01 10.83
C SER A 87 -10.17 4.60 9.36
N SER A 88 -10.08 5.59 8.48
CA SER A 88 -10.11 5.34 7.04
C SER A 88 -8.98 4.38 6.65
N LEU A 89 -9.19 3.66 5.55
CA LEU A 89 -8.20 2.71 5.06
C LEU A 89 -6.79 3.27 5.20
N VAL A 90 -5.82 2.38 5.40
CA VAL A 90 -4.43 2.79 5.53
C VAL A 90 -3.57 2.19 4.43
N VAL A 91 -3.04 3.06 3.57
CA VAL A 91 -2.20 2.61 2.46
C VAL A 91 -1.01 3.55 2.27
N LYS A 92 0.17 3.10 2.70
CA LYS A 92 1.39 3.90 2.58
C LYS A 92 2.49 3.10 1.88
N PHE A 93 3.64 3.73 1.69
CA PHE A 93 4.77 3.09 1.04
C PHE A 93 5.56 2.25 2.03
N ALA A 94 5.90 1.02 1.63
CA ALA A 94 6.65 0.12 2.49
C ALA A 94 8.16 0.36 2.34
N ASP A 95 8.73 1.14 3.26
CA ASP A 95 10.15 1.45 3.22
C ASP A 95 10.87 0.75 4.37
N THR A 96 10.44 -0.47 4.68
CA THR A 96 11.06 -1.24 5.75
C THR A 96 12.24 -2.06 5.24
N ASP A 97 13.38 -1.40 5.10
CA ASP A 97 14.59 -2.07 4.63
C ASP A 97 15.81 -1.17 4.77
N LYS A 98 16.86 -1.69 5.38
CA LYS A 98 18.09 -0.93 5.58
C LYS A 98 19.02 -1.07 4.39
N GLU A 99 19.09 -0.04 3.55
CA GLU A 99 19.94 -0.06 2.38
C GLU A 99 21.13 0.88 2.57
N SER A 100 22.32 0.41 2.16
CA SER A 100 23.53 1.19 2.28
C SER A 100 24.21 1.35 0.93
N GLY A 101 24.87 2.50 0.73
CA GLY A 101 25.55 2.76 -0.52
C GLY A 101 26.92 3.36 -0.32
N PRO A 102 27.95 2.52 -0.31
CA PRO A 102 29.34 2.96 -0.12
C PRO A 102 29.93 3.58 -1.38
N SER A 103 29.15 4.43 -2.03
CA SER A 103 29.58 5.10 -3.25
C SER A 103 31.03 5.58 -3.12
N SER A 104 31.28 6.36 -2.08
CA SER A 104 32.62 6.90 -1.83
C SER A 104 33.24 6.27 -0.60
N GLY A 105 34.14 5.32 -0.82
CA GLY A 105 34.79 4.64 0.30
C GLY A 105 35.60 3.44 -0.15
N GLY A 1 -2.49 6.01 12.95
CA GLY A 1 -1.14 5.50 12.80
C GLY A 1 -0.09 6.59 12.95
N SER A 2 1.10 6.22 13.41
CA SER A 2 2.18 7.18 13.60
C SER A 2 2.95 7.38 12.30
N SER A 3 2.98 8.63 11.83
CA SER A 3 3.68 8.95 10.59
C SER A 3 5.04 9.57 10.88
N GLY A 4 5.94 9.51 9.91
CA GLY A 4 7.27 10.06 10.08
C GLY A 4 8.36 9.01 9.99
N SER A 5 9.27 9.17 9.03
CA SER A 5 10.35 8.22 8.84
C SER A 5 11.68 8.82 9.29
N SER A 6 11.90 10.09 8.94
CA SER A 6 13.12 10.79 9.30
C SER A 6 14.35 9.93 8.98
N GLY A 7 14.34 9.33 7.79
CA GLY A 7 15.44 8.49 7.37
C GLY A 7 15.62 8.47 5.87
N CYS A 8 14.52 8.46 5.14
CA CYS A 8 14.54 8.44 3.69
C CYS A 8 14.52 9.85 3.12
N LEU A 9 15.43 10.69 3.59
CA LEU A 9 15.50 12.08 3.13
C LEU A 9 16.23 12.17 1.79
N ARG A 10 17.39 11.52 1.71
CA ARG A 10 18.18 11.53 0.49
C ARG A 10 18.25 10.14 -0.12
N GLN A 11 18.48 9.13 0.72
CA GLN A 11 18.56 7.76 0.26
C GLN A 11 17.59 7.50 -0.88
N PRO A 12 18.01 6.66 -1.84
CA PRO A 12 17.18 6.31 -3.00
C PRO A 12 16.13 5.27 -2.66
N PRO A 13 14.85 5.68 -2.70
CA PRO A 13 13.73 4.78 -2.40
C PRO A 13 13.86 3.43 -3.08
N SER A 14 14.22 3.46 -4.36
CA SER A 14 14.39 2.22 -5.13
C SER A 14 13.37 1.17 -4.69
N HIS A 15 12.11 1.58 -4.56
CA HIS A 15 11.05 0.68 -4.16
C HIS A 15 9.67 1.30 -4.42
N ARG A 16 8.90 0.65 -5.29
CA ARG A 16 7.57 1.14 -5.62
C ARG A 16 6.49 0.24 -5.02
N LYS A 17 6.72 -0.19 -3.79
CA LYS A 17 5.76 -1.05 -3.10
C LYS A 17 4.85 -0.24 -2.18
N LEU A 18 3.73 -0.84 -1.79
CA LEU A 18 2.78 -0.17 -0.89
C LEU A 18 2.27 -1.12 0.18
N PHE A 19 2.13 -0.61 1.39
CA PHE A 19 1.65 -1.41 2.51
C PHE A 19 0.21 -1.03 2.88
N VAL A 20 -0.69 -2.01 2.81
CA VAL A 20 -2.09 -1.80 3.14
C VAL A 20 -2.47 -2.49 4.43
N GLY A 21 -3.14 -1.76 5.32
CA GLY A 21 -3.55 -2.33 6.59
C GLY A 21 -5.00 -2.02 6.92
N MET A 22 -5.36 -2.16 8.19
CA MET A 22 -6.73 -1.89 8.63
C MET A 22 -7.73 -2.60 7.73
N LEU A 23 -7.33 -3.74 7.19
CA LEU A 23 -8.20 -4.52 6.32
C LEU A 23 -9.01 -5.55 7.11
N ASN A 24 -10.02 -6.12 6.48
CA ASN A 24 -10.86 -7.12 7.14
C ASN A 24 -10.60 -8.50 6.56
N LYS A 25 -10.91 -9.53 7.35
CA LYS A 25 -10.70 -10.92 6.91
C LYS A 25 -11.87 -11.38 6.05
N GLN A 26 -12.28 -10.54 5.11
CA GLN A 26 -13.38 -10.86 4.21
C GLN A 26 -12.98 -10.66 2.76
N GLN A 27 -12.37 -9.51 2.47
CA GLN A 27 -11.93 -9.20 1.12
C GLN A 27 -10.95 -10.24 0.60
N SER A 28 -10.77 -10.28 -0.72
CA SER A 28 -9.86 -11.24 -1.34
C SER A 28 -8.98 -10.56 -2.39
N GLU A 29 -8.04 -11.32 -2.94
CA GLU A 29 -7.14 -10.78 -3.96
C GLU A 29 -7.92 -10.11 -5.08
N ASP A 30 -9.09 -10.67 -5.40
CA ASP A 30 -9.93 -10.12 -6.46
C ASP A 30 -10.40 -8.72 -6.09
N ASP A 31 -11.23 -8.62 -5.05
CA ASP A 31 -11.75 -7.33 -4.61
C ASP A 31 -10.66 -6.26 -4.64
N VAL A 32 -9.57 -6.51 -3.92
CA VAL A 32 -8.46 -5.57 -3.87
C VAL A 32 -7.83 -5.38 -5.24
N ARG A 33 -7.34 -6.46 -5.83
CA ARG A 33 -6.72 -6.41 -7.15
C ARG A 33 -7.43 -5.39 -8.04
N ARG A 34 -8.69 -5.65 -8.34
CA ARG A 34 -9.47 -4.75 -9.18
C ARG A 34 -9.55 -3.35 -8.57
N LEU A 35 -10.00 -3.28 -7.32
CA LEU A 35 -10.12 -2.01 -6.62
C LEU A 35 -8.89 -1.13 -6.87
N PHE A 36 -7.75 -1.58 -6.37
CA PHE A 36 -6.50 -0.84 -6.55
C PHE A 36 -6.27 -0.49 -8.02
N GLU A 37 -5.94 -1.50 -8.82
CA GLU A 37 -5.69 -1.29 -10.24
C GLU A 37 -6.73 -0.34 -10.84
N ALA A 38 -7.94 -0.37 -10.30
CA ALA A 38 -9.01 0.48 -10.78
C ALA A 38 -8.48 1.88 -11.12
N PHE A 39 -7.44 2.30 -10.41
CA PHE A 39 -6.85 3.62 -10.64
C PHE A 39 -5.48 3.48 -11.33
N GLY A 40 -4.51 2.95 -10.60
CA GLY A 40 -3.18 2.78 -11.16
C GLY A 40 -2.82 1.32 -11.36
N ASN A 41 -2.31 1.00 -12.55
CA ASN A 41 -1.92 -0.37 -12.85
C ASN A 41 -1.06 -0.96 -11.75
N ILE A 42 -1.18 -2.27 -11.53
CA ILE A 42 -0.41 -2.95 -10.51
C ILE A 42 0.60 -3.92 -11.13
N GLU A 43 1.80 -3.94 -10.57
CA GLU A 43 2.86 -4.82 -11.05
C GLU A 43 2.95 -6.09 -10.21
N GLU A 44 2.72 -5.94 -8.91
CA GLU A 44 2.79 -7.07 -8.00
C GLU A 44 1.81 -6.88 -6.83
N CYS A 45 1.15 -7.97 -6.45
CA CYS A 45 0.18 -7.92 -5.35
C CYS A 45 0.21 -9.23 -4.57
N THR A 46 0.14 -9.11 -3.24
CA THR A 46 0.14 -10.28 -2.37
C THR A 46 -0.59 -10.00 -1.06
N ILE A 47 -1.20 -11.04 -0.50
CA ILE A 47 -1.92 -10.90 0.76
C ILE A 47 -1.11 -11.43 1.93
N LEU A 48 -1.08 -10.68 3.02
CA LEU A 48 -0.34 -11.08 4.22
C LEU A 48 -1.14 -12.08 5.04
N ARG A 49 -0.61 -13.29 5.18
CA ARG A 49 -1.26 -14.34 5.94
C ARG A 49 -0.30 -15.01 6.91
N GLY A 50 -0.61 -14.96 8.20
CA GLY A 50 0.25 -15.56 9.20
C GLY A 50 0.24 -17.08 9.14
N PRO A 51 1.14 -17.71 9.90
CA PRO A 51 1.25 -19.17 9.94
C PRO A 51 -0.11 -19.86 10.05
N ASP A 52 -0.98 -19.29 10.88
CA ASP A 52 -2.31 -19.85 11.08
C ASP A 52 -3.08 -19.88 9.77
N GLY A 53 -2.94 -18.83 8.97
CA GLY A 53 -3.63 -18.76 7.70
C GLY A 53 -4.54 -17.54 7.59
N ASN A 54 -5.29 -17.28 8.65
CA ASN A 54 -6.20 -16.14 8.67
C ASN A 54 -5.47 -14.84 8.35
N SER A 55 -5.78 -14.26 7.20
CA SER A 55 -5.15 -13.02 6.77
C SER A 55 -5.08 -12.02 7.93
N LYS A 56 -3.95 -11.35 8.05
CA LYS A 56 -3.76 -10.35 9.10
C LYS A 56 -4.19 -8.98 8.64
N GLY A 57 -5.37 -8.91 8.03
CA GLY A 57 -5.89 -7.64 7.54
C GLY A 57 -4.80 -6.75 6.98
N CYS A 58 -3.95 -7.33 6.14
CA CYS A 58 -2.86 -6.58 5.52
C CYS A 58 -2.42 -7.23 4.22
N ALA A 59 -1.81 -6.44 3.35
CA ALA A 59 -1.35 -6.93 2.05
C ALA A 59 -0.29 -6.01 1.45
N PHE A 60 0.40 -6.49 0.42
CA PHE A 60 1.44 -5.71 -0.24
C PHE A 60 1.09 -5.48 -1.71
N VAL A 61 0.97 -4.21 -2.09
CA VAL A 61 0.64 -3.87 -3.47
C VAL A 61 1.81 -3.13 -4.13
N LYS A 62 1.90 -3.25 -5.45
CA LYS A 62 2.96 -2.59 -6.21
C LYS A 62 2.40 -1.95 -7.47
N TYR A 63 2.86 -0.73 -7.76
CA TYR A 63 2.40 0.00 -8.93
C TYR A 63 3.54 0.17 -9.94
N SER A 64 3.18 0.49 -11.18
CA SER A 64 4.18 0.68 -12.23
C SER A 64 5.04 1.90 -11.95
N SER A 65 4.40 3.03 -11.69
CA SER A 65 5.11 4.27 -11.41
C SER A 65 4.68 4.85 -10.07
N HIS A 66 5.40 5.87 -9.61
CA HIS A 66 5.09 6.52 -8.34
C HIS A 66 3.78 7.29 -8.42
N ALA A 67 3.65 8.13 -9.44
CA ALA A 67 2.44 8.92 -9.64
C ALA A 67 1.19 8.08 -9.39
N GLU A 68 0.99 7.07 -10.23
CA GLU A 68 -0.18 6.20 -10.11
C GLU A 68 -0.37 5.77 -8.66
N ALA A 69 0.73 5.41 -8.00
CA ALA A 69 0.68 4.98 -6.61
C ALA A 69 -0.05 6.00 -5.74
N GLN A 70 0.50 7.21 -5.67
CA GLN A 70 -0.10 8.27 -4.87
C GLN A 70 -1.60 8.37 -5.13
N ALA A 71 -1.98 8.36 -6.40
CA ALA A 71 -3.38 8.45 -6.78
C ALA A 71 -4.22 7.44 -5.99
N ALA A 72 -3.88 6.16 -6.10
CA ALA A 72 -4.60 5.11 -5.41
C ALA A 72 -4.66 5.39 -3.91
N ILE A 73 -3.54 5.81 -3.35
CA ILE A 73 -3.46 6.11 -1.93
C ILE A 73 -4.59 7.05 -1.50
N ASN A 74 -4.46 8.32 -1.90
CA ASN A 74 -5.46 9.33 -1.56
C ASN A 74 -6.85 8.88 -2.02
N ALA A 75 -6.91 8.25 -3.19
CA ALA A 75 -8.18 7.78 -3.74
C ALA A 75 -8.82 6.75 -2.81
N LEU A 76 -7.98 5.99 -2.12
CA LEU A 76 -8.47 4.96 -1.20
C LEU A 76 -8.11 5.31 0.25
N HIS A 77 -6.84 5.15 0.59
CA HIS A 77 -6.37 5.44 1.94
C HIS A 77 -6.85 6.82 2.39
N GLY A 78 -7.40 6.88 3.60
CA GLY A 78 -7.89 8.14 4.12
C GLY A 78 -9.24 8.53 3.55
N SER A 79 -9.67 7.80 2.52
CA SER A 79 -10.95 8.07 1.88
C SER A 79 -12.02 7.12 2.38
N GLN A 80 -11.90 5.85 2.02
CA GLN A 80 -12.86 4.84 2.44
C GLN A 80 -12.47 4.23 3.78
N THR A 81 -13.44 3.63 4.46
CA THR A 81 -13.20 3.02 5.76
C THR A 81 -13.65 1.56 5.77
N MET A 82 -12.69 0.65 5.60
CA MET A 82 -12.99 -0.78 5.59
C MET A 82 -14.09 -1.10 6.59
N PRO A 83 -15.06 -1.93 6.15
CA PRO A 83 -16.19 -2.34 6.99
C PRO A 83 -15.74 -2.81 8.37
N GLY A 84 -16.24 -2.15 9.42
CA GLY A 84 -15.89 -2.52 10.77
C GLY A 84 -14.97 -1.50 11.42
N ALA A 85 -13.92 -1.11 10.71
CA ALA A 85 -12.97 -0.14 11.23
C ALA A 85 -13.55 1.27 11.19
N SER A 86 -13.20 2.08 12.18
CA SER A 86 -13.69 3.45 12.27
C SER A 86 -12.71 4.42 11.60
N SER A 87 -11.49 3.95 11.38
CA SER A 87 -10.46 4.77 10.75
C SER A 87 -10.32 4.43 9.28
N SER A 88 -10.16 5.47 8.45
CA SER A 88 -10.02 5.28 7.01
C SER A 88 -8.91 4.29 6.70
N LEU A 89 -8.99 3.66 5.53
CA LEU A 89 -7.98 2.68 5.11
C LEU A 89 -6.58 3.20 5.37
N VAL A 90 -5.62 2.29 5.47
CA VAL A 90 -4.24 2.65 5.71
C VAL A 90 -3.32 2.11 4.61
N VAL A 91 -2.89 3.00 3.72
CA VAL A 91 -2.01 2.62 2.62
C VAL A 91 -0.86 3.61 2.47
N LYS A 92 0.35 3.17 2.83
CA LYS A 92 1.52 4.02 2.72
C LYS A 92 2.61 3.33 1.91
N PHE A 93 3.75 4.00 1.75
CA PHE A 93 4.87 3.45 1.00
C PHE A 93 5.67 2.46 1.85
N ALA A 94 5.37 1.18 1.68
CA ALA A 94 6.06 0.14 2.44
C ALA A 94 7.58 0.31 2.34
N ASP A 95 8.24 0.38 3.49
CA ASP A 95 9.68 0.55 3.53
C ASP A 95 10.37 -0.76 3.94
N THR A 96 11.37 -1.16 3.17
CA THR A 96 12.10 -2.39 3.45
C THR A 96 12.58 -2.44 4.88
N ASP A 97 12.81 -3.64 5.39
CA ASP A 97 13.28 -3.82 6.76
C ASP A 97 14.68 -4.43 6.78
N LYS A 98 14.88 -5.47 5.98
CA LYS A 98 16.16 -6.16 5.90
C LYS A 98 16.67 -6.21 4.47
N GLU A 99 17.28 -5.11 4.01
CA GLU A 99 17.80 -5.04 2.66
C GLU A 99 18.86 -6.11 2.43
N SER A 100 18.63 -6.96 1.43
CA SER A 100 19.55 -8.03 1.09
C SER A 100 20.28 -7.74 -0.21
N GLY A 101 21.46 -8.34 -0.37
CA GLY A 101 22.24 -8.14 -1.58
C GLY A 101 23.73 -8.18 -1.33
N PRO A 102 24.51 -8.42 -2.39
CA PRO A 102 25.97 -8.49 -2.31
C PRO A 102 26.61 -7.12 -2.18
N SER A 103 27.49 -6.95 -1.20
CA SER A 103 28.17 -5.69 -0.99
C SER A 103 29.15 -5.40 -2.11
N SER A 104 29.37 -4.11 -2.38
CA SER A 104 30.28 -3.69 -3.44
C SER A 104 31.57 -3.14 -2.86
N GLY A 105 32.70 -3.56 -3.44
CA GLY A 105 33.99 -3.10 -2.96
C GLY A 105 34.30 -3.58 -1.57
N GLY A 1 -14.31 20.90 -2.67
CA GLY A 1 -13.19 20.12 -2.17
C GLY A 1 -11.86 20.79 -2.43
N SER A 2 -11.23 20.44 -3.55
CA SER A 2 -9.94 21.01 -3.92
C SER A 2 -10.11 22.40 -4.55
N SER A 3 -10.29 23.41 -3.71
CA SER A 3 -10.47 24.77 -4.18
C SER A 3 -9.36 25.68 -3.66
N GLY A 4 -8.91 26.60 -4.52
CA GLY A 4 -7.85 27.51 -4.13
C GLY A 4 -6.68 26.80 -3.48
N SER A 5 -6.08 25.86 -4.20
CA SER A 5 -4.94 25.10 -3.68
C SER A 5 -4.05 25.99 -2.83
N SER A 6 -3.95 25.66 -1.54
CA SER A 6 -3.12 26.43 -0.62
C SER A 6 -1.64 26.29 -0.96
N GLY A 7 -1.21 25.04 -1.21
CA GLY A 7 0.17 24.80 -1.55
C GLY A 7 0.72 23.55 -0.88
N CYS A 8 0.55 22.41 -1.52
CA CYS A 8 1.02 21.14 -0.98
C CYS A 8 2.29 20.68 -1.69
N LEU A 9 3.44 21.02 -1.13
CA LEU A 9 4.72 20.65 -1.71
C LEU A 9 5.46 19.64 -0.83
N ARG A 10 5.55 18.41 -1.30
CA ARG A 10 6.23 17.35 -0.55
C ARG A 10 6.99 16.43 -1.49
N GLN A 11 7.85 15.59 -0.92
CA GLN A 11 8.64 14.65 -1.70
C GLN A 11 8.38 13.21 -1.26
N PRO A 12 7.29 12.62 -1.79
CA PRO A 12 6.91 11.24 -1.47
C PRO A 12 8.08 10.28 -1.54
N PRO A 13 8.50 9.78 -0.36
CA PRO A 13 9.62 8.84 -0.27
C PRO A 13 9.57 7.75 -1.33
N SER A 14 10.39 7.89 -2.36
CA SER A 14 10.42 6.92 -3.45
C SER A 14 10.18 5.51 -2.92
N HIS A 15 9.24 4.81 -3.55
CA HIS A 15 8.90 3.44 -3.14
C HIS A 15 8.12 2.73 -4.25
N ARG A 16 8.33 1.42 -4.35
CA ARG A 16 7.65 0.62 -5.37
C ARG A 16 6.53 -0.19 -4.75
N LYS A 17 6.78 -0.73 -3.56
CA LYS A 17 5.78 -1.53 -2.85
C LYS A 17 4.90 -0.65 -1.98
N LEU A 18 3.63 -1.05 -1.83
CA LEU A 18 2.69 -0.30 -1.02
C LEU A 18 2.12 -1.16 0.09
N PHE A 19 2.20 -0.67 1.32
CA PHE A 19 1.69 -1.40 2.48
C PHE A 19 0.25 -1.02 2.78
N VAL A 20 -0.61 -2.02 2.96
CA VAL A 20 -2.02 -1.78 3.25
C VAL A 20 -2.42 -2.42 4.57
N GLY A 21 -3.01 -1.62 5.45
CA GLY A 21 -3.43 -2.14 6.75
C GLY A 21 -4.89 -1.81 7.04
N MET A 22 -5.31 -2.11 8.27
CA MET A 22 -6.69 -1.84 8.69
C MET A 22 -7.67 -2.43 7.69
N LEU A 23 -7.36 -3.62 7.19
CA LEU A 23 -8.23 -4.29 6.22
C LEU A 23 -9.19 -5.24 6.92
N ASN A 24 -10.15 -5.78 6.16
CA ASN A 24 -11.13 -6.70 6.70
C ASN A 24 -10.77 -8.14 6.38
N LYS A 25 -11.34 -9.07 7.13
CA LYS A 25 -11.07 -10.49 6.92
C LYS A 25 -12.06 -11.09 5.92
N GLN A 26 -12.46 -10.29 4.94
CA GLN A 26 -13.41 -10.75 3.93
C GLN A 26 -12.86 -10.49 2.52
N GLN A 27 -12.30 -9.30 2.32
CA GLN A 27 -11.74 -8.94 1.03
C GLN A 27 -10.87 -10.06 0.47
N SER A 28 -10.72 -10.08 -0.85
CA SER A 28 -9.92 -11.10 -1.51
C SER A 28 -8.97 -10.48 -2.53
N GLU A 29 -8.07 -11.30 -3.07
CA GLU A 29 -7.12 -10.83 -4.06
C GLU A 29 -7.82 -10.16 -5.24
N ASP A 30 -8.96 -10.72 -5.63
CA ASP A 30 -9.74 -10.17 -6.74
C ASP A 30 -10.26 -8.78 -6.40
N ASP A 31 -10.79 -8.62 -5.19
CA ASP A 31 -11.32 -7.33 -4.75
C ASP A 31 -10.23 -6.27 -4.76
N VAL A 32 -9.18 -6.50 -3.99
CA VAL A 32 -8.06 -5.56 -3.90
C VAL A 32 -7.40 -5.38 -5.25
N ARG A 33 -7.25 -6.48 -5.99
CA ARG A 33 -6.62 -6.45 -7.30
C ARG A 33 -7.31 -5.44 -8.21
N ARG A 34 -8.58 -5.68 -8.51
CA ARG A 34 -9.35 -4.80 -9.37
C ARG A 34 -9.44 -3.39 -8.77
N LEU A 35 -9.90 -3.32 -7.52
CA LEU A 35 -10.04 -2.04 -6.83
C LEU A 35 -8.81 -1.17 -7.06
N PHE A 36 -7.67 -1.62 -6.54
CA PHE A 36 -6.42 -0.88 -6.68
C PHE A 36 -6.17 -0.52 -8.15
N GLU A 37 -5.87 -1.53 -8.95
CA GLU A 37 -5.60 -1.31 -10.37
C GLU A 37 -6.63 -0.37 -10.98
N ALA A 38 -7.84 -0.39 -10.44
CA ALA A 38 -8.92 0.46 -10.93
C ALA A 38 -8.41 1.88 -11.21
N PHE A 39 -7.37 2.28 -10.48
CA PHE A 39 -6.79 3.61 -10.64
C PHE A 39 -5.45 3.54 -11.37
N GLY A 40 -4.45 2.97 -10.69
CA GLY A 40 -3.14 2.84 -11.28
C GLY A 40 -2.74 1.41 -11.53
N ASN A 41 -2.19 1.14 -12.72
CA ASN A 41 -1.78 -0.21 -13.07
C ASN A 41 -1.01 -0.87 -11.92
N ILE A 42 -1.04 -2.19 -11.88
CA ILE A 42 -0.35 -2.94 -10.83
C ILE A 42 0.70 -3.86 -11.43
N GLU A 43 1.74 -4.16 -10.64
CA GLU A 43 2.82 -5.03 -11.09
C GLU A 43 2.89 -6.29 -10.24
N GLU A 44 2.65 -6.14 -8.94
CA GLU A 44 2.68 -7.26 -8.02
C GLU A 44 1.63 -7.12 -6.93
N CYS A 45 0.99 -8.23 -6.58
CA CYS A 45 -0.05 -8.22 -5.55
C CYS A 45 0.06 -9.45 -4.66
N THR A 46 -0.03 -9.24 -3.35
CA THR A 46 0.07 -10.34 -2.39
C THR A 46 -0.68 -10.00 -1.11
N ILE A 47 -1.31 -11.01 -0.51
CA ILE A 47 -2.05 -10.82 0.73
C ILE A 47 -1.28 -11.38 1.92
N LEU A 48 -1.21 -10.59 2.99
CA LEU A 48 -0.51 -11.00 4.20
C LEU A 48 -1.39 -11.90 5.07
N ARG A 49 -0.96 -13.14 5.25
CA ARG A 49 -1.71 -14.10 6.06
C ARG A 49 -0.80 -14.78 7.07
N GLY A 50 -1.27 -14.88 8.31
CA GLY A 50 -0.49 -15.51 9.35
C GLY A 50 -0.38 -17.01 9.17
N PRO A 51 0.53 -17.64 9.94
CA PRO A 51 0.75 -19.09 9.87
C PRO A 51 -0.56 -19.88 9.85
N ASP A 52 -1.44 -19.58 10.80
CA ASP A 52 -2.72 -20.26 10.89
C ASP A 52 -3.50 -20.14 9.58
N GLY A 53 -3.48 -18.94 8.99
CA GLY A 53 -4.19 -18.72 7.75
C GLY A 53 -4.93 -17.40 7.74
N ASN A 54 -5.73 -17.16 8.77
CA ASN A 54 -6.50 -15.93 8.87
C ASN A 54 -5.67 -14.72 8.45
N SER A 55 -6.19 -13.95 7.51
CA SER A 55 -5.50 -12.77 7.02
C SER A 55 -5.28 -11.75 8.14
N LYS A 56 -4.08 -11.19 8.19
CA LYS A 56 -3.75 -10.21 9.22
C LYS A 56 -4.21 -8.81 8.80
N GLY A 57 -5.36 -8.74 8.16
CA GLY A 57 -5.90 -7.46 7.72
C GLY A 57 -4.84 -6.58 7.09
N CYS A 58 -3.99 -7.18 6.25
CA CYS A 58 -2.93 -6.44 5.59
C CYS A 58 -2.53 -7.11 4.28
N ALA A 59 -1.89 -6.35 3.40
CA ALA A 59 -1.45 -6.88 2.12
C ALA A 59 -0.38 -5.98 1.49
N PHE A 60 0.24 -6.48 0.43
CA PHE A 60 1.28 -5.72 -0.27
C PHE A 60 0.98 -5.62 -1.76
N VAL A 61 0.89 -4.39 -2.25
CA VAL A 61 0.61 -4.15 -3.67
C VAL A 61 1.69 -3.29 -4.30
N LYS A 62 1.95 -3.53 -5.59
CA LYS A 62 2.95 -2.78 -6.33
C LYS A 62 2.33 -2.00 -7.47
N TYR A 63 3.00 -0.93 -7.90
CA TYR A 63 2.50 -0.10 -8.98
C TYR A 63 3.60 0.17 -10.01
N SER A 64 3.21 0.66 -11.18
CA SER A 64 4.16 0.96 -12.24
C SER A 64 5.12 2.07 -11.83
N SER A 65 4.54 3.19 -11.36
CA SER A 65 5.34 4.33 -10.93
C SER A 65 4.75 4.96 -9.68
N HIS A 66 5.36 6.05 -9.23
CA HIS A 66 4.90 6.75 -8.04
C HIS A 66 3.54 7.42 -8.30
N ALA A 67 3.50 8.30 -9.29
CA ALA A 67 2.26 9.00 -9.63
C ALA A 67 1.05 8.10 -9.43
N GLU A 68 0.95 7.05 -10.25
CA GLU A 68 -0.17 6.12 -10.16
C GLU A 68 -0.41 5.70 -8.71
N ALA A 69 0.67 5.33 -8.02
CA ALA A 69 0.57 4.91 -6.63
C ALA A 69 -0.17 5.94 -5.79
N GLN A 70 0.40 7.13 -5.68
CA GLN A 70 -0.21 8.20 -4.91
C GLN A 70 -1.71 8.29 -5.17
N ALA A 71 -2.08 8.21 -6.44
CA ALA A 71 -3.49 8.28 -6.83
C ALA A 71 -4.31 7.24 -6.07
N ALA A 72 -3.90 5.98 -6.16
CA ALA A 72 -4.61 4.90 -5.48
C ALA A 72 -4.65 5.14 -3.97
N ILE A 73 -3.59 5.73 -3.44
CA ILE A 73 -3.51 6.02 -2.02
C ILE A 73 -4.66 6.94 -1.57
N ASN A 74 -4.56 8.21 -1.96
CA ASN A 74 -5.58 9.19 -1.61
C ASN A 74 -6.97 8.68 -1.99
N ALA A 75 -7.08 8.08 -3.16
CA ALA A 75 -8.34 7.56 -3.65
C ALA A 75 -8.93 6.54 -2.66
N LEU A 76 -8.07 5.70 -2.10
CA LEU A 76 -8.51 4.69 -1.14
C LEU A 76 -8.18 5.12 0.28
N HIS A 77 -6.90 5.11 0.62
CA HIS A 77 -6.46 5.50 1.95
C HIS A 77 -6.98 6.89 2.31
N GLY A 78 -7.60 7.00 3.48
CA GLY A 78 -8.14 8.28 3.92
C GLY A 78 -9.47 8.61 3.27
N SER A 79 -9.93 7.72 2.40
CA SER A 79 -11.20 7.93 1.71
C SER A 79 -12.33 7.18 2.42
N GLN A 80 -12.35 5.86 2.27
CA GLN A 80 -13.37 5.03 2.89
C GLN A 80 -12.87 4.44 4.19
N THR A 81 -13.70 3.61 4.83
CA THR A 81 -13.34 2.98 6.09
C THR A 81 -13.69 1.50 6.07
N MET A 82 -12.68 0.65 5.85
CA MET A 82 -12.89 -0.79 5.81
C MET A 82 -13.88 -1.23 6.88
N PRO A 83 -14.81 -2.10 6.50
CA PRO A 83 -15.84 -2.62 7.41
C PRO A 83 -15.24 -3.11 8.73
N GLY A 84 -15.58 -2.42 9.82
CA GLY A 84 -15.07 -2.80 11.12
C GLY A 84 -14.25 -1.70 11.76
N ALA A 85 -13.28 -1.18 11.02
CA ALA A 85 -12.42 -0.11 11.52
C ALA A 85 -13.17 1.21 11.60
N SER A 86 -12.70 2.10 12.47
CA SER A 86 -13.33 3.41 12.64
C SER A 86 -12.59 4.47 11.85
N SER A 87 -11.33 4.20 11.53
CA SER A 87 -10.51 5.14 10.77
C SER A 87 -10.45 4.75 9.30
N SER A 88 -10.22 5.73 8.44
CA SER A 88 -10.15 5.50 7.00
C SER A 88 -9.05 4.49 6.67
N LEU A 89 -9.16 3.87 5.51
CA LEU A 89 -8.18 2.88 5.08
C LEU A 89 -6.77 3.40 5.25
N VAL A 90 -5.82 2.48 5.45
CA VAL A 90 -4.42 2.85 5.64
C VAL A 90 -3.55 2.26 4.54
N VAL A 91 -3.02 3.13 3.68
CA VAL A 91 -2.16 2.70 2.59
C VAL A 91 -0.97 3.63 2.42
N LYS A 92 0.21 3.16 2.85
CA LYS A 92 1.43 3.95 2.76
C LYS A 92 2.54 3.16 2.09
N PHE A 93 3.63 3.83 1.75
CA PHE A 93 4.77 3.19 1.11
C PHE A 93 5.57 2.38 2.13
N ALA A 94 5.83 1.11 1.81
CA ALA A 94 6.58 0.23 2.69
C ALA A 94 8.06 0.61 2.69
N ASP A 95 8.54 1.09 3.82
CA ASP A 95 9.94 1.49 3.97
C ASP A 95 10.78 0.34 4.50
N THR A 96 11.35 -0.45 3.59
CA THR A 96 12.18 -1.59 3.97
C THR A 96 13.00 -1.27 5.20
N ASP A 97 12.83 -2.07 6.25
CA ASP A 97 13.57 -1.88 7.49
C ASP A 97 14.78 -2.81 7.57
N LYS A 98 15.78 -2.42 8.34
CA LYS A 98 17.00 -3.22 8.49
C LYS A 98 17.61 -3.02 9.87
N GLU A 99 18.01 -4.12 10.49
CA GLU A 99 18.63 -4.06 11.81
C GLU A 99 20.09 -4.50 11.77
N SER A 100 20.99 -3.53 11.69
CA SER A 100 22.42 -3.82 11.64
C SER A 100 23.05 -3.70 13.01
N GLY A 101 24.16 -4.40 13.20
CA GLY A 101 24.86 -4.36 14.48
C GLY A 101 24.57 -5.58 15.33
N PRO A 102 25.42 -6.61 15.19
CA PRO A 102 25.28 -7.87 15.94
C PRO A 102 25.78 -7.74 17.38
N SER A 103 25.95 -6.50 17.83
CA SER A 103 26.42 -6.25 19.19
C SER A 103 27.51 -7.24 19.57
N SER A 104 28.41 -7.52 18.64
CA SER A 104 29.50 -8.45 18.89
C SER A 104 30.42 -7.94 20.00
N GLY A 105 30.05 -8.26 21.25
CA GLY A 105 30.85 -7.83 22.38
C GLY A 105 31.58 -8.98 23.05
N GLY A 1 20.13 24.26 14.48
CA GLY A 1 19.91 22.86 14.14
C GLY A 1 18.77 22.68 13.16
N SER A 2 19.05 21.97 12.06
CA SER A 2 18.03 21.73 11.04
C SER A 2 18.13 20.31 10.50
N SER A 3 16.98 19.69 10.27
CA SER A 3 16.94 18.33 9.76
C SER A 3 17.82 18.18 8.52
N GLY A 4 18.51 17.05 8.43
CA GLY A 4 19.38 16.81 7.29
C GLY A 4 19.90 15.40 7.25
N SER A 5 21.04 15.20 6.59
CA SER A 5 21.64 13.88 6.48
C SER A 5 23.08 13.89 6.99
N SER A 6 23.30 14.59 8.10
CA SER A 6 24.62 14.68 8.70
C SER A 6 24.99 13.39 9.40
N GLY A 7 25.77 12.55 8.72
CA GLY A 7 26.18 11.28 9.30
C GLY A 7 25.80 10.09 8.43
N CYS A 8 24.59 9.59 8.63
CA CYS A 8 24.10 8.44 7.86
C CYS A 8 23.45 8.91 6.56
N LEU A 9 23.76 8.22 5.47
CA LEU A 9 23.19 8.56 4.16
C LEU A 9 22.57 7.33 3.51
N ARG A 10 21.26 7.17 3.71
CA ARG A 10 20.54 6.04 3.13
C ARG A 10 19.96 6.40 1.77
N GLN A 11 20.34 5.64 0.75
CA GLN A 11 19.86 5.88 -0.61
C GLN A 11 18.38 5.51 -0.74
N PRO A 12 17.70 6.12 -1.71
CA PRO A 12 16.27 5.85 -1.96
C PRO A 12 16.05 4.54 -2.70
N PRO A 13 15.44 3.57 -1.99
CA PRO A 13 15.14 2.26 -2.56
C PRO A 13 14.58 2.33 -3.97
N SER A 14 14.68 1.24 -4.71
CA SER A 14 14.19 1.19 -6.09
C SER A 14 12.75 0.69 -6.12
N HIS A 15 12.57 -0.60 -5.84
CA HIS A 15 11.26 -1.22 -5.84
C HIS A 15 10.22 -0.28 -5.24
N ARG A 16 8.98 -0.41 -5.69
CA ARG A 16 7.89 0.43 -5.20
C ARG A 16 6.74 -0.42 -4.67
N LYS A 17 6.78 -0.73 -3.38
CA LYS A 17 5.74 -1.54 -2.75
C LYS A 17 4.82 -0.67 -1.89
N LEU A 18 3.56 -1.09 -1.77
CA LEU A 18 2.59 -0.36 -0.98
C LEU A 18 2.04 -1.22 0.16
N PHE A 19 2.07 -0.68 1.37
CA PHE A 19 1.57 -1.40 2.54
C PHE A 19 0.15 -0.98 2.88
N VAL A 20 -0.77 -1.94 2.86
CA VAL A 20 -2.17 -1.66 3.16
C VAL A 20 -2.57 -2.29 4.49
N GLY A 21 -3.17 -1.49 5.36
CA GLY A 21 -3.60 -1.98 6.66
C GLY A 21 -5.06 -1.68 6.94
N MET A 22 -5.48 -1.92 8.19
CA MET A 22 -6.87 -1.67 8.58
C MET A 22 -7.83 -2.40 7.67
N LEU A 23 -7.45 -3.60 7.25
CA LEU A 23 -8.29 -4.42 6.38
C LEU A 23 -9.11 -5.42 7.19
N ASN A 24 -10.08 -6.06 6.53
CA ASN A 24 -10.94 -7.03 7.18
C ASN A 24 -10.70 -8.43 6.62
N LYS A 25 -11.15 -9.44 7.37
CA LYS A 25 -10.98 -10.82 6.94
C LYS A 25 -12.07 -11.23 5.97
N GLN A 26 -12.29 -10.40 4.95
CA GLN A 26 -13.31 -10.67 3.94
C GLN A 26 -12.75 -10.45 2.53
N GLN A 27 -12.12 -9.30 2.33
CA GLN A 27 -11.54 -8.99 1.03
C GLN A 27 -10.55 -10.06 0.58
N SER A 28 -10.35 -10.17 -0.73
CA SER A 28 -9.43 -11.15 -1.28
C SER A 28 -8.56 -10.54 -2.36
N GLU A 29 -7.63 -11.33 -2.89
CA GLU A 29 -6.72 -10.86 -3.93
C GLU A 29 -7.49 -10.14 -5.03
N ASP A 30 -8.54 -10.78 -5.54
CA ASP A 30 -9.36 -10.20 -6.60
C ASP A 30 -9.88 -8.82 -6.19
N ASP A 31 -10.60 -8.78 -5.07
CA ASP A 31 -11.16 -7.52 -4.59
C ASP A 31 -10.13 -6.40 -4.70
N VAL A 32 -9.05 -6.50 -3.93
CA VAL A 32 -8.01 -5.48 -3.95
C VAL A 32 -7.48 -5.27 -5.37
N ARG A 33 -7.04 -6.36 -6.00
CA ARG A 33 -6.51 -6.28 -7.36
C ARG A 33 -7.25 -5.23 -8.18
N ARG A 34 -8.50 -5.52 -8.50
CA ARG A 34 -9.32 -4.60 -9.28
C ARG A 34 -9.44 -3.25 -8.60
N LEU A 35 -9.86 -3.27 -7.33
CA LEU A 35 -10.01 -2.05 -6.56
C LEU A 35 -8.84 -1.09 -6.81
N PHE A 36 -7.65 -1.49 -6.37
CA PHE A 36 -6.47 -0.67 -6.55
C PHE A 36 -6.25 -0.32 -8.03
N GLU A 37 -5.85 -1.31 -8.81
CA GLU A 37 -5.62 -1.11 -10.24
C GLU A 37 -6.68 -0.20 -10.83
N ALA A 38 -7.87 -0.22 -10.24
CA ALA A 38 -8.98 0.61 -10.72
C ALA A 38 -8.50 2.00 -11.10
N PHE A 39 -7.38 2.41 -10.52
CA PHE A 39 -6.81 3.73 -10.79
C PHE A 39 -5.55 3.61 -11.64
N GLY A 40 -4.48 3.10 -11.02
CA GLY A 40 -3.22 2.94 -11.73
C GLY A 40 -2.99 1.52 -12.19
N ASN A 41 -1.80 1.25 -12.69
CA ASN A 41 -1.45 -0.08 -13.17
C ASN A 41 -0.67 -0.86 -12.13
N ILE A 42 -1.08 -2.10 -11.88
CA ILE A 42 -0.41 -2.94 -10.89
C ILE A 42 0.60 -3.87 -11.57
N GLU A 43 1.63 -4.24 -10.82
CA GLU A 43 2.66 -5.14 -11.34
C GLU A 43 2.78 -6.40 -10.50
N GLU A 44 2.30 -6.32 -9.26
CA GLU A 44 2.35 -7.46 -8.36
C GLU A 44 1.45 -7.23 -7.14
N CYS A 45 0.69 -8.26 -6.77
CA CYS A 45 -0.21 -8.17 -5.62
C CYS A 45 -0.02 -9.35 -4.68
N THR A 46 -0.10 -9.08 -3.38
CA THR A 46 0.07 -10.11 -2.37
C THR A 46 -0.68 -9.76 -1.10
N ILE A 47 -1.18 -10.79 -0.40
CA ILE A 47 -1.91 -10.60 0.84
C ILE A 47 -1.16 -11.19 2.03
N LEU A 48 -1.13 -10.46 3.14
CA LEU A 48 -0.45 -10.93 4.34
C LEU A 48 -1.36 -11.81 5.17
N ARG A 49 -1.16 -13.12 5.08
CA ARG A 49 -1.98 -14.08 5.83
C ARG A 49 -1.10 -14.91 6.76
N GLY A 50 -1.33 -14.75 8.07
CA GLY A 50 -0.55 -15.49 9.05
C GLY A 50 -0.36 -16.94 8.65
N PRO A 51 0.78 -17.52 9.05
CA PRO A 51 1.11 -18.91 8.75
C PRO A 51 -0.05 -19.86 9.01
N ASP A 52 -0.91 -19.49 9.96
CA ASP A 52 -2.07 -20.30 10.29
C ASP A 52 -3.11 -20.25 9.18
N GLY A 53 -3.31 -19.07 8.62
CA GLY A 53 -4.29 -18.92 7.55
C GLY A 53 -5.00 -17.58 7.59
N ASN A 54 -5.81 -17.38 8.62
CA ASN A 54 -6.55 -16.14 8.78
C ASN A 54 -5.71 -14.94 8.33
N SER A 55 -6.34 -14.04 7.59
CA SER A 55 -5.65 -12.85 7.08
C SER A 55 -5.32 -11.90 8.23
N LYS A 56 -4.16 -11.25 8.14
CA LYS A 56 -3.74 -10.30 9.17
C LYS A 56 -4.23 -8.90 8.84
N GLY A 57 -5.38 -8.81 8.19
CA GLY A 57 -5.94 -7.52 7.84
C GLY A 57 -4.91 -6.60 7.21
N CYS A 58 -4.02 -7.17 6.40
CA CYS A 58 -2.98 -6.40 5.73
C CYS A 58 -2.58 -7.05 4.41
N ALA A 59 -2.05 -6.25 3.50
CA ALA A 59 -1.62 -6.75 2.20
C ALA A 59 -0.65 -5.78 1.53
N PHE A 60 0.08 -6.27 0.54
CA PHE A 60 1.05 -5.45 -0.18
C PHE A 60 0.67 -5.33 -1.65
N VAL A 61 0.90 -4.15 -2.22
CA VAL A 61 0.57 -3.91 -3.62
C VAL A 61 1.76 -3.28 -4.35
N LYS A 62 1.93 -3.64 -5.62
CA LYS A 62 3.02 -3.11 -6.43
C LYS A 62 2.48 -2.23 -7.55
N TYR A 63 3.26 -1.21 -7.92
CA TYR A 63 2.86 -0.29 -8.97
C TYR A 63 4.00 -0.06 -9.96
N SER A 64 3.69 0.55 -11.09
CA SER A 64 4.70 0.82 -12.12
C SER A 64 5.45 2.11 -11.82
N SER A 65 4.73 3.12 -11.34
CA SER A 65 5.33 4.40 -11.01
C SER A 65 4.77 4.94 -9.70
N HIS A 66 5.30 6.09 -9.27
CA HIS A 66 4.85 6.72 -8.03
C HIS A 66 3.48 7.37 -8.22
N ALA A 67 3.39 8.28 -9.19
CA ALA A 67 2.14 8.97 -9.48
C ALA A 67 0.94 8.05 -9.26
N GLU A 68 0.87 6.99 -10.06
CA GLU A 68 -0.23 6.04 -9.95
C GLU A 68 -0.44 5.61 -8.50
N ALA A 69 0.64 5.21 -7.85
CA ALA A 69 0.57 4.77 -6.46
C ALA A 69 -0.15 5.80 -5.59
N GLN A 70 0.39 7.02 -5.56
CA GLN A 70 -0.20 8.08 -4.77
C GLN A 70 -1.70 8.19 -5.02
N ALA A 71 -2.07 8.35 -6.28
CA ALA A 71 -3.48 8.46 -6.66
C ALA A 71 -4.32 7.41 -5.93
N ALA A 72 -4.02 6.14 -6.17
CA ALA A 72 -4.74 5.05 -5.54
C ALA A 72 -4.86 5.26 -4.04
N ILE A 73 -3.73 5.56 -3.40
CA ILE A 73 -3.71 5.79 -1.96
C ILE A 73 -4.79 6.77 -1.53
N ASN A 74 -4.57 8.06 -1.83
CA ASN A 74 -5.54 9.09 -1.48
C ASN A 74 -6.95 8.65 -1.82
N ALA A 75 -7.12 8.07 -3.01
CA ALA A 75 -8.43 7.61 -3.45
C ALA A 75 -9.05 6.66 -2.44
N LEU A 76 -8.24 5.75 -1.91
CA LEU A 76 -8.71 4.78 -0.93
C LEU A 76 -8.32 5.21 0.48
N HIS A 77 -7.03 5.16 0.78
CA HIS A 77 -6.53 5.54 2.09
C HIS A 77 -7.05 6.92 2.49
N GLY A 78 -7.67 6.99 3.66
CA GLY A 78 -8.20 8.25 4.14
C GLY A 78 -9.57 8.57 3.55
N SER A 79 -9.89 7.91 2.44
CA SER A 79 -11.17 8.12 1.77
C SER A 79 -12.26 7.24 2.39
N GLN A 80 -12.19 5.95 2.10
CA GLN A 80 -13.18 5.00 2.62
C GLN A 80 -12.69 4.38 3.93
N THR A 81 -13.59 3.71 4.63
CA THR A 81 -13.27 3.08 5.90
C THR A 81 -13.66 1.61 5.89
N MET A 82 -12.67 0.73 5.75
CA MET A 82 -12.92 -0.71 5.73
C MET A 82 -13.99 -1.08 6.76
N PRO A 83 -14.94 -1.94 6.34
CA PRO A 83 -16.02 -2.39 7.20
C PRO A 83 -15.53 -2.87 8.56
N GLY A 84 -16.04 -2.26 9.62
CA GLY A 84 -15.64 -2.63 10.96
C GLY A 84 -14.70 -1.63 11.59
N ALA A 85 -13.71 -1.18 10.82
CA ALA A 85 -12.75 -0.21 11.30
C ALA A 85 -13.34 1.19 11.36
N SER A 86 -12.95 1.96 12.38
CA SER A 86 -13.46 3.32 12.55
C SER A 86 -12.55 4.33 11.87
N SER A 87 -11.33 3.90 11.54
CA SER A 87 -10.36 4.76 10.89
C SER A 87 -10.32 4.50 9.40
N SER A 88 -10.07 5.56 8.62
CA SER A 88 -10.01 5.45 7.17
C SER A 88 -8.91 4.48 6.75
N LEU A 89 -9.12 3.83 5.60
CA LEU A 89 -8.15 2.86 5.09
C LEU A 89 -6.73 3.38 5.25
N VAL A 90 -5.78 2.47 5.39
CA VAL A 90 -4.38 2.82 5.55
C VAL A 90 -3.54 2.29 4.40
N VAL A 91 -2.99 3.20 3.60
CA VAL A 91 -2.16 2.81 2.47
C VAL A 91 -0.92 3.70 2.37
N LYS A 92 0.23 3.15 2.75
CA LYS A 92 1.48 3.89 2.70
C LYS A 92 2.51 3.16 1.83
N PHE A 93 3.60 3.84 1.52
CA PHE A 93 4.66 3.27 0.70
C PHE A 93 5.54 2.33 1.52
N ALA A 94 5.55 1.05 1.14
CA ALA A 94 6.35 0.05 1.84
C ALA A 94 7.82 0.13 1.42
N ASP A 95 8.68 0.51 2.36
CA ASP A 95 10.10 0.62 2.07
C ASP A 95 10.93 -0.11 3.14
N THR A 96 10.96 -1.43 3.04
CA THR A 96 11.70 -2.24 3.99
C THR A 96 12.25 -3.51 3.33
N ASP A 97 13.55 -3.71 3.44
CA ASP A 97 14.19 -4.89 2.86
C ASP A 97 13.61 -6.17 3.44
N LYS A 98 13.76 -7.28 2.71
CA LYS A 98 13.25 -8.56 3.15
C LYS A 98 14.39 -9.51 3.50
N GLU A 99 15.26 -9.76 2.52
CA GLU A 99 16.40 -10.65 2.72
C GLU A 99 17.02 -10.43 4.09
N SER A 100 17.45 -11.52 4.72
CA SER A 100 18.07 -11.45 6.04
C SER A 100 19.57 -11.73 5.97
N GLY A 101 20.36 -10.66 5.92
CA GLY A 101 21.80 -10.81 5.83
C GLY A 101 22.46 -9.70 5.05
N PRO A 102 22.94 -8.66 5.76
CA PRO A 102 23.59 -7.51 5.12
C PRO A 102 25.01 -7.82 4.68
N SER A 103 25.15 -8.28 3.44
CA SER A 103 26.46 -8.63 2.90
C SER A 103 27.31 -7.38 2.70
N SER A 104 28.56 -7.58 2.27
CA SER A 104 29.47 -6.47 2.05
C SER A 104 30.41 -6.77 0.89
N GLY A 105 30.18 -6.09 -0.24
CA GLY A 105 31.01 -6.29 -1.41
C GLY A 105 31.80 -5.05 -1.78
N GLY A 1 17.11 17.58 -30.88
CA GLY A 1 16.84 18.73 -30.04
C GLY A 1 17.91 19.79 -30.12
N SER A 2 17.52 20.99 -30.55
CA SER A 2 18.46 22.10 -30.68
C SER A 2 19.00 22.52 -29.33
N SER A 3 20.13 23.22 -29.34
CA SER A 3 20.77 23.68 -28.11
C SER A 3 19.73 24.28 -27.16
N GLY A 4 19.52 23.62 -26.02
CA GLY A 4 18.56 24.11 -25.05
C GLY A 4 17.15 23.62 -25.34
N SER A 5 16.74 22.54 -24.68
CA SER A 5 15.41 21.98 -24.88
C SER A 5 14.63 21.95 -23.56
N SER A 6 13.33 22.13 -23.64
CA SER A 6 12.47 22.13 -22.46
C SER A 6 11.66 20.83 -22.38
N GLY A 7 12.14 19.90 -21.56
CA GLY A 7 11.45 18.63 -21.41
C GLY A 7 11.28 18.23 -19.96
N CYS A 8 11.26 16.93 -19.70
CA CYS A 8 11.10 16.43 -18.34
C CYS A 8 11.93 15.16 -18.13
N LEU A 9 12.44 14.99 -16.92
CA LEU A 9 13.24 13.82 -16.59
C LEU A 9 13.48 13.72 -15.09
N ARG A 10 13.43 12.50 -14.56
CA ARG A 10 13.63 12.27 -13.13
C ARG A 10 14.12 10.85 -12.88
N GLN A 11 14.88 10.67 -11.80
CA GLN A 11 15.40 9.36 -11.45
C GLN A 11 14.68 8.79 -10.24
N PRO A 12 13.63 7.99 -10.49
CA PRO A 12 12.83 7.37 -9.43
C PRO A 12 13.56 6.21 -8.77
N PRO A 13 13.00 5.74 -7.64
CA PRO A 13 13.58 4.62 -6.88
C PRO A 13 13.31 3.27 -7.54
N SER A 14 13.96 2.23 -7.05
CA SER A 14 13.80 0.89 -7.59
C SER A 14 12.79 0.09 -6.78
N HIS A 15 12.92 0.15 -5.45
CA HIS A 15 12.02 -0.55 -4.56
C HIS A 15 10.77 0.27 -4.26
N ARG A 16 9.71 0.03 -5.03
CA ARG A 16 8.46 0.76 -4.86
C ARG A 16 7.34 -0.18 -4.46
N LYS A 17 6.98 -0.17 -3.18
CA LYS A 17 5.91 -1.02 -2.68
C LYS A 17 4.91 -0.23 -1.85
N LEU A 18 3.71 -0.76 -1.70
CA LEU A 18 2.66 -0.10 -0.93
C LEU A 18 2.09 -1.03 0.12
N PHE A 19 2.17 -0.61 1.39
CA PHE A 19 1.66 -1.41 2.50
C PHE A 19 0.24 -0.98 2.87
N VAL A 20 -0.67 -1.95 2.90
CA VAL A 20 -2.06 -1.67 3.24
C VAL A 20 -2.45 -2.34 4.56
N GLY A 21 -3.12 -1.59 5.43
CA GLY A 21 -3.54 -2.12 6.71
C GLY A 21 -5.01 -1.89 6.99
N MET A 22 -5.39 -1.95 8.26
CA MET A 22 -6.78 -1.74 8.65
C MET A 22 -7.73 -2.45 7.68
N LEU A 23 -7.35 -3.65 7.25
CA LEU A 23 -8.17 -4.42 6.33
C LEU A 23 -9.05 -5.41 7.07
N ASN A 24 -10.10 -5.89 6.41
CA ASN A 24 -11.02 -6.84 7.01
C ASN A 24 -10.70 -8.26 6.55
N LYS A 25 -11.28 -9.24 7.24
CA LYS A 25 -11.07 -10.65 6.91
C LYS A 25 -12.11 -11.12 5.89
N GLN A 26 -12.42 -10.28 4.92
CA GLN A 26 -13.40 -10.63 3.89
C GLN A 26 -12.81 -10.42 2.50
N GLN A 27 -12.28 -9.23 2.25
CA GLN A 27 -11.70 -8.91 0.95
C GLN A 27 -10.62 -9.92 0.58
N SER A 28 -10.47 -10.17 -0.71
CA SER A 28 -9.47 -11.12 -1.20
C SER A 28 -8.69 -10.53 -2.37
N GLU A 29 -7.70 -11.28 -2.85
CA GLU A 29 -6.87 -10.84 -3.96
C GLU A 29 -7.73 -10.32 -5.11
N ASP A 30 -8.81 -11.03 -5.39
CA ASP A 30 -9.73 -10.63 -6.46
C ASP A 30 -10.13 -9.17 -6.32
N ASP A 31 -10.71 -8.82 -5.17
CA ASP A 31 -11.13 -7.45 -4.91
C ASP A 31 -9.95 -6.50 -4.95
N VAL A 32 -9.05 -6.64 -3.99
CA VAL A 32 -7.87 -5.79 -3.90
C VAL A 32 -7.26 -5.56 -5.29
N ARG A 33 -7.33 -6.59 -6.13
CA ARG A 33 -6.77 -6.50 -7.48
C ARG A 33 -7.52 -5.47 -8.30
N ARG A 34 -8.82 -5.68 -8.49
CA ARG A 34 -9.65 -4.75 -9.26
C ARG A 34 -9.70 -3.38 -8.59
N LEU A 35 -10.04 -3.37 -7.31
CA LEU A 35 -10.13 -2.13 -6.55
C LEU A 35 -8.94 -1.23 -6.84
N PHE A 36 -7.75 -1.68 -6.44
CA PHE A 36 -6.53 -0.90 -6.67
C PHE A 36 -6.39 -0.53 -8.14
N GLU A 37 -6.13 -1.53 -8.98
CA GLU A 37 -5.97 -1.29 -10.41
C GLU A 37 -7.05 -0.36 -10.94
N ALA A 38 -8.19 -0.33 -10.25
CA ALA A 38 -9.30 0.54 -10.65
C ALA A 38 -8.81 1.95 -10.95
N PHE A 39 -7.63 2.29 -10.42
CA PHE A 39 -7.06 3.61 -10.63
C PHE A 39 -5.75 3.52 -11.42
N GLY A 40 -4.70 3.05 -10.76
CA GLY A 40 -3.41 2.93 -11.40
C GLY A 40 -3.02 1.48 -11.64
N ASN A 41 -2.30 1.23 -12.72
CA ASN A 41 -1.87 -0.12 -13.06
C ASN A 41 -1.15 -0.77 -11.89
N ILE A 42 -1.12 -2.09 -11.88
CA ILE A 42 -0.47 -2.84 -10.82
C ILE A 42 0.63 -3.75 -11.37
N GLU A 43 1.68 -3.95 -10.59
CA GLU A 43 2.79 -4.80 -11.00
C GLU A 43 2.72 -6.16 -10.32
N GLU A 44 2.47 -6.15 -9.01
CA GLU A 44 2.37 -7.38 -8.24
C GLU A 44 1.49 -7.19 -7.01
N CYS A 45 0.85 -8.27 -6.58
CA CYS A 45 -0.03 -8.22 -5.41
C CYS A 45 0.18 -9.45 -4.52
N THR A 46 0.09 -9.24 -3.21
CA THR A 46 0.27 -10.33 -2.25
C THR A 46 -0.50 -10.05 -0.97
N ILE A 47 -1.13 -11.10 -0.43
CA ILE A 47 -1.90 -10.96 0.80
C ILE A 47 -1.05 -11.32 2.01
N LEU A 48 -1.03 -10.43 3.00
CA LEU A 48 -0.26 -10.64 4.22
C LEU A 48 -1.10 -11.34 5.27
N ARG A 49 -0.84 -12.64 5.46
CA ARG A 49 -1.57 -13.43 6.45
C ARG A 49 -0.82 -14.71 6.78
N GLY A 50 -1.00 -15.19 8.01
CA GLY A 50 -0.33 -16.40 8.43
C GLY A 50 -0.72 -17.61 7.60
N PRO A 51 -0.18 -18.78 7.96
CA PRO A 51 -0.47 -20.04 7.24
C PRO A 51 -1.84 -20.60 7.59
N ASP A 52 -2.43 -20.08 8.66
CA ASP A 52 -3.75 -20.54 9.09
C ASP A 52 -4.82 -20.15 8.08
N GLY A 53 -4.79 -18.90 7.65
CA GLY A 53 -5.76 -18.42 6.68
C GLY A 53 -6.38 -17.10 7.09
N ASN A 54 -6.79 -17.00 8.36
CA ASN A 54 -7.39 -15.78 8.87
C ASN A 54 -6.56 -14.57 8.52
N SER A 55 -6.85 -13.96 7.37
CA SER A 55 -6.11 -12.78 6.92
C SER A 55 -5.75 -11.88 8.11
N LYS A 56 -4.56 -11.30 8.05
CA LYS A 56 -4.08 -10.41 9.10
C LYS A 56 -4.38 -8.96 8.77
N GLY A 57 -5.56 -8.72 8.20
CA GLY A 57 -5.95 -7.36 7.85
C GLY A 57 -4.80 -6.56 7.29
N CYS A 58 -4.01 -7.18 6.42
CA CYS A 58 -2.86 -6.52 5.81
C CYS A 58 -2.52 -7.16 4.47
N ALA A 59 -1.97 -6.35 3.56
CA ALA A 59 -1.59 -6.84 2.23
C ALA A 59 -0.60 -5.90 1.57
N PHE A 60 0.07 -6.40 0.54
CA PHE A 60 1.05 -5.59 -0.19
C PHE A 60 0.63 -5.40 -1.64
N VAL A 61 0.90 -4.22 -2.18
CA VAL A 61 0.54 -3.90 -3.56
C VAL A 61 1.64 -3.10 -4.23
N LYS A 62 1.93 -3.44 -5.49
CA LYS A 62 2.96 -2.75 -6.25
C LYS A 62 2.37 -2.09 -7.50
N TYR A 63 2.95 -0.97 -7.90
CA TYR A 63 2.48 -0.24 -9.08
C TYR A 63 3.60 -0.07 -10.10
N SER A 64 3.25 0.43 -11.28
CA SER A 64 4.22 0.64 -12.34
C SER A 64 5.08 1.87 -12.07
N SER A 65 4.41 2.98 -11.75
CA SER A 65 5.11 4.23 -11.47
C SER A 65 4.70 4.79 -10.11
N HIS A 66 5.24 5.95 -9.76
CA HIS A 66 4.94 6.58 -8.48
C HIS A 66 3.60 7.31 -8.56
N ALA A 67 3.53 8.33 -9.42
CA ALA A 67 2.30 9.10 -9.58
C ALA A 67 1.07 8.23 -9.41
N GLU A 68 0.94 7.22 -10.26
CA GLU A 68 -0.20 6.31 -10.20
C GLU A 68 -0.43 5.82 -8.77
N ALA A 69 0.63 5.34 -8.13
CA ALA A 69 0.53 4.86 -6.76
C ALA A 69 -0.11 5.89 -5.85
N GLN A 70 0.50 7.07 -5.77
CA GLN A 70 -0.02 8.15 -4.93
C GLN A 70 -1.53 8.29 -5.10
N ALA A 71 -1.98 8.34 -6.36
CA ALA A 71 -3.40 8.47 -6.65
C ALA A 71 -4.22 7.42 -5.91
N ALA A 72 -3.91 6.15 -6.16
CA ALA A 72 -4.60 5.06 -5.50
C ALA A 72 -4.63 5.23 -3.99
N ILE A 73 -3.53 5.73 -3.44
CA ILE A 73 -3.42 5.95 -2.01
C ILE A 73 -4.50 6.90 -1.51
N ASN A 74 -4.34 8.19 -1.81
CA ASN A 74 -5.29 9.20 -1.40
C ASN A 74 -6.72 8.78 -1.77
N ALA A 75 -6.88 8.24 -2.97
CA ALA A 75 -8.18 7.80 -3.45
C ALA A 75 -8.83 6.84 -2.45
N LEU A 76 -8.05 5.88 -1.96
CA LEU A 76 -8.55 4.91 -1.00
C LEU A 76 -8.13 5.28 0.42
N HIS A 77 -6.84 5.21 0.70
CA HIS A 77 -6.32 5.54 2.02
C HIS A 77 -6.82 6.90 2.47
N GLY A 78 -7.40 6.95 3.66
CA GLY A 78 -7.90 8.20 4.19
C GLY A 78 -9.24 8.59 3.59
N SER A 79 -9.64 7.86 2.54
CA SER A 79 -10.90 8.14 1.87
C SER A 79 -12.00 7.20 2.36
N GLN A 80 -11.85 5.91 2.06
CA GLN A 80 -12.83 4.91 2.48
C GLN A 80 -12.44 4.30 3.82
N THR A 81 -13.40 3.65 4.46
CA THR A 81 -13.17 3.01 5.75
C THR A 81 -13.67 1.57 5.76
N MET A 82 -12.74 0.62 5.63
CA MET A 82 -13.08 -0.79 5.62
C MET A 82 -14.25 -1.07 6.57
N PRO A 83 -15.26 -1.80 6.07
CA PRO A 83 -16.45 -2.15 6.86
C PRO A 83 -16.09 -2.71 8.23
N GLY A 84 -16.55 -2.05 9.27
CA GLY A 84 -16.26 -2.50 10.63
C GLY A 84 -15.26 -1.62 11.35
N ALA A 85 -14.19 -1.26 10.64
CA ALA A 85 -13.16 -0.40 11.22
C ALA A 85 -13.64 1.04 11.34
N SER A 86 -13.25 1.70 12.42
CA SER A 86 -13.64 3.08 12.65
C SER A 86 -12.63 4.05 12.03
N SER A 87 -11.45 3.53 11.71
CA SER A 87 -10.40 4.35 11.11
C SER A 87 -10.34 4.14 9.60
N SER A 88 -10.06 5.22 8.88
CA SER A 88 -9.98 5.16 7.42
C SER A 88 -8.85 4.24 6.97
N LEU A 89 -9.00 3.65 5.79
CA LEU A 89 -8.00 2.76 5.25
C LEU A 89 -6.61 3.37 5.36
N VAL A 90 -5.60 2.52 5.57
CA VAL A 90 -4.22 2.97 5.69
C VAL A 90 -3.34 2.37 4.61
N VAL A 91 -2.77 3.21 3.76
CA VAL A 91 -1.91 2.76 2.68
C VAL A 91 -0.72 3.70 2.49
N LYS A 92 0.48 3.17 2.71
CA LYS A 92 1.70 3.96 2.57
C LYS A 92 2.73 3.22 1.73
N PHE A 93 3.83 3.90 1.40
CA PHE A 93 4.90 3.30 0.61
C PHE A 93 5.82 2.47 1.49
N ALA A 94 5.57 1.17 1.55
CA ALA A 94 6.38 0.26 2.36
C ALA A 94 7.85 0.70 2.34
N ASP A 95 8.39 0.95 3.53
CA ASP A 95 9.78 1.37 3.65
C ASP A 95 10.27 1.19 5.09
N THR A 96 11.28 0.34 5.27
CA THR A 96 11.83 0.09 6.59
C THR A 96 13.15 0.83 6.79
N ASP A 97 13.08 1.98 7.46
CA ASP A 97 14.27 2.78 7.72
C ASP A 97 13.98 3.84 8.78
N LYS A 98 15.05 4.33 9.42
CA LYS A 98 14.92 5.35 10.45
C LYS A 98 14.91 6.75 9.85
N GLU A 99 15.96 7.07 9.09
CA GLU A 99 16.07 8.38 8.46
C GLU A 99 17.06 8.33 7.29
N SER A 100 16.82 9.18 6.31
CA SER A 100 17.68 9.24 5.12
C SER A 100 18.53 10.51 5.13
N GLY A 101 19.40 10.62 4.14
CA GLY A 101 20.26 11.79 4.05
C GLY A 101 21.54 11.52 3.27
N PRO A 102 22.02 12.53 2.55
CA PRO A 102 23.24 12.42 1.74
C PRO A 102 24.51 12.47 2.59
N SER A 103 25.46 11.60 2.28
CA SER A 103 26.72 11.55 3.03
C SER A 103 27.49 12.85 2.88
N SER A 104 27.42 13.68 3.91
CA SER A 104 28.11 14.98 3.90
C SER A 104 29.46 14.87 3.20
N GLY A 105 30.24 13.87 3.59
CA GLY A 105 31.55 13.66 2.98
C GLY A 105 31.49 12.74 1.78
N GLY A 1 8.38 33.81 5.21
CA GLY A 1 6.95 33.62 5.04
C GLY A 1 6.27 33.20 6.33
N SER A 2 6.77 32.15 6.95
CA SER A 2 6.21 31.65 8.20
C SER A 2 7.28 31.50 9.27
N SER A 3 8.17 32.49 9.35
CA SER A 3 9.25 32.47 10.32
C SER A 3 9.92 31.10 10.38
N GLY A 4 10.13 30.51 9.20
CA GLY A 4 10.76 29.21 9.14
C GLY A 4 11.36 28.92 7.78
N SER A 5 11.97 27.74 7.63
CA SER A 5 12.59 27.36 6.37
C SER A 5 11.55 26.83 5.38
N SER A 6 11.66 27.27 4.13
CA SER A 6 10.73 26.84 3.10
C SER A 6 11.37 25.81 2.18
N GLY A 7 12.10 24.86 2.78
CA GLY A 7 12.75 23.84 2.00
C GLY A 7 13.36 22.74 2.87
N CYS A 8 13.30 21.51 2.39
CA CYS A 8 13.84 20.38 3.13
C CYS A 8 14.27 19.26 2.19
N LEU A 9 15.52 18.82 2.32
CA LEU A 9 16.05 17.76 1.48
C LEU A 9 15.04 16.63 1.32
N ARG A 10 15.20 15.83 0.28
CA ARG A 10 14.31 14.71 0.01
C ARG A 10 15.08 13.48 -0.43
N GLN A 11 15.02 12.42 0.37
CA GLN A 11 15.72 11.18 0.06
C GLN A 11 15.07 10.47 -1.12
N PRO A 12 15.90 9.83 -1.96
CA PRO A 12 15.43 9.11 -3.14
C PRO A 12 14.85 7.74 -2.79
N PRO A 13 13.54 7.59 -2.94
CA PRO A 13 12.84 6.33 -2.65
C PRO A 13 13.09 5.27 -3.70
N SER A 14 14.09 4.42 -3.46
CA SER A 14 14.43 3.35 -4.40
C SER A 14 13.55 2.13 -4.18
N HIS A 15 12.27 2.38 -3.89
CA HIS A 15 11.31 1.30 -3.67
C HIS A 15 9.95 1.65 -4.26
N ARG A 16 9.26 0.63 -4.76
CA ARG A 16 7.94 0.84 -5.36
C ARG A 16 6.94 -0.17 -4.81
N LYS A 17 6.60 -0.02 -3.53
CA LYS A 17 5.66 -0.92 -2.87
C LYS A 17 4.64 -0.13 -2.04
N LEU A 18 3.51 -0.76 -1.76
CA LEU A 18 2.46 -0.11 -0.97
C LEU A 18 1.94 -1.05 0.10
N PHE A 19 2.04 -0.64 1.36
CA PHE A 19 1.58 -1.44 2.48
C PHE A 19 0.15 -1.06 2.87
N VAL A 20 -0.76 -2.02 2.76
CA VAL A 20 -2.16 -1.79 3.09
C VAL A 20 -2.53 -2.47 4.41
N GLY A 21 -3.19 -1.71 5.29
CA GLY A 21 -3.58 -2.25 6.57
C GLY A 21 -5.04 -1.99 6.89
N MET A 22 -5.42 -2.15 8.15
CA MET A 22 -6.80 -1.94 8.58
C MET A 22 -7.77 -2.48 7.55
N LEU A 23 -7.43 -3.62 6.95
CA LEU A 23 -8.28 -4.25 5.95
C LEU A 23 -9.34 -5.12 6.60
N ASN A 24 -10.26 -5.65 5.80
CA ASN A 24 -11.32 -6.51 6.30
C ASN A 24 -11.06 -7.98 5.93
N LYS A 25 -11.54 -8.88 6.77
CA LYS A 25 -11.36 -10.31 6.55
C LYS A 25 -12.46 -10.85 5.64
N GLN A 26 -12.98 -10.00 4.76
CA GLN A 26 -14.04 -10.41 3.83
C GLN A 26 -13.52 -10.44 2.40
N GLN A 27 -12.95 -9.32 1.96
CA GLN A 27 -12.42 -9.22 0.59
C GLN A 27 -11.19 -10.10 0.43
N SER A 28 -10.81 -10.35 -0.81
CA SER A 28 -9.65 -11.19 -1.11
C SER A 28 -8.73 -10.50 -2.11
N GLU A 29 -7.62 -11.15 -2.44
CA GLU A 29 -6.65 -10.61 -3.38
C GLU A 29 -7.37 -10.09 -4.63
N ASP A 30 -8.36 -10.83 -5.10
CA ASP A 30 -9.12 -10.43 -6.28
C ASP A 30 -9.69 -9.03 -6.12
N ASP A 31 -10.56 -8.87 -5.13
CA ASP A 31 -11.18 -7.57 -4.87
C ASP A 31 -10.14 -6.46 -4.89
N VAL A 32 -9.11 -6.61 -4.06
CA VAL A 32 -8.05 -5.61 -3.98
C VAL A 32 -7.38 -5.40 -5.33
N ARG A 33 -7.18 -6.49 -6.05
CA ARG A 33 -6.55 -6.43 -7.36
C ARG A 33 -7.26 -5.43 -8.27
N ARG A 34 -8.53 -5.69 -8.55
CA ARG A 34 -9.32 -4.81 -9.41
C ARG A 34 -9.41 -3.41 -8.80
N LEU A 35 -9.85 -3.33 -7.55
CA LEU A 35 -9.98 -2.05 -6.86
C LEU A 35 -8.76 -1.17 -7.13
N PHE A 36 -7.62 -1.60 -6.63
CA PHE A 36 -6.37 -0.85 -6.80
C PHE A 36 -6.16 -0.50 -8.27
N GLU A 37 -5.82 -1.51 -9.07
CA GLU A 37 -5.58 -1.32 -10.49
C GLU A 37 -6.62 -0.38 -11.10
N ALA A 38 -7.83 -0.41 -10.54
CA ALA A 38 -8.91 0.43 -11.03
C ALA A 38 -8.41 1.84 -11.35
N PHE A 39 -7.31 2.23 -10.71
CA PHE A 39 -6.72 3.55 -10.92
C PHE A 39 -5.35 3.43 -11.59
N GLY A 40 -4.37 2.98 -10.83
CA GLY A 40 -3.03 2.84 -11.36
C GLY A 40 -2.66 1.39 -11.64
N ASN A 41 -2.08 1.13 -12.81
CA ASN A 41 -1.69 -0.22 -13.19
C ASN A 41 -0.89 -0.89 -12.07
N ILE A 42 -1.01 -2.21 -11.98
CA ILE A 42 -0.30 -2.97 -10.95
C ILE A 42 0.74 -3.89 -11.58
N GLU A 43 1.80 -4.16 -10.83
CA GLU A 43 2.87 -5.03 -11.32
C GLU A 43 3.00 -6.27 -10.44
N GLU A 44 2.59 -6.14 -9.18
CA GLU A 44 2.66 -7.24 -8.24
C GLU A 44 1.68 -7.03 -7.08
N CYS A 45 1.35 -8.12 -6.39
CA CYS A 45 0.42 -8.06 -5.27
C CYS A 45 0.55 -9.30 -4.39
N THR A 46 0.44 -9.11 -3.08
CA THR A 46 0.55 -10.20 -2.13
C THR A 46 -0.32 -9.96 -0.90
N ILE A 47 -0.97 -11.02 -0.42
CA ILE A 47 -1.83 -10.92 0.76
C ILE A 47 -1.13 -11.46 2.00
N LEU A 48 -0.95 -10.61 2.99
CA LEU A 48 -0.30 -11.00 4.23
C LEU A 48 -1.28 -11.73 5.15
N ARG A 49 -0.95 -12.97 5.49
CA ARG A 49 -1.79 -13.77 6.36
C ARG A 49 -1.04 -14.19 7.63
N GLY A 50 -0.11 -13.34 8.05
CA GLY A 50 0.67 -13.64 9.24
C GLY A 50 1.39 -14.96 9.15
N PRO A 51 2.47 -15.12 9.93
CA PRO A 51 3.27 -16.34 9.96
C PRO A 51 2.41 -17.59 10.10
N ASP A 52 1.42 -17.53 10.99
CA ASP A 52 0.53 -18.66 11.21
C ASP A 52 -0.10 -19.13 9.90
N GLY A 53 -0.64 -18.17 9.14
CA GLY A 53 -1.28 -18.50 7.88
C GLY A 53 -2.72 -18.03 7.81
N ASN A 54 -3.02 -16.95 8.52
CA ASN A 54 -4.38 -16.42 8.55
C ASN A 54 -4.38 -14.93 8.21
N SER A 55 -5.28 -14.53 7.32
CA SER A 55 -5.38 -13.13 6.92
C SER A 55 -5.17 -12.19 8.11
N LYS A 56 -4.32 -11.20 7.93
CA LYS A 56 -4.03 -10.24 8.98
C LYS A 56 -4.46 -8.83 8.57
N GLY A 57 -5.55 -8.75 7.82
CA GLY A 57 -6.07 -7.46 7.38
C GLY A 57 -4.97 -6.59 6.79
N CYS A 58 -4.02 -7.20 6.10
CA CYS A 58 -2.92 -6.47 5.49
C CYS A 58 -2.47 -7.15 4.20
N ALA A 59 -1.95 -6.35 3.26
CA ALA A 59 -1.48 -6.87 1.99
C ALA A 59 -0.53 -5.88 1.32
N PHE A 60 0.37 -6.41 0.50
CA PHE A 60 1.34 -5.58 -0.21
C PHE A 60 0.93 -5.40 -1.66
N VAL A 61 1.07 -4.17 -2.16
CA VAL A 61 0.72 -3.86 -3.53
C VAL A 61 1.87 -3.17 -4.26
N LYS A 62 2.02 -3.45 -5.55
CA LYS A 62 3.08 -2.86 -6.35
C LYS A 62 2.50 -2.15 -7.57
N TYR A 63 3.04 -0.98 -7.88
CA TYR A 63 2.58 -0.20 -9.03
C TYR A 63 3.69 0.00 -10.04
N SER A 64 3.36 0.57 -11.19
CA SER A 64 4.34 0.81 -12.24
C SER A 64 5.14 2.08 -11.96
N SER A 65 4.44 3.15 -11.61
CA SER A 65 5.09 4.42 -11.32
C SER A 65 4.55 5.03 -10.03
N HIS A 66 5.36 5.85 -9.38
CA HIS A 66 4.97 6.49 -8.13
C HIS A 66 3.63 7.22 -8.29
N ALA A 67 3.62 8.21 -9.19
CA ALA A 67 2.41 8.97 -9.44
C ALA A 67 1.16 8.11 -9.30
N GLU A 68 1.05 7.09 -10.14
CA GLU A 68 -0.10 6.19 -10.11
C GLU A 68 -0.39 5.73 -8.68
N ALA A 69 0.66 5.40 -7.94
CA ALA A 69 0.51 4.96 -6.56
C ALA A 69 -0.19 6.01 -5.72
N GLN A 70 0.35 7.22 -5.72
CA GLN A 70 -0.23 8.32 -4.94
C GLN A 70 -1.72 8.44 -5.22
N ALA A 71 -2.09 8.34 -6.49
CA ALA A 71 -3.48 8.44 -6.89
C ALA A 71 -4.34 7.41 -6.16
N ALA A 72 -3.99 6.14 -6.32
CA ALA A 72 -4.73 5.06 -5.68
C ALA A 72 -4.77 5.25 -4.16
N ILE A 73 -3.69 5.78 -3.60
CA ILE A 73 -3.61 6.03 -2.17
C ILE A 73 -4.70 6.97 -1.70
N ASN A 74 -4.54 8.26 -2.00
CA ASN A 74 -5.52 9.26 -1.61
C ASN A 74 -6.93 8.81 -1.96
N ALA A 75 -7.08 8.23 -3.14
CA ALA A 75 -8.39 7.76 -3.60
C ALA A 75 -8.99 6.77 -2.61
N LEU A 76 -8.15 5.85 -2.11
CA LEU A 76 -8.60 4.85 -1.16
C LEU A 76 -8.22 5.25 0.26
N HIS A 77 -6.92 5.22 0.56
CA HIS A 77 -6.43 5.58 1.88
C HIS A 77 -7.01 6.91 2.33
N GLY A 78 -7.53 6.94 3.56
CA GLY A 78 -8.11 8.15 4.10
C GLY A 78 -9.44 8.49 3.44
N SER A 79 -9.89 7.62 2.55
CA SER A 79 -11.16 7.84 1.85
C SER A 79 -12.30 7.11 2.56
N GLN A 80 -12.29 5.78 2.46
CA GLN A 80 -13.32 4.96 3.09
C GLN A 80 -12.82 4.36 4.39
N THR A 81 -13.70 3.67 5.09
CA THR A 81 -13.34 3.04 6.37
C THR A 81 -13.88 1.62 6.45
N MET A 82 -13.02 0.64 6.15
CA MET A 82 -13.41 -0.76 6.18
C MET A 82 -14.41 -1.01 7.31
N PRO A 83 -15.49 -1.75 6.98
CA PRO A 83 -16.54 -2.07 7.94
C PRO A 83 -15.98 -2.63 9.25
N GLY A 84 -16.25 -1.94 10.35
CA GLY A 84 -15.77 -2.38 11.65
C GLY A 84 -14.72 -1.44 12.22
N ALA A 85 -13.71 -1.13 11.42
CA ALA A 85 -12.64 -0.22 11.86
C ALA A 85 -13.14 1.22 11.94
N SER A 86 -12.51 2.01 12.80
CA SER A 86 -12.90 3.40 12.97
C SER A 86 -11.99 4.32 12.14
N SER A 87 -10.82 3.80 11.77
CA SER A 87 -9.87 4.56 10.98
C SER A 87 -9.95 4.19 9.50
N SER A 88 -9.96 5.21 8.65
CA SER A 88 -10.04 4.99 7.21
C SER A 88 -8.89 4.11 6.72
N LEU A 89 -9.14 3.37 5.64
CA LEU A 89 -8.13 2.47 5.08
C LEU A 89 -6.74 3.10 5.21
N VAL A 90 -5.75 2.26 5.49
CA VAL A 90 -4.38 2.72 5.64
C VAL A 90 -3.48 2.13 4.54
N VAL A 91 -3.06 2.98 3.62
CA VAL A 91 -2.19 2.56 2.52
C VAL A 91 -1.01 3.50 2.36
N LYS A 92 0.16 3.03 2.77
CA LYS A 92 1.38 3.83 2.66
C LYS A 92 2.43 3.12 1.81
N PHE A 93 3.59 3.74 1.67
CA PHE A 93 4.68 3.17 0.89
C PHE A 93 5.49 2.18 1.73
N ALA A 94 5.33 0.89 1.43
CA ALA A 94 6.04 -0.15 2.16
C ALA A 94 7.50 0.24 2.39
N ASP A 95 7.87 0.38 3.66
CA ASP A 95 9.25 0.74 4.01
C ASP A 95 10.04 -0.48 4.45
N THR A 96 11.21 -0.67 3.84
CA THR A 96 12.07 -1.80 4.17
C THR A 96 13.51 -1.36 4.37
N ASP A 97 14.35 -2.27 4.87
CA ASP A 97 15.75 -1.97 5.11
C ASP A 97 16.57 -3.26 5.17
N LYS A 98 17.53 -3.38 4.25
CA LYS A 98 18.38 -4.56 4.21
C LYS A 98 19.45 -4.52 5.31
N GLU A 99 19.97 -5.69 5.66
CA GLU A 99 20.98 -5.77 6.71
C GLU A 99 22.20 -4.92 6.35
N SER A 100 22.79 -5.18 5.19
CA SER A 100 23.96 -4.43 4.74
C SER A 100 23.57 -3.03 4.29
N GLY A 101 23.40 -2.14 5.26
CA GLY A 101 23.03 -0.76 4.94
C GLY A 101 24.13 -0.02 4.22
N PRO A 102 23.97 1.31 4.09
CA PRO A 102 24.94 2.17 3.41
C PRO A 102 26.17 2.44 4.28
N SER A 103 27.31 1.87 3.89
CA SER A 103 28.54 2.07 4.64
C SER A 103 29.06 3.49 4.48
N SER A 104 28.81 4.32 5.49
CA SER A 104 29.24 5.71 5.48
C SER A 104 30.75 5.81 5.68
N GLY A 105 31.42 6.53 4.79
CA GLY A 105 32.85 6.69 4.88
C GLY A 105 33.35 7.93 4.16
N GLY A 1 -6.76 21.80 5.68
CA GLY A 1 -6.28 20.98 4.58
C GLY A 1 -5.25 21.70 3.73
N SER A 2 -4.20 20.98 3.34
CA SER A 2 -3.14 21.55 2.52
C SER A 2 -3.13 20.92 1.13
N SER A 3 -3.44 21.74 0.12
CA SER A 3 -3.47 21.27 -1.26
C SER A 3 -2.14 21.55 -1.96
N GLY A 4 -1.41 20.50 -2.28
CA GLY A 4 -0.13 20.65 -2.96
C GLY A 4 0.89 19.62 -2.51
N SER A 5 0.94 18.50 -3.22
CA SER A 5 1.88 17.44 -2.89
C SER A 5 3.07 17.43 -3.84
N SER A 6 4.23 17.82 -3.34
CA SER A 6 5.44 17.88 -4.16
C SER A 6 6.42 16.79 -3.73
N GLY A 7 7.32 16.42 -4.64
CA GLY A 7 8.30 15.40 -4.33
C GLY A 7 9.31 15.21 -5.46
N CYS A 8 10.09 14.15 -5.37
CA CYS A 8 11.10 13.86 -6.39
C CYS A 8 10.45 13.45 -7.71
N LEU A 9 10.17 14.42 -8.56
CA LEU A 9 9.54 14.16 -9.85
C LEU A 9 10.55 13.59 -10.83
N ARG A 10 11.75 14.16 -10.86
CA ARG A 10 12.80 13.70 -11.75
C ARG A 10 12.74 12.19 -11.94
N GLN A 11 12.45 11.48 -10.86
CA GLN A 11 12.35 10.02 -10.90
C GLN A 11 11.82 9.47 -9.59
N PRO A 12 11.01 8.40 -9.68
CA PRO A 12 10.41 7.76 -8.50
C PRO A 12 11.40 6.85 -7.77
N PRO A 13 11.25 6.76 -6.44
CA PRO A 13 12.13 5.94 -5.60
C PRO A 13 12.33 4.54 -6.17
N SER A 14 13.36 3.86 -5.70
CA SER A 14 13.67 2.51 -6.17
C SER A 14 12.51 1.57 -5.88
N HIS A 15 12.28 1.29 -4.60
CA HIS A 15 11.20 0.40 -4.18
C HIS A 15 9.84 1.08 -4.37
N ARG A 16 9.02 0.50 -5.24
CA ARG A 16 7.69 1.04 -5.51
C ARG A 16 6.60 0.16 -4.87
N LYS A 17 6.84 -0.27 -3.64
CA LYS A 17 5.89 -1.11 -2.92
C LYS A 17 4.96 -0.26 -2.07
N LEU A 18 3.83 -0.83 -1.69
CA LEU A 18 2.85 -0.14 -0.87
C LEU A 18 2.36 -1.03 0.27
N PHE A 19 2.39 -0.48 1.49
CA PHE A 19 1.95 -1.23 2.67
C PHE A 19 0.52 -0.87 3.03
N VAL A 20 -0.37 -1.86 2.95
CA VAL A 20 -1.77 -1.64 3.27
C VAL A 20 -2.15 -2.36 4.57
N GLY A 21 -2.90 -1.66 5.43
CA GLY A 21 -3.32 -2.25 6.68
C GLY A 21 -4.78 -2.00 6.98
N MET A 22 -5.14 -2.05 8.26
CA MET A 22 -6.52 -1.84 8.68
C MET A 22 -7.49 -2.49 7.69
N LEU A 23 -7.08 -3.61 7.12
CA LEU A 23 -7.91 -4.33 6.17
C LEU A 23 -8.89 -5.27 6.89
N ASN A 24 -9.84 -5.81 6.14
CA ASN A 24 -10.83 -6.72 6.71
C ASN A 24 -10.51 -8.17 6.34
N LYS A 25 -11.13 -9.10 7.06
CA LYS A 25 -10.91 -10.52 6.82
C LYS A 25 -12.03 -11.10 5.96
N GLN A 26 -12.69 -10.24 5.19
CA GLN A 26 -13.78 -10.67 4.33
C GLN A 26 -13.37 -10.57 2.86
N GLN A 27 -12.78 -9.44 2.49
CA GLN A 27 -12.33 -9.21 1.12
C GLN A 27 -11.22 -10.19 0.75
N SER A 28 -10.84 -10.19 -0.54
CA SER A 28 -9.79 -11.07 -1.03
C SER A 28 -8.91 -10.35 -2.03
N GLU A 29 -7.93 -11.07 -2.58
CA GLU A 29 -7.01 -10.49 -3.56
C GLU A 29 -7.77 -9.95 -4.77
N ASP A 30 -8.82 -10.66 -5.17
CA ASP A 30 -9.63 -10.25 -6.31
C ASP A 30 -10.24 -8.87 -6.08
N ASP A 31 -10.88 -8.71 -4.94
CA ASP A 31 -11.52 -7.44 -4.59
C ASP A 31 -10.49 -6.31 -4.58
N VAL A 32 -9.45 -6.47 -3.78
CA VAL A 32 -8.40 -5.46 -3.67
C VAL A 32 -7.68 -5.28 -5.01
N ARG A 33 -7.65 -6.35 -5.81
CA ARG A 33 -6.99 -6.30 -7.11
C ARG A 33 -7.68 -5.31 -8.03
N ARG A 34 -8.98 -5.50 -8.24
CA ARG A 34 -9.75 -4.62 -9.10
C ARG A 34 -9.76 -3.19 -8.56
N LEU A 35 -10.18 -3.05 -7.31
CA LEU A 35 -10.24 -1.74 -6.67
C LEU A 35 -8.98 -0.92 -6.97
N PHE A 36 -7.85 -1.40 -6.48
CA PHE A 36 -6.57 -0.72 -6.70
C PHE A 36 -6.38 -0.41 -8.18
N GLU A 37 -6.16 -1.46 -8.97
CA GLU A 37 -5.95 -1.30 -10.41
C GLU A 37 -6.98 -0.35 -11.00
N ALA A 38 -8.14 -0.27 -10.36
CA ALA A 38 -9.21 0.60 -10.84
C ALA A 38 -8.69 2.00 -11.12
N PHE A 39 -7.54 2.33 -10.54
CA PHE A 39 -6.93 3.64 -10.73
C PHE A 39 -5.63 3.54 -11.51
N GLY A 40 -4.58 3.05 -10.84
CA GLY A 40 -3.29 2.91 -11.49
C GLY A 40 -2.94 1.46 -11.77
N ASN A 41 -2.15 1.23 -12.81
CA ASN A 41 -1.75 -0.12 -13.18
C ASN A 41 -0.93 -0.77 -12.07
N ILE A 42 -1.28 -2.00 -11.74
CA ILE A 42 -0.58 -2.74 -10.69
C ILE A 42 0.56 -3.57 -11.27
N GLU A 43 1.68 -3.59 -10.57
CA GLU A 43 2.85 -4.35 -11.01
C GLU A 43 2.96 -5.67 -10.25
N GLU A 44 2.49 -5.67 -9.01
CA GLU A 44 2.53 -6.87 -8.18
C GLU A 44 1.61 -6.74 -6.97
N CYS A 45 0.95 -7.83 -6.60
CA CYS A 45 0.03 -7.82 -5.47
C CYS A 45 0.22 -9.08 -4.62
N THR A 46 0.20 -8.91 -3.31
CA THR A 46 0.37 -10.02 -2.38
C THR A 46 -0.36 -9.77 -1.07
N ILE A 47 -1.11 -10.77 -0.61
CA ILE A 47 -1.85 -10.65 0.64
C ILE A 47 -1.11 -11.30 1.79
N LEU A 48 -1.19 -10.70 2.97
CA LEU A 48 -0.53 -11.22 4.16
C LEU A 48 -1.47 -12.08 4.99
N ARG A 49 -1.07 -13.31 5.27
CA ARG A 49 -1.89 -14.23 6.06
C ARG A 49 -1.07 -14.85 7.18
N GLY A 50 -1.42 -14.52 8.42
CA GLY A 50 -0.71 -15.07 9.56
C GLY A 50 -0.46 -16.55 9.44
N PRO A 51 0.57 -17.05 10.14
CA PRO A 51 0.93 -18.47 10.12
C PRO A 51 -0.29 -19.38 10.27
N ASP A 52 -1.21 -18.99 11.14
CA ASP A 52 -2.42 -19.76 11.38
C ASP A 52 -3.19 -19.98 10.08
N GLY A 53 -3.32 -18.91 9.29
CA GLY A 53 -4.04 -19.00 8.04
C GLY A 53 -4.89 -17.78 7.77
N ASN A 54 -5.60 -17.32 8.79
CA ASN A 54 -6.46 -16.14 8.66
C ASN A 54 -5.65 -14.92 8.28
N SER A 55 -6.28 -14.02 7.51
CA SER A 55 -5.62 -12.81 7.06
C SER A 55 -5.36 -11.86 8.23
N LYS A 56 -4.20 -11.21 8.22
CA LYS A 56 -3.84 -10.28 9.28
C LYS A 56 -4.21 -8.85 8.91
N GLY A 57 -5.35 -8.70 8.25
CA GLY A 57 -5.80 -7.38 7.84
C GLY A 57 -4.69 -6.53 7.27
N CYS A 58 -3.83 -7.15 6.46
CA CYS A 58 -2.72 -6.45 5.85
C CYS A 58 -2.35 -7.07 4.50
N ALA A 59 -1.82 -6.25 3.61
CA ALA A 59 -1.42 -6.71 2.28
C ALA A 59 -0.44 -5.75 1.63
N PHE A 60 0.43 -6.30 0.76
CA PHE A 60 1.43 -5.49 0.08
C PHE A 60 1.08 -5.34 -1.40
N VAL A 61 0.83 -4.10 -1.81
CA VAL A 61 0.50 -3.81 -3.20
C VAL A 61 1.63 -3.06 -3.90
N LYS A 62 1.78 -3.32 -5.19
CA LYS A 62 2.83 -2.66 -5.97
C LYS A 62 2.23 -2.01 -7.22
N TYR A 63 2.98 -1.07 -7.79
CA TYR A 63 2.53 -0.36 -8.99
C TYR A 63 3.68 -0.20 -9.99
N SER A 64 3.33 0.14 -11.22
CA SER A 64 4.33 0.33 -12.27
C SER A 64 5.11 1.61 -12.04
N SER A 65 4.43 2.66 -11.60
CA SER A 65 5.07 3.94 -11.34
C SER A 65 4.58 4.53 -10.02
N HIS A 66 5.21 5.63 -9.60
CA HIS A 66 4.85 6.29 -8.36
C HIS A 66 3.48 6.97 -8.48
N ALA A 67 3.36 7.86 -9.46
CA ALA A 67 2.12 8.57 -9.70
C ALA A 67 0.91 7.66 -9.43
N GLU A 68 0.81 6.59 -10.20
CA GLU A 68 -0.30 5.65 -10.05
C GLU A 68 -0.51 5.29 -8.58
N ALA A 69 0.57 4.89 -7.91
CA ALA A 69 0.50 4.53 -6.50
C ALA A 69 -0.19 5.61 -5.68
N GLN A 70 0.35 6.82 -5.74
CA GLN A 70 -0.23 7.94 -4.99
C GLN A 70 -1.73 8.01 -5.20
N ALA A 71 -2.15 8.35 -6.42
CA ALA A 71 -3.56 8.45 -6.74
C ALA A 71 -4.37 7.39 -6.02
N ALA A 72 -3.94 6.13 -6.16
CA ALA A 72 -4.63 5.02 -5.51
C ALA A 72 -4.66 5.19 -3.99
N ILE A 73 -3.53 5.60 -3.43
CA ILE A 73 -3.42 5.81 -1.99
C ILE A 73 -4.48 6.79 -1.50
N ASN A 74 -4.32 8.06 -1.86
CA ASN A 74 -5.26 9.09 -1.45
C ASN A 74 -6.69 8.72 -1.85
N ALA A 75 -6.83 8.15 -3.04
CA ALA A 75 -8.15 7.74 -3.54
C ALA A 75 -8.83 6.79 -2.56
N LEU A 76 -8.03 5.96 -1.90
CA LEU A 76 -8.56 5.00 -0.94
C LEU A 76 -8.12 5.35 0.48
N HIS A 77 -6.84 5.17 0.77
CA HIS A 77 -6.31 5.47 2.09
C HIS A 77 -6.83 6.82 2.60
N GLY A 78 -7.41 6.80 3.79
CA GLY A 78 -7.94 8.02 4.37
C GLY A 78 -9.33 8.34 3.87
N SER A 79 -9.63 7.89 2.65
CA SER A 79 -10.93 8.14 2.05
C SER A 79 -11.91 7.01 2.38
N GLN A 80 -11.63 5.82 1.84
CA GLN A 80 -12.48 4.66 2.08
C GLN A 80 -12.13 3.99 3.40
N THR A 81 -13.14 3.49 4.10
CA THR A 81 -12.94 2.82 5.38
C THR A 81 -13.43 1.38 5.34
N MET A 82 -12.51 0.44 5.16
CA MET A 82 -12.85 -0.96 5.10
C MET A 82 -13.97 -1.30 6.08
N PRO A 83 -14.98 -2.03 5.60
CA PRO A 83 -16.13 -2.44 6.42
C PRO A 83 -15.71 -3.03 7.75
N GLY A 84 -16.18 -2.42 8.85
CA GLY A 84 -15.84 -2.91 10.16
C GLY A 84 -14.97 -1.93 10.94
N ALA A 85 -13.87 -1.51 10.32
CA ALA A 85 -12.95 -0.57 10.95
C ALA A 85 -13.58 0.81 11.09
N SER A 86 -13.17 1.54 12.12
CA SER A 86 -13.70 2.88 12.36
C SER A 86 -12.78 3.94 11.77
N SER A 87 -11.54 3.56 11.49
CA SER A 87 -10.56 4.48 10.93
C SER A 87 -10.43 4.28 9.42
N SER A 88 -10.16 5.36 8.72
CA SER A 88 -10.01 5.31 7.26
C SER A 88 -8.88 4.35 6.87
N LEU A 89 -8.96 3.83 5.65
CA LEU A 89 -7.94 2.90 5.15
C LEU A 89 -6.54 3.46 5.38
N VAL A 90 -5.56 2.57 5.43
CA VAL A 90 -4.18 2.96 5.64
C VAL A 90 -3.27 2.37 4.58
N VAL A 91 -2.79 3.21 3.67
CA VAL A 91 -1.91 2.78 2.60
C VAL A 91 -0.73 3.73 2.43
N LYS A 92 0.43 3.32 2.96
CA LYS A 92 1.64 4.14 2.86
C LYS A 92 2.74 3.41 2.10
N PHE A 93 3.80 4.12 1.78
CA PHE A 93 4.92 3.53 1.06
C PHE A 93 5.71 2.57 1.94
N ALA A 94 5.51 1.28 1.71
CA ALA A 94 6.20 0.25 2.49
C ALA A 94 7.70 0.51 2.54
N ASP A 95 8.30 0.28 3.70
CA ASP A 95 9.73 0.50 3.88
C ASP A 95 10.45 -0.83 4.15
N THR A 96 11.28 -1.24 3.20
CA THR A 96 12.02 -2.50 3.34
C THR A 96 13.16 -2.35 4.34
N ASP A 97 13.60 -1.12 4.55
CA ASP A 97 14.69 -0.85 5.49
C ASP A 97 14.37 0.39 6.33
N LYS A 98 15.17 0.61 7.38
CA LYS A 98 14.98 1.76 8.26
C LYS A 98 16.31 2.46 8.52
N GLU A 99 16.24 3.68 9.03
CA GLU A 99 17.43 4.46 9.32
C GLU A 99 17.46 4.88 10.79
N SER A 100 18.60 4.64 11.45
CA SER A 100 18.75 4.99 12.85
C SER A 100 20.22 4.90 13.27
N GLY A 101 20.73 5.97 13.87
CA GLY A 101 22.10 6.00 14.31
C GLY A 101 22.23 6.33 15.78
N PRO A 102 22.29 5.28 16.62
CA PRO A 102 22.42 5.44 18.07
C PRO A 102 23.84 5.80 18.49
N SER A 103 23.98 6.27 19.73
CA SER A 103 25.29 6.66 20.25
C SER A 103 25.23 6.84 21.77
N SER A 104 26.35 6.57 22.43
CA SER A 104 26.43 6.70 23.88
C SER A 104 25.57 7.86 24.36
N GLY A 105 25.73 9.02 23.72
CA GLY A 105 24.96 10.19 24.10
C GLY A 105 23.53 10.15 23.60
N GLY A 1 -11.47 20.39 12.61
CA GLY A 1 -11.96 19.89 11.33
C GLY A 1 -11.38 20.64 10.16
N SER A 2 -11.49 21.97 10.19
CA SER A 2 -10.98 22.81 9.12
C SER A 2 -9.68 23.50 9.53
N SER A 3 -9.69 24.11 10.71
CA SER A 3 -8.52 24.81 11.23
C SER A 3 -7.53 23.82 11.86
N GLY A 4 -6.47 23.51 11.13
CA GLY A 4 -5.47 22.59 11.62
C GLY A 4 -5.02 21.61 10.57
N SER A 5 -4.53 22.12 9.45
CA SER A 5 -4.06 21.29 8.35
C SER A 5 -2.57 21.00 8.48
N SER A 6 -2.13 20.71 9.71
CA SER A 6 -0.73 20.42 9.97
C SER A 6 -0.39 18.98 9.57
N GLY A 7 0.75 18.83 8.90
CA GLY A 7 1.17 17.51 8.47
C GLY A 7 2.60 17.49 7.96
N CYS A 8 3.32 16.41 8.24
CA CYS A 8 4.70 16.28 7.81
C CYS A 8 4.87 15.08 6.88
N LEU A 9 5.73 15.23 5.89
CA LEU A 9 5.99 14.15 4.93
C LEU A 9 7.45 13.70 4.99
N ARG A 10 7.65 12.39 4.87
CA ARG A 10 9.00 11.83 4.92
C ARG A 10 9.47 11.44 3.52
N GLN A 11 10.79 11.27 3.38
CA GLN A 11 11.36 10.89 2.10
C GLN A 11 10.91 9.50 1.67
N PRO A 12 10.65 9.33 0.37
CA PRO A 12 10.20 8.05 -0.19
C PRO A 12 11.35 7.07 -0.37
N PRO A 13 11.33 5.98 0.42
CA PRO A 13 12.36 4.94 0.36
C PRO A 13 12.69 4.53 -1.06
N SER A 14 13.72 3.71 -1.21
CA SER A 14 14.16 3.24 -2.52
C SER A 14 13.50 1.90 -2.87
N HIS A 15 12.23 1.78 -2.54
CA HIS A 15 11.49 0.54 -2.83
C HIS A 15 10.06 0.85 -3.27
N ARG A 16 9.74 0.45 -4.49
CA ARG A 16 8.40 0.69 -5.04
C ARG A 16 7.40 -0.32 -4.50
N LYS A 17 6.96 -0.11 -3.26
CA LYS A 17 6.00 -1.00 -2.61
C LYS A 17 4.99 -0.21 -1.81
N LEU A 18 3.82 -0.80 -1.59
CA LEU A 18 2.76 -0.16 -0.83
C LEU A 18 2.21 -1.09 0.25
N PHE A 19 2.23 -0.61 1.49
CA PHE A 19 1.74 -1.40 2.61
C PHE A 19 0.29 -1.03 2.94
N VAL A 20 -0.61 -1.98 2.74
CA VAL A 20 -2.03 -1.76 3.02
C VAL A 20 -2.45 -2.47 4.31
N GLY A 21 -3.08 -1.72 5.20
CA GLY A 21 -3.52 -2.28 6.46
C GLY A 21 -4.99 -1.98 6.75
N MET A 22 -5.34 -1.97 8.03
CA MET A 22 -6.72 -1.69 8.43
C MET A 22 -7.71 -2.26 7.42
N LEU A 23 -7.36 -3.40 6.82
CA LEU A 23 -8.20 -4.04 5.84
C LEU A 23 -9.27 -4.89 6.51
N ASN A 24 -10.18 -5.45 5.71
CA ASN A 24 -11.25 -6.29 6.23
C ASN A 24 -10.97 -7.76 5.95
N LYS A 25 -11.46 -8.63 6.83
CA LYS A 25 -11.28 -10.07 6.67
C LYS A 25 -12.35 -10.67 5.77
N GLN A 26 -12.80 -9.88 4.80
CA GLN A 26 -13.81 -10.33 3.87
C GLN A 26 -13.30 -10.30 2.42
N GLN A 27 -12.82 -9.13 2.01
CA GLN A 27 -12.29 -8.96 0.66
C GLN A 27 -11.19 -9.97 0.37
N SER A 28 -10.97 -10.26 -0.90
CA SER A 28 -9.94 -11.20 -1.31
C SER A 28 -9.01 -10.59 -2.36
N GLU A 29 -8.07 -11.40 -2.84
CA GLU A 29 -7.12 -10.93 -3.85
C GLU A 29 -7.85 -10.28 -5.03
N ASP A 30 -8.95 -10.89 -5.45
CA ASP A 30 -9.74 -10.38 -6.56
C ASP A 30 -10.20 -8.96 -6.28
N ASP A 31 -10.96 -8.79 -5.20
CA ASP A 31 -11.47 -7.47 -4.82
C ASP A 31 -10.35 -6.43 -4.85
N VAL A 32 -9.33 -6.64 -4.03
CA VAL A 32 -8.21 -5.72 -3.95
C VAL A 32 -7.58 -5.51 -5.32
N ARG A 33 -7.38 -6.60 -6.04
CA ARG A 33 -6.78 -6.54 -7.38
C ARG A 33 -7.51 -5.53 -8.25
N ARG A 34 -8.81 -5.74 -8.43
CA ARG A 34 -9.63 -4.84 -9.25
C ARG A 34 -9.65 -3.44 -8.65
N LEU A 35 -10.03 -3.35 -7.39
CA LEU A 35 -10.11 -2.06 -6.70
C LEU A 35 -8.87 -1.22 -6.99
N PHE A 36 -7.72 -1.69 -6.54
CA PHE A 36 -6.46 -0.98 -6.76
C PHE A 36 -6.29 -0.61 -8.22
N GLU A 37 -6.10 -1.63 -9.06
CA GLU A 37 -5.92 -1.41 -10.49
C GLU A 37 -6.98 -0.46 -11.04
N ALA A 38 -8.11 -0.37 -10.34
CA ALA A 38 -9.20 0.50 -10.75
C ALA A 38 -8.71 1.94 -10.94
N PHE A 39 -7.52 2.22 -10.42
CA PHE A 39 -6.95 3.56 -10.53
C PHE A 39 -5.58 3.51 -11.23
N GLY A 40 -4.60 2.93 -10.54
CA GLY A 40 -3.26 2.83 -11.10
C GLY A 40 -2.86 1.39 -11.38
N ASN A 41 -2.06 1.20 -12.42
CA ASN A 41 -1.60 -0.13 -12.79
C ASN A 41 -0.90 -0.82 -11.62
N ILE A 42 -0.93 -2.15 -11.63
CA ILE A 42 -0.30 -2.93 -10.56
C ILE A 42 0.82 -3.81 -11.11
N GLU A 43 1.80 -4.08 -10.26
CA GLU A 43 2.94 -4.92 -10.67
C GLU A 43 2.88 -6.29 -9.98
N GLU A 44 2.49 -6.29 -8.71
CA GLU A 44 2.39 -7.52 -7.95
C GLU A 44 1.59 -7.31 -6.67
N CYS A 45 0.64 -8.21 -6.41
CA CYS A 45 -0.19 -8.11 -5.22
C CYS A 45 -0.06 -9.36 -4.36
N THR A 46 -0.01 -9.17 -3.05
CA THR A 46 0.12 -10.28 -2.12
C THR A 46 -0.59 -9.99 -0.80
N ILE A 47 -1.42 -10.93 -0.37
CA ILE A 47 -2.16 -10.78 0.88
C ILE A 47 -1.41 -11.40 2.06
N LEU A 48 -1.27 -10.64 3.13
CA LEU A 48 -0.58 -11.11 4.32
C LEU A 48 -1.56 -11.67 5.34
N ARG A 49 -1.53 -13.00 5.52
CA ARG A 49 -2.43 -13.65 6.46
C ARG A 49 -1.63 -14.52 7.43
N GLY A 50 -0.38 -14.14 7.66
CA GLY A 50 0.46 -14.89 8.59
C GLY A 50 0.69 -16.32 8.12
N PRO A 51 1.86 -16.88 8.47
CA PRO A 51 2.24 -18.23 8.10
C PRO A 51 1.11 -19.23 8.33
N ASP A 52 0.16 -18.86 9.19
CA ASP A 52 -0.98 -19.71 9.49
C ASP A 52 -2.01 -19.67 8.36
N GLY A 53 -2.25 -18.48 7.84
CA GLY A 53 -3.21 -18.32 6.76
C GLY A 53 -4.36 -17.42 7.14
N ASN A 54 -4.45 -17.07 8.42
CA ASN A 54 -5.52 -16.20 8.91
C ASN A 54 -5.23 -14.74 8.57
N SER A 55 -6.07 -14.16 7.71
CA SER A 55 -5.90 -12.78 7.30
C SER A 55 -5.80 -11.86 8.52
N LYS A 56 -4.86 -10.91 8.46
CA LYS A 56 -4.67 -9.96 9.55
C LYS A 56 -4.85 -8.53 9.07
N GLY A 57 -5.68 -8.35 8.05
CA GLY A 57 -5.91 -7.03 7.51
C GLY A 57 -4.63 -6.35 7.04
N CYS A 58 -3.82 -7.07 6.29
CA CYS A 58 -2.56 -6.54 5.79
C CYS A 58 -2.16 -7.21 4.48
N ALA A 59 -1.61 -6.42 3.56
CA ALA A 59 -1.19 -6.95 2.27
C ALA A 59 -0.21 -6.00 1.58
N PHE A 60 0.58 -6.53 0.66
CA PHE A 60 1.56 -5.73 -0.06
C PHE A 60 1.16 -5.57 -1.52
N VAL A 61 1.06 -4.33 -1.97
CA VAL A 61 0.70 -4.04 -3.35
C VAL A 61 1.77 -3.21 -4.06
N LYS A 62 2.04 -3.55 -5.32
CA LYS A 62 3.04 -2.84 -6.10
C LYS A 62 2.41 -2.14 -7.29
N TYR A 63 2.94 -0.97 -7.63
CA TYR A 63 2.42 -0.18 -8.75
C TYR A 63 3.49 0.01 -9.82
N SER A 64 3.10 0.62 -10.93
CA SER A 64 4.02 0.86 -12.03
C SER A 64 4.97 2.01 -11.70
N SER A 65 4.40 3.15 -11.30
CA SER A 65 5.19 4.32 -10.96
C SER A 65 4.66 4.98 -9.70
N HIS A 66 5.24 6.12 -9.34
CA HIS A 66 4.82 6.86 -8.14
C HIS A 66 3.46 7.51 -8.36
N ALA A 67 3.35 8.29 -9.43
CA ALA A 67 2.11 8.97 -9.75
C ALA A 67 0.90 8.07 -9.50
N GLU A 68 0.84 6.96 -10.24
CA GLU A 68 -0.26 6.02 -10.10
C GLU A 68 -0.53 5.70 -8.63
N ALA A 69 0.55 5.52 -7.87
CA ALA A 69 0.44 5.22 -6.45
C ALA A 69 -0.31 6.32 -5.71
N GLN A 70 0.18 7.54 -5.82
CA GLN A 70 -0.45 8.69 -5.16
C GLN A 70 -1.95 8.69 -5.41
N ALA A 71 -2.35 8.39 -6.63
CA ALA A 71 -3.77 8.37 -7.00
C ALA A 71 -4.52 7.32 -6.19
N ALA A 72 -4.01 6.09 -6.19
CA ALA A 72 -4.63 5.00 -5.45
C ALA A 72 -4.65 5.29 -3.96
N ILE A 73 -3.74 6.15 -3.51
CA ILE A 73 -3.67 6.52 -2.10
C ILE A 73 -4.84 7.41 -1.70
N ASN A 74 -4.81 8.66 -2.16
CA ASN A 74 -5.88 9.61 -1.86
C ASN A 74 -7.23 9.05 -2.25
N ALA A 75 -7.29 8.36 -3.38
CA ALA A 75 -8.53 7.76 -3.85
C ALA A 75 -9.12 6.80 -2.82
N LEU A 76 -8.28 5.88 -2.35
CA LEU A 76 -8.72 4.90 -1.36
C LEU A 76 -8.28 5.31 0.04
N HIS A 77 -6.97 5.29 0.27
CA HIS A 77 -6.42 5.66 1.58
C HIS A 77 -6.99 7.00 2.04
N GLY A 78 -7.42 7.05 3.30
CA GLY A 78 -7.98 8.26 3.85
C GLY A 78 -9.33 8.60 3.25
N SER A 79 -9.78 7.78 2.31
CA SER A 79 -11.07 8.00 1.65
C SER A 79 -12.16 7.16 2.31
N GLN A 80 -12.11 5.85 2.08
CA GLN A 80 -13.09 4.94 2.66
C GLN A 80 -12.54 4.25 3.90
N THR A 81 -13.43 3.60 4.66
CA THR A 81 -13.03 2.90 5.87
C THR A 81 -13.53 1.47 5.86
N MET A 82 -12.67 0.56 5.41
CA MET A 82 -13.04 -0.86 5.35
C MET A 82 -13.90 -1.25 6.54
N PRO A 83 -14.95 -2.03 6.28
CA PRO A 83 -15.88 -2.49 7.32
C PRO A 83 -15.15 -3.09 8.52
N GLY A 84 -15.62 -2.78 9.72
CA GLY A 84 -15.01 -3.29 10.92
C GLY A 84 -14.07 -2.28 11.58
N ALA A 85 -13.25 -1.63 10.77
CA ALA A 85 -12.30 -0.64 11.27
C ALA A 85 -12.95 0.73 11.37
N SER A 86 -12.61 1.48 12.41
CA SER A 86 -13.16 2.80 12.62
C SER A 86 -12.25 3.87 12.02
N SER A 87 -11.03 3.47 11.68
CA SER A 87 -10.05 4.39 11.10
C SER A 87 -10.00 4.24 9.59
N SER A 88 -9.81 5.36 8.89
CA SER A 88 -9.74 5.35 7.43
C SER A 88 -8.64 4.40 6.95
N LEU A 89 -8.86 3.80 5.78
CA LEU A 89 -7.89 2.87 5.21
C LEU A 89 -6.47 3.36 5.46
N VAL A 90 -5.51 2.42 5.40
CA VAL A 90 -4.11 2.75 5.62
C VAL A 90 -3.23 2.18 4.51
N VAL A 91 -2.76 3.05 3.62
CA VAL A 91 -1.91 2.63 2.51
C VAL A 91 -0.71 3.56 2.37
N LYS A 92 0.44 3.11 2.84
CA LYS A 92 1.66 3.89 2.76
C LYS A 92 2.81 3.06 2.20
N PHE A 93 3.68 3.70 1.43
CA PHE A 93 4.83 3.03 0.84
C PHE A 93 5.57 2.19 1.88
N ALA A 94 5.95 0.98 1.50
CA ALA A 94 6.68 0.10 2.41
C ALA A 94 8.15 0.46 2.47
N ASP A 95 8.81 0.06 3.54
CA ASP A 95 10.23 0.35 3.73
C ASP A 95 10.92 -0.77 4.50
N THR A 96 12.24 -0.67 4.64
CA THR A 96 13.01 -1.67 5.35
C THR A 96 12.46 -3.07 5.11
N ASP A 97 12.20 -3.39 3.84
CA ASP A 97 11.67 -4.69 3.47
C ASP A 97 12.58 -5.38 2.45
N LYS A 98 13.19 -6.48 2.85
CA LYS A 98 14.08 -7.23 1.97
C LYS A 98 13.31 -7.84 0.80
N GLU A 99 13.93 -7.86 -0.37
CA GLU A 99 13.29 -8.42 -1.56
C GLU A 99 14.00 -9.70 -2.01
N SER A 100 13.23 -10.77 -2.14
CA SER A 100 13.78 -12.06 -2.55
C SER A 100 14.39 -11.97 -3.95
N GLY A 101 15.51 -12.65 -4.15
CA GLY A 101 16.17 -12.63 -5.44
C GLY A 101 15.49 -13.51 -6.46
N PRO A 102 15.52 -13.08 -7.73
CA PRO A 102 14.89 -13.83 -8.83
C PRO A 102 15.22 -15.31 -8.80
N SER A 103 14.27 -16.14 -9.18
CA SER A 103 14.45 -17.58 -9.19
C SER A 103 13.38 -18.27 -10.01
N SER A 104 13.78 -18.84 -11.15
CA SER A 104 12.84 -19.52 -12.03
C SER A 104 13.43 -20.85 -12.51
N GLY A 105 12.60 -21.89 -12.52
CA GLY A 105 13.06 -23.19 -12.96
C GLY A 105 13.14 -23.30 -14.48
#